data_2K14
#
_entry.id   2K14
#
_entity_poly.entity_id   1
_entity_poly.type   'polypeptide(L)'
_entity_poly.pdbx_seq_one_letter_code
;GSHMLESSAEESLAYREDDLRGRLGKVITAVPVDGFGEVVIEGIGGTISKSAVSFDNQQISYGTTVLVVDINNGVLSVTP
HEPI
;
_entity_poly.pdbx_strand_id   A
#
# COMPACT_ATOMS: atom_id res chain seq x y z
N GLY A 1 -6.10 23.08 -21.91
CA GLY A 1 -6.29 22.84 -20.48
C GLY A 1 -6.40 21.35 -20.09
N SER A 2 -6.36 20.44 -21.05
CA SER A 2 -6.48 18.98 -20.84
C SER A 2 -5.44 18.42 -19.86
N HIS A 3 -4.21 18.95 -19.86
CA HIS A 3 -3.15 18.56 -18.91
C HIS A 3 -3.52 18.83 -17.44
N MET A 4 -4.29 19.90 -17.16
CA MET A 4 -4.81 20.20 -15.81
C MET A 4 -5.93 19.23 -15.41
N LEU A 5 -6.78 18.81 -16.36
CA LEU A 5 -7.82 17.81 -16.13
C LEU A 5 -7.21 16.41 -15.86
N GLU A 6 -6.17 16.03 -16.60
CA GLU A 6 -5.38 14.82 -16.35
C GLU A 6 -4.68 14.87 -14.98
N SER A 7 -4.07 16.00 -14.63
CA SER A 7 -3.49 16.21 -13.29
C SER A 7 -4.53 16.08 -12.18
N SER A 8 -5.73 16.63 -12.38
CA SER A 8 -6.85 16.53 -11.43
C SER A 8 -7.34 15.08 -11.27
N ALA A 9 -7.39 14.30 -12.35
CA ALA A 9 -7.71 12.87 -12.31
C ALA A 9 -6.64 12.04 -11.58
N GLU A 10 -5.36 12.32 -11.81
CA GLU A 10 -4.24 11.68 -11.09
C GLU A 10 -4.22 12.03 -9.59
N GLU A 11 -4.50 13.28 -9.22
CA GLU A 11 -4.65 13.70 -7.83
C GLU A 11 -5.89 13.08 -7.16
N SER A 12 -6.98 12.89 -7.90
CA SER A 12 -8.17 12.16 -7.43
C SER A 12 -7.87 10.68 -7.19
N LEU A 13 -7.05 10.05 -8.05
CA LEU A 13 -6.60 8.67 -7.85
C LEU A 13 -5.65 8.55 -6.65
N ALA A 14 -4.77 9.52 -6.43
CA ALA A 14 -3.94 9.59 -5.23
C ALA A 14 -4.79 9.73 -3.95
N TYR A 15 -5.89 10.48 -3.98
CA TYR A 15 -6.86 10.55 -2.88
C TYR A 15 -7.61 9.21 -2.66
N ARG A 16 -8.02 8.53 -3.74
CA ARG A 16 -8.61 7.18 -3.68
C ARG A 16 -7.65 6.15 -3.09
N GLU A 17 -6.37 6.23 -3.42
CA GLU A 17 -5.30 5.42 -2.80
C GLU A 17 -5.09 5.78 -1.32
N ASP A 18 -5.08 7.06 -0.95
CA ASP A 18 -4.96 7.48 0.45
C ASP A 18 -6.17 7.04 1.32
N ASP A 19 -7.35 6.84 0.75
CA ASP A 19 -8.48 6.21 1.45
C ASP A 19 -8.18 4.78 1.91
N LEU A 20 -7.32 4.04 1.19
CA LEU A 20 -6.87 2.69 1.57
C LEU A 20 -6.03 2.66 2.86
N ARG A 21 -5.53 3.82 3.33
CA ARG A 21 -4.80 3.96 4.61
C ARG A 21 -5.59 3.45 5.83
N GLY A 22 -6.93 3.46 5.75
CA GLY A 22 -7.82 2.94 6.80
C GLY A 22 -8.09 1.42 6.73
N ARG A 23 -7.31 0.66 5.95
CA ARG A 23 -7.52 -0.78 5.69
C ARG A 23 -6.26 -1.62 5.89
N LEU A 24 -6.48 -2.92 6.10
CA LEU A 24 -5.43 -3.94 6.11
C LEU A 24 -5.06 -4.36 4.67
N GLY A 25 -3.87 -4.92 4.53
CA GLY A 25 -3.32 -5.51 3.32
C GLY A 25 -2.55 -6.79 3.55
N LYS A 26 -1.93 -7.32 2.50
CA LYS A 26 -1.30 -8.64 2.40
C LYS A 26 -0.06 -8.56 1.50
N VAL A 27 1.10 -8.78 2.08
CA VAL A 27 2.41 -8.71 1.39
C VAL A 27 2.62 -9.93 0.49
N ILE A 28 3.07 -9.70 -0.75
CA ILE A 28 3.36 -10.74 -1.76
C ILE A 28 4.81 -10.72 -2.31
N THR A 29 5.57 -9.66 -2.01
CA THR A 29 7.01 -9.57 -2.26
C THR A 29 7.62 -8.92 -1.02
N ALA A 30 8.65 -9.57 -0.46
CA ALA A 30 9.22 -9.23 0.86
C ALA A 30 9.67 -7.76 0.98
N VAL A 31 9.45 -7.20 2.17
CA VAL A 31 9.72 -5.81 2.54
C VAL A 31 10.67 -5.81 3.74
N PRO A 32 12.00 -5.75 3.57
CA PRO A 32 12.93 -5.77 4.69
C PRO A 32 12.95 -4.44 5.46
N VAL A 33 13.67 -4.39 6.58
CA VAL A 33 13.67 -3.28 7.57
C VAL A 33 14.02 -1.89 7.02
N ASP A 34 14.58 -1.81 5.82
CA ASP A 34 15.03 -0.59 5.14
C ASP A 34 14.85 -0.66 3.60
N GLY A 35 13.92 -1.51 3.13
CA GLY A 35 13.77 -1.87 1.71
C GLY A 35 12.33 -1.82 1.19
N PHE A 36 12.13 -2.36 -0.01
CA PHE A 36 10.89 -2.30 -0.79
C PHE A 36 10.44 -3.69 -1.25
N GLY A 37 9.13 -3.90 -1.29
CA GLY A 37 8.44 -5.09 -1.82
C GLY A 37 7.06 -4.73 -2.36
N GLU A 38 6.07 -5.62 -2.22
CA GLU A 38 4.72 -5.45 -2.79
C GLU A 38 3.62 -5.94 -1.85
N VAL A 39 2.46 -5.31 -1.94
CA VAL A 39 1.27 -5.52 -1.10
C VAL A 39 -0.02 -5.38 -1.91
N VAL A 40 -1.11 -5.98 -1.43
CA VAL A 40 -2.50 -5.81 -1.91
C VAL A 40 -3.38 -5.49 -0.70
N ILE A 41 -4.45 -4.69 -0.85
CA ILE A 41 -5.44 -4.52 0.22
C ILE A 41 -6.25 -5.82 0.39
N GLU A 42 -6.77 -6.08 1.59
CA GLU A 42 -7.45 -7.33 1.97
C GLU A 42 -8.70 -7.67 1.13
N GLY A 43 -9.26 -6.71 0.39
CA GLY A 43 -10.31 -6.91 -0.63
C GLY A 43 -9.79 -7.54 -1.92
N ILE A 44 -8.97 -8.59 -1.82
CA ILE A 44 -8.19 -9.22 -2.91
C ILE A 44 -8.97 -9.55 -4.20
N GLY A 45 -10.29 -9.79 -4.12
CA GLY A 45 -11.18 -10.04 -5.26
C GLY A 45 -11.59 -8.79 -6.06
N GLY A 46 -11.24 -7.58 -5.60
CA GLY A 46 -11.64 -6.30 -6.20
C GLY A 46 -10.67 -5.14 -5.96
N THR A 47 -9.38 -5.44 -5.80
CA THR A 47 -8.29 -4.48 -5.53
C THR A 47 -7.03 -4.78 -6.38
N ILE A 48 -6.02 -3.92 -6.31
CA ILE A 48 -4.83 -3.92 -7.18
C ILE A 48 -3.56 -3.83 -6.31
N SER A 49 -2.53 -4.62 -6.64
CA SER A 49 -1.23 -4.61 -5.95
C SER A 49 -0.43 -3.31 -6.16
N LYS A 50 0.37 -2.93 -5.15
CA LYS A 50 1.20 -1.72 -5.12
C LYS A 50 2.54 -2.00 -4.44
N SER A 51 3.55 -1.16 -4.70
CA SER A 51 4.83 -1.22 -3.97
C SER A 51 4.65 -0.86 -2.50
N ALA A 52 5.50 -1.41 -1.64
CA ALA A 52 5.38 -1.30 -0.19
C ALA A 52 6.74 -1.11 0.52
N VAL A 53 6.74 -0.34 1.61
CA VAL A 53 7.89 -0.11 2.51
C VAL A 53 7.54 -0.34 3.97
N SER A 54 8.54 -0.69 4.79
CA SER A 54 8.42 -1.05 6.21
C SER A 54 8.40 0.19 7.13
N PHE A 55 7.21 0.71 7.44
CA PHE A 55 7.02 1.93 8.24
C PHE A 55 7.68 1.86 9.64
N ASP A 56 7.65 0.68 10.26
CA ASP A 56 8.14 0.43 11.62
C ASP A 56 9.54 -0.23 11.63
N ASN A 57 10.28 -0.16 10.51
CA ASN A 57 11.58 -0.81 10.30
C ASN A 57 11.57 -2.32 10.67
N GLN A 58 10.55 -3.04 10.20
CA GLN A 58 10.38 -4.49 10.39
C GLN A 58 10.62 -5.24 9.08
N GLN A 59 11.06 -6.50 9.16
CA GLN A 59 11.15 -7.40 8.00
C GLN A 59 9.78 -8.08 7.80
N ILE A 60 9.20 -7.95 6.60
CA ILE A 60 7.83 -8.36 6.27
C ILE A 60 7.86 -9.30 5.07
N SER A 61 7.94 -10.60 5.33
CA SER A 61 7.93 -11.67 4.31
C SER A 61 6.58 -11.81 3.59
N TYR A 62 6.58 -12.60 2.51
CA TYR A 62 5.36 -13.05 1.81
C TYR A 62 4.32 -13.66 2.76
N GLY A 63 3.03 -13.42 2.51
CA GLY A 63 1.92 -14.09 3.17
C GLY A 63 1.64 -13.66 4.63
N THR A 64 1.79 -12.38 4.95
CA THR A 64 1.39 -11.82 6.27
C THR A 64 0.48 -10.61 6.12
N THR A 65 -0.36 -10.36 7.13
CA THR A 65 -1.37 -9.30 7.13
C THR A 65 -0.80 -8.05 7.78
N VAL A 66 -0.91 -6.93 7.08
CA VAL A 66 -0.26 -5.65 7.40
C VAL A 66 -1.27 -4.51 7.44
N LEU A 67 -1.07 -3.53 8.32
CA LEU A 67 -1.84 -2.29 8.32
C LEU A 67 -1.09 -1.24 7.48
N VAL A 68 -1.77 -0.63 6.51
CA VAL A 68 -1.21 0.42 5.64
C VAL A 68 -1.19 1.77 6.36
N VAL A 69 -0.24 1.93 7.28
CA VAL A 69 -0.15 3.05 8.25
C VAL A 69 0.18 4.42 7.63
N ASP A 70 0.79 4.48 6.45
CA ASP A 70 0.97 5.70 5.66
C ASP A 70 0.95 5.36 4.16
N ILE A 71 0.80 6.35 3.28
CA ILE A 71 0.66 6.16 1.83
C ILE A 71 1.33 7.30 1.05
N ASN A 72 2.01 6.93 -0.03
CA ASN A 72 2.58 7.79 -1.06
C ASN A 72 2.24 7.18 -2.45
N ASN A 73 2.32 7.97 -3.52
CA ASN A 73 1.87 7.59 -4.87
C ASN A 73 2.43 6.23 -5.37
N GLY A 74 1.61 5.17 -5.27
CA GLY A 74 1.98 3.78 -5.60
C GLY A 74 3.01 3.12 -4.68
N VAL A 75 3.34 3.75 -3.54
CA VAL A 75 4.35 3.32 -2.55
C VAL A 75 3.74 3.45 -1.16
N LEU A 76 3.03 2.39 -0.75
CA LEU A 76 2.35 2.28 0.54
C LEU A 76 3.38 2.03 1.67
N SER A 77 3.12 2.54 2.86
CA SER A 77 3.94 2.30 4.06
C SER A 77 3.16 1.40 5.01
N VAL A 78 3.70 0.24 5.33
CA VAL A 78 2.97 -0.82 6.04
C VAL A 78 3.77 -1.40 7.22
N THR A 79 3.06 -2.10 8.11
CA THR A 79 3.63 -2.80 9.27
C THR A 79 2.76 -4.02 9.61
N PRO A 80 3.31 -5.18 10.03
CA PRO A 80 2.54 -6.41 10.26
C PRO A 80 1.64 -6.32 11.50
N HIS A 81 0.38 -5.95 11.29
CA HIS A 81 -0.67 -5.97 12.32
C HIS A 81 -1.03 -7.42 12.72
N GLU A 82 -1.02 -8.35 11.76
CA GLU A 82 -1.45 -9.75 11.89
C GLU A 82 -2.66 -9.98 12.84
N PRO A 83 -3.83 -9.35 12.58
CA PRO A 83 -5.03 -9.47 13.41
C PRO A 83 -5.66 -10.87 13.36
N ILE A 84 -6.50 -11.18 14.34
CA ILE A 84 -7.28 -12.42 14.42
C ILE A 84 -8.20 -12.65 13.20
N GLY A 1 -1.88 21.15 -22.71
CA GLY A 1 -2.31 20.95 -21.31
C GLY A 1 -2.51 19.48 -20.91
N SER A 2 -2.34 18.54 -21.85
CA SER A 2 -2.54 17.10 -21.62
C SER A 2 -1.72 16.53 -20.47
N HIS A 3 -0.46 16.96 -20.31
CA HIS A 3 0.41 16.55 -19.21
C HIS A 3 -0.15 16.97 -17.84
N MET A 4 -0.77 18.16 -17.74
CA MET A 4 -1.39 18.68 -16.52
C MET A 4 -2.70 17.95 -16.20
N LEU A 5 -3.48 17.58 -17.23
CA LEU A 5 -4.69 16.76 -17.08
C LEU A 5 -4.35 15.33 -16.60
N GLU A 6 -3.32 14.70 -17.16
CA GLU A 6 -2.82 13.39 -16.70
C GLU A 6 -2.23 13.46 -15.28
N SER A 7 -1.53 14.55 -14.93
CA SER A 7 -1.07 14.80 -13.55
C SER A 7 -2.24 14.95 -12.58
N SER A 8 -3.30 15.67 -12.97
CA SER A 8 -4.52 15.83 -12.17
C SER A 8 -5.27 14.50 -11.97
N ALA A 9 -5.31 13.65 -12.99
CA ALA A 9 -5.86 12.29 -12.89
C ALA A 9 -5.03 11.40 -11.95
N GLU A 10 -3.70 11.45 -12.02
CA GLU A 10 -2.81 10.73 -11.10
C GLU A 10 -2.95 11.22 -9.65
N GLU A 11 -3.05 12.53 -9.42
CA GLU A 11 -3.32 13.10 -8.10
C GLU A 11 -4.71 12.72 -7.56
N SER A 12 -5.72 12.61 -8.42
CA SER A 12 -7.05 12.10 -8.04
C SER A 12 -7.00 10.63 -7.66
N LEU A 13 -6.20 9.81 -8.35
CA LEU A 13 -5.96 8.40 -8.00
C LEU A 13 -5.18 8.29 -6.69
N ALA A 14 -4.19 9.15 -6.44
CA ALA A 14 -3.47 9.22 -5.16
C ALA A 14 -4.41 9.60 -3.99
N TYR A 15 -5.38 10.50 -4.21
CA TYR A 15 -6.41 10.82 -3.23
C TYR A 15 -7.34 9.63 -2.91
N ARG A 16 -7.70 8.81 -3.92
CA ARG A 16 -8.40 7.52 -3.71
C ARG A 16 -7.54 6.51 -2.98
N GLU A 17 -6.26 6.42 -3.32
CA GLU A 17 -5.28 5.56 -2.64
C GLU A 17 -5.11 5.94 -1.16
N ASP A 18 -5.15 7.23 -0.82
CA ASP A 18 -5.10 7.69 0.57
C ASP A 18 -6.28 7.19 1.43
N ASP A 19 -7.42 6.83 0.84
CA ASP A 19 -8.50 6.14 1.59
C ASP A 19 -8.07 4.75 2.11
N LEU A 20 -7.17 4.07 1.39
CA LEU A 20 -6.62 2.76 1.77
C LEU A 20 -5.72 2.83 3.03
N ARG A 21 -5.32 4.04 3.47
CA ARG A 21 -4.61 4.29 4.74
C ARG A 21 -5.46 3.98 5.99
N GLY A 22 -6.75 3.68 5.81
CA GLY A 22 -7.65 3.16 6.85
C GLY A 22 -7.97 1.66 6.69
N ARG A 23 -7.15 0.91 5.93
CA ARG A 23 -7.42 -0.48 5.54
C ARG A 23 -6.22 -1.42 5.78
N LEU A 24 -6.56 -2.71 5.85
CA LEU A 24 -5.66 -3.84 6.08
C LEU A 24 -5.29 -4.49 4.72
N GLY A 25 -4.11 -5.08 4.64
CA GLY A 25 -3.50 -5.65 3.45
C GLY A 25 -2.70 -6.93 3.69
N LYS A 26 -2.05 -7.41 2.63
CA LYS A 26 -1.38 -8.71 2.51
C LYS A 26 -0.12 -8.55 1.65
N VAL A 27 1.06 -8.78 2.23
CA VAL A 27 2.36 -8.67 1.55
C VAL A 27 2.58 -9.85 0.59
N ILE A 28 3.04 -9.55 -0.63
CA ILE A 28 3.18 -10.50 -1.75
C ILE A 28 4.60 -10.54 -2.35
N THR A 29 5.43 -9.55 -2.00
CA THR A 29 6.88 -9.49 -2.27
C THR A 29 7.51 -8.89 -1.02
N ALA A 30 8.50 -9.56 -0.44
CA ALA A 30 9.06 -9.23 0.88
C ALA A 30 9.56 -7.77 0.98
N VAL A 31 9.34 -7.15 2.14
CA VAL A 31 9.60 -5.73 2.40
C VAL A 31 10.62 -5.65 3.55
N PRO A 32 11.93 -5.55 3.27
CA PRO A 32 12.95 -5.56 4.31
C PRO A 32 12.96 -4.26 5.14
N VAL A 33 13.73 -4.27 6.22
CA VAL A 33 13.75 -3.25 7.29
C VAL A 33 14.05 -1.81 6.81
N ASP A 34 14.69 -1.68 5.64
CA ASP A 34 15.12 -0.41 5.02
C ASP A 34 14.94 -0.41 3.49
N GLY A 35 14.00 -1.23 2.98
CA GLY A 35 13.82 -1.49 1.54
C GLY A 35 12.36 -1.61 1.10
N PHE A 36 12.15 -2.21 -0.08
CA PHE A 36 10.87 -2.23 -0.80
C PHE A 36 10.43 -3.66 -1.20
N GLY A 37 9.12 -3.88 -1.18
CA GLY A 37 8.42 -5.06 -1.71
C GLY A 37 7.04 -4.67 -2.24
N GLU A 38 6.03 -5.51 -2.06
CA GLU A 38 4.66 -5.30 -2.58
C GLU A 38 3.57 -5.81 -1.65
N VAL A 39 2.37 -5.23 -1.77
CA VAL A 39 1.18 -5.49 -0.95
C VAL A 39 -0.11 -5.38 -1.78
N VAL A 40 -1.18 -6.01 -1.29
CA VAL A 40 -2.58 -5.89 -1.78
C VAL A 40 -3.48 -5.57 -0.59
N ILE A 41 -4.54 -4.77 -0.76
CA ILE A 41 -5.57 -4.62 0.28
C ILE A 41 -6.43 -5.89 0.36
N GLU A 42 -6.91 -6.23 1.56
CA GLU A 42 -7.56 -7.51 1.89
C GLU A 42 -8.79 -7.91 1.06
N GLY A 43 -9.39 -6.98 0.30
CA GLY A 43 -10.44 -7.25 -0.70
C GLY A 43 -9.90 -7.87 -2.01
N ILE A 44 -8.94 -8.79 -1.92
CA ILE A 44 -8.14 -9.36 -3.03
C ILE A 44 -8.91 -9.80 -4.29
N GLY A 45 -10.19 -10.16 -4.16
CA GLY A 45 -11.09 -10.44 -5.28
C GLY A 45 -11.37 -9.25 -6.21
N GLY A 46 -11.09 -8.00 -5.78
CA GLY A 46 -11.31 -6.78 -6.58
C GLY A 46 -10.36 -5.60 -6.31
N THR A 47 -9.54 -5.63 -5.26
CA THR A 47 -8.48 -4.64 -4.98
C THR A 47 -7.27 -4.76 -5.93
N ILE A 48 -6.26 -3.91 -5.76
CA ILE A 48 -5.12 -3.71 -6.67
C ILE A 48 -3.80 -3.81 -5.88
N SER A 49 -2.80 -4.52 -6.42
CA SER A 49 -1.45 -4.61 -5.84
C SER A 49 -0.65 -3.30 -6.03
N LYS A 50 0.20 -2.98 -5.05
CA LYS A 50 1.00 -1.75 -4.97
C LYS A 50 2.39 -2.05 -4.40
N SER A 51 3.35 -1.14 -4.63
CA SER A 51 4.66 -1.18 -3.96
C SER A 51 4.51 -0.86 -2.47
N ALA A 52 5.40 -1.40 -1.64
CA ALA A 52 5.34 -1.26 -0.19
C ALA A 52 6.72 -1.09 0.48
N VAL A 53 6.75 -0.32 1.58
CA VAL A 53 7.89 -0.14 2.49
C VAL A 53 7.45 -0.36 3.95
N SER A 54 8.37 -0.76 4.84
CA SER A 54 8.06 -0.89 6.27
C SER A 54 8.06 0.48 6.96
N PHE A 55 6.94 0.82 7.60
CA PHE A 55 6.82 1.99 8.49
C PHE A 55 7.44 1.76 9.88
N ASP A 56 7.79 0.51 10.20
CA ASP A 56 8.19 0.05 11.55
C ASP A 56 9.56 -0.68 11.55
N ASN A 57 10.36 -0.48 10.50
CA ASN A 57 11.65 -1.12 10.23
C ASN A 57 11.66 -2.66 10.44
N GLN A 58 10.59 -3.33 10.02
CA GLN A 58 10.44 -4.79 10.05
C GLN A 58 10.81 -5.43 8.71
N GLN A 59 11.18 -6.71 8.74
CA GLN A 59 11.43 -7.53 7.55
C GLN A 59 10.16 -8.34 7.23
N ILE A 60 9.22 -7.70 6.53
CA ILE A 60 7.86 -8.19 6.29
C ILE A 60 7.88 -9.21 5.14
N SER A 61 7.91 -10.50 5.49
CA SER A 61 7.94 -11.61 4.51
C SER A 61 6.60 -11.78 3.76
N TYR A 62 6.62 -12.61 2.72
CA TYR A 62 5.45 -13.05 1.96
C TYR A 62 4.34 -13.62 2.85
N GLY A 63 3.08 -13.35 2.51
CA GLY A 63 1.90 -13.99 3.10
C GLY A 63 1.57 -13.56 4.54
N THR A 64 1.83 -12.31 4.92
CA THR A 64 1.48 -11.78 6.26
C THR A 64 0.54 -10.58 6.17
N THR A 65 -0.23 -10.38 7.24
CA THR A 65 -1.32 -9.40 7.31
C THR A 65 -0.81 -8.09 7.91
N VAL A 66 -0.98 -7.00 7.16
CA VAL A 66 -0.38 -5.69 7.44
C VAL A 66 -1.41 -4.57 7.46
N LEU A 67 -1.23 -3.55 8.30
CA LEU A 67 -2.01 -2.32 8.26
C LEU A 67 -1.24 -1.29 7.43
N VAL A 68 -1.90 -0.68 6.43
CA VAL A 68 -1.32 0.47 5.72
C VAL A 68 -1.45 1.69 6.62
N VAL A 69 -0.34 2.36 6.92
CA VAL A 69 -0.24 3.44 7.93
C VAL A 69 0.19 4.78 7.36
N ASP A 70 0.82 4.80 6.18
CA ASP A 70 1.11 6.02 5.38
C ASP A 70 1.15 5.62 3.89
N ILE A 71 1.04 6.57 2.96
CA ILE A 71 0.86 6.31 1.52
C ILE A 71 1.52 7.42 0.68
N ASN A 72 2.23 7.03 -0.39
CA ASN A 72 2.98 7.91 -1.28
C ASN A 72 2.89 7.46 -2.75
N ASN A 73 1.83 7.88 -3.45
CA ASN A 73 1.64 7.76 -4.91
C ASN A 73 2.07 6.41 -5.54
N GLY A 74 1.56 5.30 -4.99
CA GLY A 74 1.85 3.93 -5.44
C GLY A 74 2.81 3.16 -4.53
N VAL A 75 3.45 3.85 -3.58
CA VAL A 75 4.36 3.29 -2.56
C VAL A 75 3.71 3.45 -1.19
N LEU A 76 3.10 2.38 -0.71
CA LEU A 76 2.43 2.31 0.59
C LEU A 76 3.46 2.09 1.70
N SER A 77 3.21 2.63 2.89
CA SER A 77 3.99 2.38 4.10
C SER A 77 3.14 1.53 5.04
N VAL A 78 3.64 0.35 5.40
CA VAL A 78 2.85 -0.67 6.11
C VAL A 78 3.57 -1.23 7.33
N THR A 79 2.83 -1.88 8.23
CA THR A 79 3.36 -2.57 9.42
C THR A 79 2.56 -3.85 9.70
N PRO A 80 3.18 -4.97 10.10
CA PRO A 80 2.49 -6.24 10.32
C PRO A 80 1.59 -6.22 11.57
N HIS A 81 0.33 -5.84 11.36
CA HIS A 81 -0.72 -5.80 12.38
C HIS A 81 -1.06 -7.21 12.90
N GLU A 82 -1.09 -8.21 12.00
CA GLU A 82 -1.47 -9.62 12.25
C GLU A 82 -2.62 -9.80 13.29
N PRO A 83 -3.81 -9.21 13.07
CA PRO A 83 -4.95 -9.33 13.99
C PRO A 83 -5.54 -10.75 14.02
N ILE A 84 -6.25 -11.07 15.10
CA ILE A 84 -6.87 -12.38 15.38
C ILE A 84 -8.31 -12.19 15.88
N GLY A 1 -6.68 22.55 -22.55
CA GLY A 1 -6.97 22.50 -21.11
C GLY A 1 -7.07 21.08 -20.53
N SER A 2 -7.09 20.04 -21.39
CA SER A 2 -7.25 18.63 -20.99
C SER A 2 -6.21 18.14 -19.98
N HIS A 3 -4.99 18.71 -19.99
CA HIS A 3 -3.94 18.44 -19.00
C HIS A 3 -4.36 18.78 -17.55
N MET A 4 -5.22 19.78 -17.34
CA MET A 4 -5.78 20.10 -16.02
C MET A 4 -6.83 19.05 -15.58
N LEU A 5 -7.62 18.54 -16.51
CA LEU A 5 -8.61 17.49 -16.26
C LEU A 5 -7.93 16.14 -15.95
N GLU A 6 -6.86 15.81 -16.67
CA GLU A 6 -5.99 14.66 -16.40
C GLU A 6 -5.29 14.79 -15.03
N SER A 7 -4.77 15.98 -14.70
CA SER A 7 -4.20 16.25 -13.37
C SER A 7 -5.24 16.09 -12.26
N SER A 8 -6.47 16.55 -12.48
CA SER A 8 -7.58 16.38 -11.53
C SER A 8 -7.97 14.92 -11.33
N ALA A 9 -7.97 14.10 -12.39
CA ALA A 9 -8.19 12.66 -12.31
C ALA A 9 -7.06 11.93 -11.56
N GLU A 10 -5.80 12.30 -11.80
CA GLU A 10 -4.65 11.75 -11.08
C GLU A 10 -4.64 12.13 -9.59
N GLU A 11 -5.00 13.37 -9.24
CA GLU A 11 -5.17 13.81 -7.85
C GLU A 11 -6.37 13.13 -7.16
N SER A 12 -7.45 12.85 -7.89
CA SER A 12 -8.58 12.06 -7.39
C SER A 12 -8.15 10.61 -7.11
N LEU A 13 -7.34 10.01 -7.99
CA LEU A 13 -6.78 8.67 -7.77
C LEU A 13 -5.81 8.64 -6.59
N ALA A 14 -4.99 9.67 -6.40
CA ALA A 14 -4.15 9.81 -5.21
C ALA A 14 -4.98 9.89 -3.92
N TYR A 15 -6.11 10.60 -3.92
CA TYR A 15 -7.06 10.64 -2.80
C TYR A 15 -7.73 9.26 -2.54
N ARG A 16 -8.12 8.54 -3.61
CA ARG A 16 -8.62 7.15 -3.51
C ARG A 16 -7.58 6.20 -2.92
N GLU A 17 -6.31 6.35 -3.29
CA GLU A 17 -5.20 5.61 -2.69
C GLU A 17 -4.95 6.00 -1.22
N ASP A 18 -5.02 7.28 -0.86
CA ASP A 18 -4.93 7.72 0.53
C ASP A 18 -6.08 7.21 1.42
N ASP A 19 -7.26 6.91 0.87
CA ASP A 19 -8.32 6.22 1.61
C ASP A 19 -7.90 4.81 2.08
N LEU A 20 -7.01 4.12 1.34
CA LEU A 20 -6.46 2.82 1.73
C LEU A 20 -5.60 2.89 3.01
N ARG A 21 -5.19 4.08 3.45
CA ARG A 21 -4.48 4.33 4.74
C ARG A 21 -5.35 4.00 5.98
N GLY A 22 -6.63 3.71 5.79
CA GLY A 22 -7.54 3.18 6.83
C GLY A 22 -7.88 1.70 6.66
N ARG A 23 -7.07 0.94 5.90
CA ARG A 23 -7.36 -0.45 5.50
C ARG A 23 -6.19 -1.41 5.75
N LEU A 24 -6.55 -2.70 5.80
CA LEU A 24 -5.67 -3.84 6.03
C LEU A 24 -5.31 -4.49 4.67
N GLY A 25 -4.12 -5.07 4.58
CA GLY A 25 -3.53 -5.66 3.39
C GLY A 25 -2.72 -6.94 3.64
N LYS A 26 -2.07 -7.43 2.59
CA LYS A 26 -1.40 -8.73 2.49
C LYS A 26 -0.16 -8.58 1.60
N VAL A 27 1.02 -8.81 2.17
CA VAL A 27 2.32 -8.69 1.47
C VAL A 27 2.55 -9.88 0.53
N ILE A 28 3.00 -9.58 -0.71
CA ILE A 28 3.15 -10.53 -1.84
C ILE A 28 4.57 -10.54 -2.43
N THR A 29 5.40 -9.58 -2.03
CA THR A 29 6.85 -9.51 -2.30
C THR A 29 7.46 -8.91 -1.03
N ALA A 30 8.45 -9.58 -0.44
CA ALA A 30 8.99 -9.25 0.89
C ALA A 30 9.48 -7.80 1.00
N VAL A 31 9.20 -7.17 2.14
CA VAL A 31 9.49 -5.77 2.45
C VAL A 31 10.46 -5.74 3.64
N PRO A 32 11.78 -5.62 3.43
CA PRO A 32 12.74 -5.60 4.53
C PRO A 32 12.77 -4.27 5.30
N VAL A 33 13.52 -4.25 6.40
CA VAL A 33 13.55 -3.17 7.42
C VAL A 33 13.81 -1.76 6.88
N ASP A 34 14.50 -1.65 5.74
CA ASP A 34 14.91 -0.39 5.09
C ASP A 34 14.77 -0.47 3.55
N GLY A 35 13.89 -1.34 3.04
CA GLY A 35 13.74 -1.67 1.62
C GLY A 35 12.29 -1.72 1.13
N PHE A 36 12.09 -2.31 -0.05
CA PHE A 36 10.83 -2.30 -0.79
C PHE A 36 10.39 -3.71 -1.22
N GLY A 37 9.07 -3.91 -1.24
CA GLY A 37 8.38 -5.09 -1.75
C GLY A 37 6.98 -4.70 -2.27
N GLU A 38 5.98 -5.56 -2.10
CA GLU A 38 4.62 -5.36 -2.65
C GLU A 38 3.52 -5.87 -1.71
N VAL A 39 2.32 -5.29 -1.85
CA VAL A 39 1.13 -5.54 -1.03
C VAL A 39 -0.17 -5.43 -1.84
N VAL A 40 -1.24 -6.06 -1.36
CA VAL A 40 -2.63 -5.92 -1.85
C VAL A 40 -3.52 -5.61 -0.65
N ILE A 41 -4.57 -4.80 -0.81
CA ILE A 41 -5.60 -4.63 0.23
C ILE A 41 -6.46 -5.89 0.32
N GLU A 42 -6.94 -6.22 1.52
CA GLU A 42 -7.59 -7.51 1.85
C GLU A 42 -8.84 -7.89 1.04
N GLY A 43 -9.43 -6.96 0.27
CA GLY A 43 -10.49 -7.23 -0.72
C GLY A 43 -9.98 -7.87 -2.02
N ILE A 44 -9.02 -8.81 -1.92
CA ILE A 44 -8.23 -9.41 -3.02
C ILE A 44 -9.02 -9.87 -4.25
N GLY A 45 -10.30 -10.22 -4.10
CA GLY A 45 -11.22 -10.51 -5.21
C GLY A 45 -11.50 -9.34 -6.17
N GLY A 46 -11.18 -8.09 -5.78
CA GLY A 46 -11.38 -6.89 -6.60
C GLY A 46 -10.41 -5.71 -6.36
N THR A 47 -9.59 -5.72 -5.31
CA THR A 47 -8.52 -4.74 -5.06
C THR A 47 -7.32 -4.90 -6.02
N ILE A 48 -6.35 -3.98 -5.94
CA ILE A 48 -5.21 -3.85 -6.87
C ILE A 48 -3.89 -3.80 -6.07
N SER A 49 -2.87 -4.53 -6.53
CA SER A 49 -1.53 -4.58 -5.93
C SER A 49 -0.77 -3.25 -6.05
N LYS A 50 0.10 -2.98 -5.08
CA LYS A 50 0.94 -1.76 -4.98
C LYS A 50 2.32 -2.10 -4.43
N SER A 51 3.32 -1.23 -4.63
CA SER A 51 4.62 -1.35 -3.94
C SER A 51 4.48 -0.94 -2.48
N ALA A 52 5.38 -1.44 -1.63
CA ALA A 52 5.32 -1.25 -0.18
C ALA A 52 6.68 -1.09 0.50
N VAL A 53 6.72 -0.33 1.60
CA VAL A 53 7.88 -0.14 2.52
C VAL A 53 7.47 -0.38 3.98
N SER A 54 8.43 -0.71 4.85
CA SER A 54 8.19 -0.83 6.30
C SER A 54 8.08 0.55 6.95
N PHE A 55 6.93 0.84 7.56
CA PHE A 55 6.72 2.01 8.42
C PHE A 55 7.42 1.88 9.78
N ASP A 56 7.55 0.64 10.28
CA ASP A 56 7.99 0.32 11.64
C ASP A 56 9.43 -0.22 11.74
N ASN A 57 10.19 -0.14 10.64
CA ASN A 57 11.57 -0.62 10.52
C ASN A 57 11.72 -2.11 10.92
N GLN A 58 10.84 -2.96 10.39
CA GLN A 58 10.81 -4.41 10.61
C GLN A 58 10.67 -5.17 9.27
N GLN A 59 11.11 -6.42 9.24
CA GLN A 59 11.04 -7.25 8.03
C GLN A 59 9.62 -7.83 7.88
N ILE A 60 9.06 -7.74 6.68
CA ILE A 60 7.68 -8.12 6.37
C ILE A 60 7.73 -9.11 5.20
N SER A 61 7.93 -10.38 5.55
CA SER A 61 8.04 -11.50 4.60
C SER A 61 6.72 -11.78 3.85
N TYR A 62 6.80 -12.59 2.79
CA TYR A 62 5.66 -13.04 1.99
C TYR A 62 4.51 -13.63 2.82
N GLY A 63 3.27 -13.32 2.44
CA GLY A 63 2.06 -13.97 2.98
C GLY A 63 1.67 -13.55 4.40
N THR A 64 1.93 -12.30 4.80
CA THR A 64 1.59 -11.78 6.14
C THR A 64 0.62 -10.60 6.07
N THR A 65 -0.18 -10.41 7.11
CA THR A 65 -1.27 -9.44 7.18
C THR A 65 -0.76 -8.14 7.81
N VAL A 66 -0.98 -7.03 7.10
CA VAL A 66 -0.39 -5.71 7.38
C VAL A 66 -1.43 -4.60 7.42
N LEU A 67 -1.25 -3.59 8.27
CA LEU A 67 -2.04 -2.36 8.24
C LEU A 67 -1.27 -1.32 7.43
N VAL A 68 -1.91 -0.69 6.43
CA VAL A 68 -1.32 0.47 5.76
C VAL A 68 -1.45 1.67 6.70
N VAL A 69 -0.33 2.36 6.97
CA VAL A 69 -0.22 3.40 8.01
C VAL A 69 0.24 4.76 7.49
N ASP A 70 0.89 4.81 6.32
CA ASP A 70 1.20 6.03 5.56
C ASP A 70 1.24 5.66 4.07
N ILE A 71 1.16 6.62 3.16
CA ILE A 71 1.02 6.36 1.72
C ILE A 71 1.73 7.44 0.89
N ASN A 72 2.36 6.98 -0.20
CA ASN A 72 2.94 7.77 -1.27
C ASN A 72 2.53 7.14 -2.62
N ASN A 73 2.60 7.88 -3.72
CA ASN A 73 2.09 7.49 -5.05
C ASN A 73 2.55 6.09 -5.52
N GLY A 74 1.68 5.08 -5.34
CA GLY A 74 1.94 3.67 -5.64
C GLY A 74 2.94 2.96 -4.72
N VAL A 75 3.37 3.61 -3.62
CA VAL A 75 4.37 3.14 -2.64
C VAL A 75 3.80 3.35 -1.24
N LEU A 76 3.06 2.35 -0.76
CA LEU A 76 2.41 2.35 0.55
C LEU A 76 3.44 2.11 1.66
N SER A 77 3.19 2.65 2.85
CA SER A 77 3.97 2.40 4.07
C SER A 77 3.13 1.55 5.01
N VAL A 78 3.62 0.36 5.37
CA VAL A 78 2.84 -0.67 6.07
C VAL A 78 3.57 -1.23 7.29
N THR A 79 2.83 -1.87 8.18
CA THR A 79 3.33 -2.53 9.40
C THR A 79 2.56 -3.84 9.64
N PRO A 80 3.21 -4.95 10.06
CA PRO A 80 2.55 -6.24 10.26
C PRO A 80 1.63 -6.25 11.48
N HIS A 81 0.35 -5.94 11.25
CA HIS A 81 -0.71 -5.97 12.26
C HIS A 81 -0.97 -7.39 12.80
N GLU A 82 -0.90 -8.41 11.94
CA GLU A 82 -1.21 -9.83 12.24
C GLU A 82 -2.39 -10.05 13.25
N PRO A 83 -3.60 -9.52 12.95
CA PRO A 83 -4.76 -9.66 13.83
C PRO A 83 -5.29 -11.11 13.91
N ILE A 84 -6.06 -11.40 14.95
CA ILE A 84 -6.72 -12.71 15.17
C ILE A 84 -7.67 -13.05 14.02
N GLY A 1 -7.90 22.05 -23.22
CA GLY A 1 -7.78 22.12 -21.76
C GLY A 1 -7.80 20.77 -21.05
N SER A 2 -7.87 19.66 -21.80
CA SER A 2 -8.03 18.29 -21.28
C SER A 2 -6.95 17.85 -20.28
N HIS A 3 -5.71 18.35 -20.38
CA HIS A 3 -4.64 18.00 -19.45
C HIS A 3 -4.92 18.42 -18.00
N MET A 4 -5.64 19.54 -17.80
CA MET A 4 -6.11 19.98 -16.47
C MET A 4 -7.29 19.13 -15.93
N LEU A 5 -7.89 18.29 -16.76
CA LEU A 5 -8.89 17.28 -16.37
C LEU A 5 -8.22 15.91 -16.10
N GLU A 6 -7.10 15.62 -16.76
CA GLU A 6 -6.27 14.45 -16.43
C GLU A 6 -5.59 14.59 -15.07
N SER A 7 -5.05 15.77 -14.75
CA SER A 7 -4.41 16.03 -13.44
C SER A 7 -5.39 15.94 -12.27
N SER A 8 -6.62 16.42 -12.42
CA SER A 8 -7.69 16.25 -11.42
C SER A 8 -8.15 14.80 -11.27
N ALA A 9 -8.21 14.02 -12.36
CA ALA A 9 -8.50 12.59 -12.30
C ALA A 9 -7.40 11.79 -11.58
N GLU A 10 -6.12 12.08 -11.86
CA GLU A 10 -4.98 11.47 -11.15
C GLU A 10 -4.90 11.90 -9.67
N GLU A 11 -5.23 13.16 -9.34
CA GLU A 11 -5.37 13.62 -7.96
C GLU A 11 -6.53 12.92 -7.23
N SER A 12 -7.66 12.70 -7.91
CA SER A 12 -8.78 11.92 -7.36
C SER A 12 -8.38 10.45 -7.11
N LEU A 13 -7.56 9.86 -7.98
CA LEU A 13 -7.03 8.51 -7.79
C LEU A 13 -6.04 8.46 -6.61
N ALA A 14 -5.21 9.48 -6.42
CA ALA A 14 -4.36 9.61 -5.24
C ALA A 14 -5.19 9.70 -3.93
N TYR A 15 -6.33 10.39 -3.94
CA TYR A 15 -7.27 10.40 -2.79
C TYR A 15 -7.94 9.03 -2.58
N ARG A 16 -8.31 8.30 -3.64
CA ARG A 16 -8.82 6.92 -3.56
C ARG A 16 -7.78 5.96 -2.97
N GLU A 17 -6.50 6.12 -3.34
CA GLU A 17 -5.40 5.38 -2.73
C GLU A 17 -5.18 5.77 -1.27
N ASP A 18 -5.26 7.06 -0.92
CA ASP A 18 -5.13 7.51 0.47
C ASP A 18 -6.26 6.99 1.40
N ASP A 19 -7.45 6.69 0.86
CA ASP A 19 -8.51 5.99 1.61
C ASP A 19 -8.07 4.59 2.09
N LEU A 20 -7.19 3.91 1.34
CA LEU A 20 -6.63 2.61 1.72
C LEU A 20 -5.76 2.67 2.99
N ARG A 21 -5.34 3.87 3.43
CA ARG A 21 -4.65 4.11 4.73
C ARG A 21 -5.51 3.75 5.96
N GLY A 22 -6.81 3.48 5.77
CA GLY A 22 -7.71 2.98 6.81
C GLY A 22 -7.99 1.47 6.72
N ARG A 23 -7.15 0.70 6.01
CA ARG A 23 -7.40 -0.71 5.66
C ARG A 23 -6.18 -1.62 5.90
N LEU A 24 -6.48 -2.92 6.02
CA LEU A 24 -5.48 -3.99 6.07
C LEU A 24 -5.13 -4.46 4.64
N GLY A 25 -3.95 -5.06 4.51
CA GLY A 25 -3.43 -5.67 3.30
C GLY A 25 -2.63 -6.95 3.55
N LYS A 26 -2.01 -7.46 2.48
CA LYS A 26 -1.35 -8.77 2.36
C LYS A 26 -0.10 -8.63 1.49
N VAL A 27 1.06 -8.88 2.08
CA VAL A 27 2.37 -8.77 1.39
C VAL A 27 2.60 -9.96 0.44
N ILE A 28 3.00 -9.65 -0.80
CA ILE A 28 3.16 -10.59 -1.94
C ILE A 28 4.58 -10.60 -2.53
N THR A 29 5.41 -9.63 -2.15
CA THR A 29 6.86 -9.57 -2.40
C THR A 29 7.47 -8.97 -1.13
N ALA A 30 8.45 -9.65 -0.54
CA ALA A 30 8.99 -9.32 0.79
C ALA A 30 9.47 -7.87 0.91
N VAL A 31 9.21 -7.28 2.08
CA VAL A 31 9.47 -5.87 2.42
C VAL A 31 10.43 -5.83 3.61
N PRO A 32 11.77 -5.74 3.41
CA PRO A 32 12.72 -5.75 4.51
C PRO A 32 12.77 -4.41 5.27
N VAL A 33 13.54 -4.39 6.35
CA VAL A 33 13.59 -3.31 7.36
C VAL A 33 13.88 -1.91 6.81
N ASP A 34 14.57 -1.81 5.68
CA ASP A 34 14.96 -0.56 5.01
C ASP A 34 14.87 -0.70 3.47
N GLY A 35 13.94 -1.52 2.98
CA GLY A 35 13.79 -1.87 1.56
C GLY A 35 12.34 -1.88 1.06
N PHE A 36 12.14 -2.45 -0.13
CA PHE A 36 10.88 -2.39 -0.88
C PHE A 36 10.42 -3.79 -1.33
N GLY A 37 9.10 -3.98 -1.35
CA GLY A 37 8.39 -5.15 -1.87
C GLY A 37 7.01 -4.74 -2.38
N GLU A 38 6.01 -5.61 -2.22
CA GLU A 38 4.65 -5.39 -2.75
C GLU A 38 3.56 -5.92 -1.81
N VAL A 39 2.36 -5.33 -1.93
CA VAL A 39 1.17 -5.58 -1.09
C VAL A 39 -0.12 -5.47 -1.90
N VAL A 40 -1.19 -6.10 -1.42
CA VAL A 40 -2.59 -5.96 -1.91
C VAL A 40 -3.49 -5.66 -0.71
N ILE A 41 -4.54 -4.85 -0.86
CA ILE A 41 -5.55 -4.67 0.20
C ILE A 41 -6.42 -5.93 0.32
N GLU A 42 -6.91 -6.23 1.53
CA GLU A 42 -7.58 -7.50 1.90
C GLU A 42 -8.80 -7.90 1.04
N GLY A 43 -9.41 -6.98 0.29
CA GLY A 43 -10.45 -7.26 -0.71
C GLY A 43 -9.95 -7.89 -2.01
N ILE A 44 -8.99 -8.83 -1.92
CA ILE A 44 -8.21 -9.42 -3.02
C ILE A 44 -9.00 -9.88 -4.27
N GLY A 45 -10.28 -10.22 -4.12
CA GLY A 45 -11.21 -10.50 -5.23
C GLY A 45 -11.48 -9.31 -6.17
N GLY A 46 -11.17 -8.07 -5.77
CA GLY A 46 -11.37 -6.86 -6.58
C GLY A 46 -10.41 -5.69 -6.34
N THR A 47 -9.59 -5.72 -5.28
CA THR A 47 -8.51 -4.73 -5.03
C THR A 47 -7.32 -4.88 -6.00
N ILE A 48 -6.34 -3.97 -5.91
CA ILE A 48 -5.20 -3.83 -6.85
C ILE A 48 -3.88 -3.79 -6.07
N SER A 49 -2.87 -4.53 -6.55
CA SER A 49 -1.52 -4.58 -5.97
C SER A 49 -0.77 -3.24 -6.06
N LYS A 50 0.10 -2.97 -5.08
CA LYS A 50 0.92 -1.75 -4.96
C LYS A 50 2.33 -2.08 -4.43
N SER A 51 3.29 -1.18 -4.65
CA SER A 51 4.62 -1.25 -4.02
C SER A 51 4.52 -0.92 -2.53
N ALA A 52 5.42 -1.45 -1.71
CA ALA A 52 5.37 -1.33 -0.26
C ALA A 52 6.75 -1.17 0.41
N VAL A 53 6.80 -0.40 1.50
CA VAL A 53 7.97 -0.23 2.42
C VAL A 53 7.57 -0.45 3.87
N SER A 54 8.54 -0.80 4.74
CA SER A 54 8.30 -1.00 6.17
C SER A 54 8.28 0.33 6.93
N PHE A 55 7.11 0.73 7.43
CA PHE A 55 6.93 1.93 8.27
C PHE A 55 7.65 1.82 9.62
N ASP A 56 7.69 0.61 10.18
CA ASP A 56 8.14 0.33 11.55
C ASP A 56 9.59 -0.20 11.64
N ASN A 57 10.34 -0.17 10.52
CA ASN A 57 11.70 -0.67 10.39
C ASN A 57 11.83 -2.16 10.82
N GLN A 58 10.89 -3.00 10.35
CA GLN A 58 10.83 -4.45 10.60
C GLN A 58 10.62 -5.23 9.29
N GLN A 59 11.09 -6.48 9.25
CA GLN A 59 11.02 -7.31 8.05
C GLN A 59 9.60 -7.89 7.89
N ILE A 60 9.08 -7.85 6.66
CA ILE A 60 7.72 -8.28 6.33
C ILE A 60 7.79 -9.26 5.15
N SER A 61 8.00 -10.53 5.47
CA SER A 61 8.04 -11.64 4.51
C SER A 61 6.68 -11.88 3.82
N TYR A 62 6.69 -12.69 2.75
CA TYR A 62 5.50 -13.11 2.00
C TYR A 62 4.40 -13.71 2.89
N GLY A 63 3.12 -13.41 2.58
CA GLY A 63 1.96 -14.07 3.18
C GLY A 63 1.61 -13.66 4.61
N THR A 64 1.70 -12.37 4.96
CA THR A 64 1.30 -11.85 6.29
C THR A 64 0.36 -10.65 6.18
N THR A 65 -0.40 -10.40 7.25
CA THR A 65 -1.43 -9.33 7.29
C THR A 65 -0.85 -8.05 7.88
N VAL A 66 -0.97 -6.97 7.12
CA VAL A 66 -0.31 -5.68 7.38
C VAL A 66 -1.34 -4.54 7.41
N LEU A 67 -1.13 -3.54 8.26
CA LEU A 67 -1.90 -2.30 8.24
C LEU A 67 -1.14 -1.28 7.38
N VAL A 68 -1.80 -0.71 6.39
CA VAL A 68 -1.24 0.44 5.65
C VAL A 68 -1.33 1.67 6.54
N VAL A 69 -0.20 2.30 6.83
CA VAL A 69 -0.07 3.38 7.84
C VAL A 69 0.39 4.72 7.24
N ASP A 70 0.98 4.72 6.05
CA ASP A 70 1.25 5.92 5.24
C ASP A 70 1.20 5.54 3.75
N ILE A 71 1.02 6.51 2.85
CA ILE A 71 0.77 6.26 1.41
C ILE A 71 1.39 7.39 0.58
N ASN A 72 2.13 7.03 -0.48
CA ASN A 72 2.84 7.97 -1.35
C ASN A 72 2.89 7.49 -2.82
N ASN A 73 1.98 8.00 -3.65
CA ASN A 73 1.97 7.86 -5.12
C ASN A 73 2.23 6.43 -5.67
N GLY A 74 1.68 5.40 -5.03
CA GLY A 74 1.83 3.99 -5.41
C GLY A 74 2.79 3.18 -4.53
N VAL A 75 3.56 3.84 -3.66
CA VAL A 75 4.41 3.24 -2.63
C VAL A 75 3.75 3.44 -1.27
N LEU A 76 3.10 2.38 -0.79
CA LEU A 76 2.49 2.31 0.52
C LEU A 76 3.56 2.09 1.60
N SER A 77 3.35 2.63 2.79
CA SER A 77 4.14 2.34 3.99
C SER A 77 3.27 1.51 4.93
N VAL A 78 3.76 0.32 5.29
CA VAL A 78 2.97 -0.69 5.99
C VAL A 78 3.70 -1.27 7.20
N THR A 79 2.95 -1.93 8.10
CA THR A 79 3.47 -2.60 9.30
C THR A 79 2.66 -3.88 9.59
N PRO A 80 3.27 -5.00 10.02
CA PRO A 80 2.56 -6.25 10.27
C PRO A 80 1.66 -6.19 11.52
N HIS A 81 0.41 -5.81 11.31
CA HIS A 81 -0.62 -5.74 12.36
C HIS A 81 -1.02 -7.15 12.85
N GLU A 82 -1.09 -8.13 11.93
CA GLU A 82 -1.55 -9.51 12.18
C GLU A 82 -2.76 -9.65 13.15
N PRO A 83 -3.90 -8.98 12.87
CA PRO A 83 -5.10 -9.03 13.71
C PRO A 83 -5.77 -10.42 13.71
N ILE A 84 -6.57 -10.69 14.75
CA ILE A 84 -7.27 -11.96 14.99
C ILE A 84 -8.72 -11.69 15.39
N GLY A 1 -4.38 19.49 -23.60
CA GLY A 1 -5.21 19.36 -22.39
C GLY A 1 -5.42 17.91 -21.92
N SER A 2 -5.21 16.92 -22.79
CA SER A 2 -5.29 15.49 -22.46
C SER A 2 -4.33 15.09 -21.33
N HIS A 3 -3.11 15.66 -21.33
CA HIS A 3 -2.14 15.52 -20.24
C HIS A 3 -2.65 16.01 -18.88
N MET A 4 -3.46 17.08 -18.85
CA MET A 4 -4.07 17.60 -17.61
C MET A 4 -5.24 16.71 -17.14
N LEU A 5 -6.05 16.18 -18.07
CA LEU A 5 -7.08 15.19 -17.75
C LEU A 5 -6.49 13.88 -17.18
N GLU A 6 -5.39 13.40 -17.76
CA GLU A 6 -4.63 12.26 -17.23
C GLU A 6 -3.99 12.55 -15.86
N SER A 7 -3.47 13.77 -15.65
CA SER A 7 -2.96 14.20 -14.34
C SER A 7 -4.05 14.27 -13.28
N SER A 8 -5.25 14.73 -13.63
CA SER A 8 -6.44 14.75 -12.76
C SER A 8 -6.94 13.33 -12.44
N ALA A 9 -6.93 12.41 -13.42
CA ALA A 9 -7.25 11.00 -13.19
C ALA A 9 -6.24 10.31 -12.25
N GLU A 10 -4.93 10.57 -12.42
CA GLU A 10 -3.88 10.08 -11.51
C GLU A 10 -3.98 10.68 -10.10
N GLU A 11 -4.32 11.98 -9.99
CA GLU A 11 -4.59 12.63 -8.71
C GLU A 11 -5.83 12.06 -8.01
N SER A 12 -6.88 11.73 -8.77
CA SER A 12 -8.06 11.02 -8.24
C SER A 12 -7.70 9.61 -7.75
N LEU A 13 -6.84 8.89 -8.49
CA LEU A 13 -6.33 7.58 -8.07
C LEU A 13 -5.52 7.70 -6.78
N ALA A 14 -4.64 8.69 -6.66
CA ALA A 14 -3.87 8.96 -5.44
C ALA A 14 -4.78 9.26 -4.24
N TYR A 15 -5.89 9.98 -4.45
CA TYR A 15 -6.91 10.23 -3.41
C TYR A 15 -7.64 8.94 -2.99
N ARG A 16 -8.04 8.07 -3.94
CA ARG A 16 -8.60 6.73 -3.64
C ARG A 16 -7.60 5.84 -2.91
N GLU A 17 -6.32 5.88 -3.30
CA GLU A 17 -5.25 5.14 -2.64
C GLU A 17 -5.04 5.62 -1.21
N ASP A 18 -5.09 6.94 -0.94
CA ASP A 18 -4.97 7.48 0.42
C ASP A 18 -6.11 7.06 1.35
N ASP A 19 -7.30 6.73 0.84
CA ASP A 19 -8.37 6.11 1.64
C ASP A 19 -7.98 4.72 2.18
N LEU A 20 -7.13 3.98 1.45
CA LEU A 20 -6.60 2.68 1.87
C LEU A 20 -5.68 2.77 3.10
N ARG A 21 -5.26 3.97 3.52
CA ARG A 21 -4.54 4.22 4.79
C ARG A 21 -5.38 3.89 6.04
N GLY A 22 -6.69 3.66 5.88
CA GLY A 22 -7.58 3.16 6.93
C GLY A 22 -7.90 1.66 6.80
N ARG A 23 -7.11 0.89 6.04
CA ARG A 23 -7.38 -0.51 5.67
C ARG A 23 -6.20 -1.45 5.89
N LEU A 24 -6.54 -2.73 6.01
CA LEU A 24 -5.64 -3.87 6.22
C LEU A 24 -5.31 -4.53 4.87
N GLY A 25 -4.12 -5.12 4.78
CA GLY A 25 -3.55 -5.69 3.56
C GLY A 25 -2.72 -6.95 3.80
N LYS A 26 -2.06 -7.41 2.73
CA LYS A 26 -1.35 -8.68 2.59
C LYS A 26 -0.13 -8.48 1.70
N VAL A 27 1.05 -8.74 2.25
CA VAL A 27 2.33 -8.61 1.53
C VAL A 27 2.50 -9.77 0.54
N ILE A 28 2.79 -9.45 -0.73
CA ILE A 28 2.96 -10.42 -1.85
C ILE A 28 4.36 -10.39 -2.48
N THR A 29 5.24 -9.52 -1.99
CA THR A 29 6.69 -9.50 -2.30
C THR A 29 7.37 -8.92 -1.05
N ALA A 30 8.37 -9.62 -0.51
CA ALA A 30 8.97 -9.31 0.79
C ALA A 30 9.47 -7.86 0.93
N VAL A 31 9.24 -7.26 2.10
CA VAL A 31 9.51 -5.86 2.44
C VAL A 31 10.49 -5.82 3.62
N PRO A 32 11.81 -5.70 3.40
CA PRO A 32 12.79 -5.69 4.48
C PRO A 32 12.82 -4.36 5.26
N VAL A 33 13.58 -4.34 6.36
CA VAL A 33 13.62 -3.25 7.36
C VAL A 33 13.94 -1.86 6.81
N ASP A 34 14.59 -1.78 5.64
CA ASP A 34 15.05 -0.55 4.98
C ASP A 34 14.90 -0.62 3.46
N GLY A 35 13.97 -1.45 2.96
CA GLY A 35 13.80 -1.77 1.54
C GLY A 35 12.35 -1.83 1.06
N PHE A 36 12.14 -2.41 -0.12
CA PHE A 36 10.86 -2.38 -0.86
C PHE A 36 10.39 -3.77 -1.28
N GLY A 37 9.07 -3.96 -1.28
CA GLY A 37 8.35 -5.13 -1.78
C GLY A 37 6.96 -4.72 -2.28
N GLU A 38 5.93 -5.52 -2.04
CA GLU A 38 4.57 -5.30 -2.55
C GLU A 38 3.48 -5.70 -1.54
N VAL A 39 2.33 -5.00 -1.60
CA VAL A 39 1.14 -5.25 -0.77
C VAL A 39 -0.15 -5.13 -1.61
N VAL A 40 -1.20 -5.82 -1.20
CA VAL A 40 -2.59 -5.72 -1.69
C VAL A 40 -3.53 -5.61 -0.49
N ILE A 41 -4.64 -4.88 -0.61
CA ILE A 41 -5.64 -4.76 0.46
C ILE A 41 -6.40 -6.09 0.60
N GLU A 42 -6.94 -6.39 1.78
CA GLU A 42 -7.52 -7.71 2.12
C GLU A 42 -8.65 -8.20 1.18
N GLY A 43 -9.26 -7.32 0.39
CA GLY A 43 -10.18 -7.66 -0.71
C GLY A 43 -9.43 -8.11 -1.97
N ILE A 44 -8.45 -9.01 -1.83
CA ILE A 44 -7.47 -9.44 -2.86
C ILE A 44 -8.03 -9.79 -4.26
N GLY A 45 -9.30 -10.22 -4.33
CA GLY A 45 -10.00 -10.58 -5.58
C GLY A 45 -10.71 -9.41 -6.30
N GLY A 46 -10.73 -8.21 -5.70
CA GLY A 46 -11.40 -7.00 -6.19
C GLY A 46 -10.64 -5.70 -5.89
N THR A 47 -9.30 -5.79 -5.80
CA THR A 47 -8.36 -4.71 -5.47
C THR A 47 -7.13 -4.76 -6.40
N ILE A 48 -6.19 -3.82 -6.23
CA ILE A 48 -4.98 -3.67 -7.07
C ILE A 48 -3.76 -3.60 -6.14
N SER A 49 -2.78 -4.47 -6.37
CA SER A 49 -1.50 -4.48 -5.64
C SER A 49 -0.62 -3.26 -5.95
N LYS A 50 0.20 -2.85 -4.99
CA LYS A 50 1.07 -1.67 -5.03
C LYS A 50 2.44 -1.98 -4.41
N SER A 51 3.45 -1.16 -4.71
CA SER A 51 4.75 -1.21 -4.03
C SER A 51 4.61 -0.85 -2.55
N ALA A 52 5.47 -1.41 -1.70
CA ALA A 52 5.38 -1.28 -0.24
C ALA A 52 6.75 -1.15 0.45
N VAL A 53 6.80 -0.39 1.55
CA VAL A 53 7.94 -0.23 2.47
C VAL A 53 7.51 -0.45 3.92
N SER A 54 8.45 -0.82 4.80
CA SER A 54 8.16 -0.92 6.25
C SER A 54 8.14 0.47 6.89
N PHE A 55 7.02 0.81 7.52
CA PHE A 55 6.87 2.02 8.36
C PHE A 55 7.54 1.88 9.74
N ASP A 56 7.82 0.64 10.17
CA ASP A 56 8.25 0.31 11.54
C ASP A 56 9.65 -0.35 11.60
N ASN A 57 10.40 -0.31 10.50
CA ASN A 57 11.69 -0.97 10.30
C ASN A 57 11.68 -2.47 10.70
N GLN A 58 10.65 -3.19 10.27
CA GLN A 58 10.54 -4.65 10.40
C GLN A 58 10.73 -5.35 9.04
N GLN A 59 11.18 -6.60 9.06
CA GLN A 59 11.24 -7.46 7.88
C GLN A 59 9.88 -8.17 7.73
N ILE A 60 9.21 -7.95 6.60
CA ILE A 60 7.84 -8.38 6.32
C ILE A 60 7.86 -9.34 5.13
N SER A 61 7.99 -10.64 5.40
CA SER A 61 8.00 -11.70 4.39
C SER A 61 6.66 -11.81 3.62
N TYR A 62 6.69 -12.54 2.51
CA TYR A 62 5.51 -12.95 1.75
C TYR A 62 4.43 -13.60 2.64
N GLY A 63 3.15 -13.28 2.41
CA GLY A 63 2.02 -13.97 3.02
C GLY A 63 1.72 -13.61 4.47
N THR A 64 1.90 -12.35 4.88
CA THR A 64 1.47 -11.87 6.22
C THR A 64 0.55 -10.65 6.15
N THR A 65 -0.26 -10.48 7.19
CA THR A 65 -1.30 -9.46 7.29
C THR A 65 -0.74 -8.18 7.90
N VAL A 66 -0.95 -7.05 7.22
CA VAL A 66 -0.33 -5.76 7.51
C VAL A 66 -1.35 -4.62 7.53
N LEU A 67 -1.16 -3.61 8.37
CA LEU A 67 -1.93 -2.37 8.33
C LEU A 67 -1.17 -1.35 7.49
N VAL A 68 -1.81 -0.76 6.47
CA VAL A 68 -1.24 0.39 5.76
C VAL A 68 -1.37 1.61 6.65
N VAL A 69 -0.25 2.30 6.92
CA VAL A 69 -0.15 3.37 7.93
C VAL A 69 0.31 4.72 7.36
N ASP A 70 0.93 4.74 6.18
CA ASP A 70 1.23 5.96 5.39
C ASP A 70 1.23 5.58 3.90
N ILE A 71 1.08 6.54 2.99
CA ILE A 71 0.87 6.29 1.55
C ILE A 71 1.49 7.42 0.71
N ASN A 72 2.22 7.06 -0.35
CA ASN A 72 2.94 8.00 -1.22
C ASN A 72 2.91 7.54 -2.70
N ASN A 73 1.89 7.98 -3.45
CA ASN A 73 1.75 7.85 -4.91
C ASN A 73 2.19 6.50 -5.53
N GLY A 74 1.66 5.40 -5.00
CA GLY A 74 1.96 4.02 -5.46
C GLY A 74 2.95 3.26 -4.57
N VAL A 75 3.53 3.92 -3.57
CA VAL A 75 4.43 3.35 -2.56
C VAL A 75 3.76 3.49 -1.18
N LEU A 76 3.17 2.40 -0.71
CA LEU A 76 2.49 2.32 0.57
C LEU A 76 3.53 2.05 1.69
N SER A 77 3.29 2.59 2.88
CA SER A 77 4.08 2.31 4.08
C SER A 77 3.23 1.47 5.03
N VAL A 78 3.72 0.30 5.41
CA VAL A 78 2.94 -0.72 6.12
C VAL A 78 3.67 -1.25 7.36
N THR A 79 2.92 -1.86 8.28
CA THR A 79 3.46 -2.53 9.47
C THR A 79 2.66 -3.81 9.76
N PRO A 80 3.29 -4.92 10.20
CA PRO A 80 2.60 -6.20 10.41
C PRO A 80 1.69 -6.18 11.63
N HIS A 81 0.41 -5.85 11.40
CA HIS A 81 -0.67 -5.95 12.38
C HIS A 81 -0.84 -7.41 12.87
N GLU A 82 -0.68 -8.38 11.95
CA GLU A 82 -0.78 -9.84 12.16
C GLU A 82 -1.86 -10.29 13.19
N PRO A 83 -3.15 -9.90 13.01
CA PRO A 83 -4.24 -10.25 13.92
C PRO A 83 -4.56 -11.77 13.88
N ILE A 84 -5.17 -12.26 14.95
CA ILE A 84 -5.51 -13.69 15.18
C ILE A 84 -6.94 -13.81 15.70
N GLY A 1 -7.12 22.26 -22.00
CA GLY A 1 -7.47 22.00 -20.60
C GLY A 1 -7.57 20.51 -20.24
N SER A 2 -7.49 19.61 -21.22
CA SER A 2 -7.52 18.15 -21.03
C SER A 2 -6.44 17.65 -20.06
N HIS A 3 -5.25 18.26 -20.08
CA HIS A 3 -4.16 18.00 -19.14
C HIS A 3 -4.55 18.25 -17.67
N MET A 4 -5.40 19.26 -17.40
CA MET A 4 -5.90 19.55 -16.05
C MET A 4 -7.00 18.56 -15.62
N LEU A 5 -7.84 18.11 -16.56
CA LEU A 5 -8.82 17.04 -16.31
C LEU A 5 -8.13 15.70 -15.99
N GLU A 6 -7.07 15.36 -16.72
CA GLU A 6 -6.22 14.18 -16.44
C GLU A 6 -5.48 14.32 -15.09
N SER A 7 -4.97 15.51 -14.75
CA SER A 7 -4.37 15.79 -13.44
C SER A 7 -5.39 15.66 -12.30
N SER A 8 -6.63 16.11 -12.51
CA SER A 8 -7.73 15.95 -11.54
C SER A 8 -8.16 14.49 -11.37
N ALA A 9 -8.15 13.69 -12.44
CA ALA A 9 -8.41 12.26 -12.38
C ALA A 9 -7.29 11.50 -11.61
N GLU A 10 -6.03 11.85 -11.85
CA GLU A 10 -4.88 11.31 -11.11
C GLU A 10 -4.91 11.71 -9.63
N GLU A 11 -5.27 12.96 -9.32
CA GLU A 11 -5.49 13.44 -7.95
C GLU A 11 -6.66 12.72 -7.26
N SER A 12 -7.73 12.42 -7.99
CA SER A 12 -8.85 11.62 -7.48
C SER A 12 -8.44 10.17 -7.19
N LEU A 13 -7.58 9.58 -8.03
CA LEU A 13 -7.00 8.25 -7.79
C LEU A 13 -6.11 8.28 -6.54
N ALA A 14 -5.26 9.29 -6.38
CA ALA A 14 -4.44 9.47 -5.17
C ALA A 14 -5.30 9.58 -3.90
N TYR A 15 -6.46 10.24 -3.98
CA TYR A 15 -7.44 10.29 -2.88
C TYR A 15 -8.07 8.93 -2.59
N ARG A 16 -8.45 8.16 -3.61
CA ARG A 16 -8.91 6.75 -3.46
C ARG A 16 -7.83 5.85 -2.85
N GLU A 17 -6.57 6.05 -3.21
CA GLU A 17 -5.43 5.35 -2.60
C GLU A 17 -5.23 5.76 -1.14
N ASP A 18 -5.32 7.05 -0.79
CA ASP A 18 -5.25 7.52 0.60
C ASP A 18 -6.38 6.97 1.49
N ASP A 19 -7.55 6.65 0.94
CA ASP A 19 -8.60 5.92 1.68
C ASP A 19 -8.14 4.53 2.16
N LEU A 20 -7.23 3.87 1.44
CA LEU A 20 -6.65 2.58 1.84
C LEU A 20 -5.78 2.67 3.11
N ARG A 21 -5.39 3.89 3.54
CA ARG A 21 -4.69 4.16 4.82
C ARG A 21 -5.53 3.81 6.07
N GLY A 22 -6.81 3.52 5.89
CA GLY A 22 -7.71 3.00 6.94
C GLY A 22 -8.02 1.50 6.79
N ARG A 23 -7.20 0.75 6.03
CA ARG A 23 -7.45 -0.66 5.66
C ARG A 23 -6.26 -1.58 5.92
N LEU A 24 -6.57 -2.87 6.01
CA LEU A 24 -5.65 -3.98 6.24
C LEU A 24 -5.34 -4.69 4.90
N GLY A 25 -4.15 -5.26 4.79
CA GLY A 25 -3.59 -5.85 3.58
C GLY A 25 -2.75 -7.10 3.80
N LYS A 26 -2.12 -7.55 2.70
CA LYS A 26 -1.43 -8.81 2.52
C LYS A 26 -0.19 -8.59 1.64
N VAL A 27 0.99 -8.85 2.18
CA VAL A 27 2.27 -8.69 1.47
C VAL A 27 2.47 -9.84 0.47
N ILE A 28 2.75 -9.50 -0.80
CA ILE A 28 2.94 -10.44 -1.92
C ILE A 28 4.35 -10.39 -2.54
N THR A 29 5.22 -9.51 -2.04
CA THR A 29 6.67 -9.45 -2.32
C THR A 29 7.32 -8.87 -1.07
N ALA A 30 8.32 -9.56 -0.51
CA ALA A 30 8.90 -9.25 0.79
C ALA A 30 9.40 -7.79 0.91
N VAL A 31 9.16 -7.19 2.08
CA VAL A 31 9.45 -5.79 2.41
C VAL A 31 10.43 -5.77 3.60
N PRO A 32 11.76 -5.62 3.38
CA PRO A 32 12.72 -5.60 4.46
C PRO A 32 12.75 -4.26 5.22
N VAL A 33 13.54 -4.22 6.31
CA VAL A 33 13.58 -3.13 7.30
C VAL A 33 13.84 -1.73 6.74
N ASP A 34 14.51 -1.63 5.59
CA ASP A 34 14.92 -0.40 4.93
C ASP A 34 14.76 -0.48 3.39
N GLY A 35 13.87 -1.35 2.91
CA GLY A 35 13.70 -1.70 1.49
C GLY A 35 12.25 -1.74 1.01
N PHE A 36 12.04 -2.34 -0.16
CA PHE A 36 10.77 -2.31 -0.90
C PHE A 36 10.29 -3.71 -1.31
N GLY A 37 8.98 -3.90 -1.31
CA GLY A 37 8.25 -5.07 -1.80
C GLY A 37 6.86 -4.68 -2.29
N GLU A 38 5.84 -5.51 -2.05
CA GLU A 38 4.48 -5.30 -2.57
C GLU A 38 3.38 -5.73 -1.58
N VAL A 39 2.24 -5.05 -1.63
CA VAL A 39 1.04 -5.29 -0.80
C VAL A 39 -0.24 -5.18 -1.64
N VAL A 40 -1.29 -5.89 -1.21
CA VAL A 40 -2.68 -5.79 -1.70
C VAL A 40 -3.63 -5.73 -0.50
N ILE A 41 -4.73 -5.00 -0.60
CA ILE A 41 -5.76 -4.94 0.46
C ILE A 41 -6.54 -6.27 0.52
N GLU A 42 -7.12 -6.61 1.67
CA GLU A 42 -7.76 -7.93 1.91
C GLU A 42 -8.81 -8.38 0.88
N GLY A 43 -9.42 -7.45 0.13
CA GLY A 43 -10.27 -7.72 -1.03
C GLY A 43 -9.49 -8.15 -2.28
N ILE A 44 -8.53 -9.08 -2.16
CA ILE A 44 -7.53 -9.48 -3.18
C ILE A 44 -8.11 -9.79 -4.58
N GLY A 45 -9.38 -10.20 -4.68
CA GLY A 45 -10.08 -10.53 -5.94
C GLY A 45 -10.78 -9.34 -6.62
N GLY A 46 -10.80 -8.16 -5.98
CA GLY A 46 -11.47 -6.93 -6.43
C GLY A 46 -10.70 -5.65 -6.10
N THR A 47 -9.37 -5.75 -6.00
CA THR A 47 -8.41 -4.68 -5.67
C THR A 47 -7.19 -4.73 -6.60
N ILE A 48 -6.25 -3.80 -6.42
CA ILE A 48 -5.02 -3.67 -7.22
C ILE A 48 -3.83 -3.59 -6.26
N SER A 49 -2.85 -4.48 -6.43
CA SER A 49 -1.59 -4.48 -5.66
C SER A 49 -0.72 -3.26 -5.96
N LYS A 50 0.09 -2.85 -4.97
CA LYS A 50 0.96 -1.65 -5.00
C LYS A 50 2.33 -1.97 -4.38
N SER A 51 3.33 -1.15 -4.69
CA SER A 51 4.63 -1.20 -4.02
C SER A 51 4.49 -0.83 -2.53
N ALA A 52 5.37 -1.37 -1.69
CA ALA A 52 5.28 -1.23 -0.24
C ALA A 52 6.66 -1.07 0.43
N VAL A 53 6.71 -0.30 1.53
CA VAL A 53 7.89 -0.12 2.41
C VAL A 53 7.51 -0.33 3.89
N SER A 54 8.48 -0.71 4.73
CA SER A 54 8.26 -0.93 6.16
C SER A 54 8.24 0.39 6.93
N PHE A 55 7.06 0.79 7.43
CA PHE A 55 6.90 1.97 8.28
C PHE A 55 7.56 1.80 9.66
N ASP A 56 7.59 0.57 10.18
CA ASP A 56 8.04 0.25 11.54
C ASP A 56 9.54 -0.16 11.61
N ASN A 57 10.26 -0.09 10.48
CA ASN A 57 11.65 -0.54 10.34
C ASN A 57 11.84 -2.02 10.75
N GLN A 58 10.94 -2.89 10.26
CA GLN A 58 10.88 -4.34 10.54
C GLN A 58 10.65 -5.14 9.25
N GLN A 59 11.13 -6.38 9.19
CA GLN A 59 11.05 -7.23 8.00
C GLN A 59 9.64 -7.83 7.87
N ILE A 60 9.09 -7.84 6.64
CA ILE A 60 7.72 -8.26 6.33
C ILE A 60 7.74 -9.24 5.16
N SER A 61 7.75 -10.53 5.47
CA SER A 61 7.78 -11.62 4.50
C SER A 61 6.47 -11.80 3.72
N TYR A 62 6.51 -12.58 2.64
CA TYR A 62 5.35 -12.99 1.84
C TYR A 62 4.26 -13.65 2.71
N GLY A 63 3.01 -13.28 2.48
CA GLY A 63 1.83 -13.96 3.05
C GLY A 63 1.35 -13.46 4.42
N THR A 64 1.93 -12.40 4.99
CA THR A 64 1.53 -11.89 6.31
C THR A 64 0.54 -10.74 6.23
N THR A 65 -0.17 -10.49 7.34
CA THR A 65 -1.25 -9.50 7.46
C THR A 65 -0.71 -8.19 8.01
N VAL A 66 -0.96 -7.10 7.28
CA VAL A 66 -0.35 -5.77 7.50
C VAL A 66 -1.38 -4.65 7.53
N LEU A 67 -1.16 -3.62 8.33
CA LEU A 67 -1.94 -2.38 8.30
C LEU A 67 -1.19 -1.36 7.45
N VAL A 68 -1.87 -0.78 6.45
CA VAL A 68 -1.32 0.38 5.71
C VAL A 68 -1.43 1.61 6.61
N VAL A 69 -0.31 2.28 6.90
CA VAL A 69 -0.22 3.35 7.91
C VAL A 69 0.20 4.71 7.34
N ASP A 70 0.81 4.75 6.17
CA ASP A 70 1.07 5.98 5.38
C ASP A 70 1.09 5.62 3.89
N ILE A 71 0.92 6.58 2.99
CA ILE A 71 0.71 6.34 1.55
C ILE A 71 1.31 7.48 0.72
N ASN A 72 2.03 7.13 -0.35
CA ASN A 72 2.73 8.07 -1.22
C ASN A 72 2.87 7.51 -2.65
N ASN A 73 2.20 8.11 -3.65
CA ASN A 73 2.29 7.79 -5.08
C ASN A 73 2.52 6.30 -5.47
N GLY A 74 1.64 5.39 -5.02
CA GLY A 74 1.72 3.95 -5.34
C GLY A 74 2.78 3.17 -4.54
N VAL A 75 3.38 3.81 -3.54
CA VAL A 75 4.41 3.29 -2.63
C VAL A 75 3.87 3.44 -1.21
N LEU A 76 3.07 2.46 -0.80
CA LEU A 76 2.41 2.39 0.51
C LEU A 76 3.46 2.15 1.61
N SER A 77 3.21 2.67 2.81
CA SER A 77 4.00 2.39 4.01
C SER A 77 3.15 1.53 4.94
N VAL A 78 3.66 0.35 5.30
CA VAL A 78 2.89 -0.68 6.00
C VAL A 78 3.65 -1.24 7.22
N THR A 79 2.92 -1.89 8.11
CA THR A 79 3.47 -2.55 9.31
C THR A 79 2.69 -3.85 9.61
N PRO A 80 3.34 -4.94 10.05
CA PRO A 80 2.66 -6.21 10.32
C PRO A 80 1.80 -6.14 11.59
N HIS A 81 0.51 -5.84 11.39
CA HIS A 81 -0.53 -5.89 12.43
C HIS A 81 -0.73 -7.32 12.96
N GLU A 82 -0.61 -8.33 12.07
CA GLU A 82 -0.78 -9.77 12.34
C GLU A 82 -1.88 -10.17 13.37
N PRO A 83 -3.14 -9.68 13.23
CA PRO A 83 -4.22 -9.97 14.16
C PRO A 83 -4.67 -11.44 14.11
N ILE A 84 -5.31 -11.91 15.20
CA ILE A 84 -5.79 -13.29 15.39
C ILE A 84 -7.22 -13.28 15.95
N GLY A 1 -14.16 22.53 -20.83
CA GLY A 1 -14.16 22.36 -19.37
C GLY A 1 -13.88 20.92 -18.90
N SER A 2 -13.76 19.96 -19.82
CA SER A 2 -13.53 18.54 -19.52
C SER A 2 -12.30 18.27 -18.65
N HIS A 3 -11.23 19.05 -18.78
CA HIS A 3 -10.02 18.93 -17.95
C HIS A 3 -10.29 19.22 -16.45
N MET A 4 -11.28 20.06 -16.11
CA MET A 4 -11.70 20.28 -14.73
C MET A 4 -12.45 19.06 -14.16
N LEU A 5 -13.26 18.39 -14.99
CA LEU A 5 -13.94 17.14 -14.63
C LEU A 5 -12.95 15.98 -14.46
N GLU A 6 -11.93 15.89 -15.33
CA GLU A 6 -10.82 14.94 -15.19
C GLU A 6 -9.99 15.20 -13.93
N SER A 7 -9.70 16.47 -13.61
CA SER A 7 -9.05 16.85 -12.35
C SER A 7 -9.89 16.46 -11.12
N SER A 8 -11.21 16.67 -11.17
CA SER A 8 -12.15 16.26 -10.11
C SER A 8 -12.18 14.73 -9.91
N ALA A 9 -12.17 13.96 -11.00
CA ALA A 9 -12.06 12.49 -10.97
C ALA A 9 -10.71 12.02 -10.39
N GLU A 10 -9.60 12.67 -10.75
CA GLU A 10 -8.27 12.37 -10.20
C GLU A 10 -8.17 12.68 -8.69
N GLU A 11 -8.74 13.80 -8.24
CA GLU A 11 -8.85 14.12 -6.81
C GLU A 11 -9.76 13.14 -6.04
N SER A 12 -10.83 12.66 -6.68
CA SER A 12 -11.69 11.60 -6.12
C SER A 12 -10.95 10.27 -6.00
N LEU A 13 -10.11 9.92 -6.97
CA LEU A 13 -9.24 8.74 -6.91
C LEU A 13 -8.19 8.89 -5.79
N ALA A 14 -7.58 10.07 -5.65
CA ALA A 14 -6.66 10.36 -4.55
C ALA A 14 -7.33 10.21 -3.16
N TYR A 15 -8.61 10.58 -3.04
CA TYR A 15 -9.41 10.35 -1.84
C TYR A 15 -9.67 8.84 -1.59
N ARG A 16 -10.02 8.07 -2.64
CA ARG A 16 -10.16 6.60 -2.56
C ARG A 16 -8.85 5.91 -2.16
N GLU A 17 -7.71 6.38 -2.67
CA GLU A 17 -6.37 5.90 -2.30
C GLU A 17 -6.03 6.24 -0.83
N ASP A 18 -6.30 7.46 -0.38
CA ASP A 18 -6.12 7.86 1.02
C ASP A 18 -7.03 7.09 2.00
N ASP A 19 -8.23 6.67 1.58
CA ASP A 19 -9.08 5.77 2.36
C ASP A 19 -8.41 4.42 2.66
N LEU A 20 -7.53 3.92 1.78
CA LEU A 20 -6.75 2.69 2.02
C LEU A 20 -5.81 2.81 3.23
N ARG A 21 -5.45 4.03 3.65
CA ARG A 21 -4.69 4.32 4.90
C ARG A 21 -5.47 3.99 6.19
N GLY A 22 -6.73 3.54 6.06
CA GLY A 22 -7.57 3.02 7.14
C GLY A 22 -7.96 1.55 6.95
N ARG A 23 -7.17 0.78 6.17
CA ARG A 23 -7.45 -0.62 5.81
C ARG A 23 -6.24 -1.54 6.02
N LEU A 24 -6.55 -2.84 6.17
CA LEU A 24 -5.55 -3.91 6.17
C LEU A 24 -5.23 -4.34 4.73
N GLY A 25 -4.05 -4.94 4.57
CA GLY A 25 -3.53 -5.53 3.34
C GLY A 25 -2.72 -6.80 3.60
N LYS A 26 -2.08 -7.30 2.55
CA LYS A 26 -1.41 -8.61 2.42
C LYS A 26 -0.16 -8.45 1.56
N VAL A 27 0.99 -8.70 2.15
CA VAL A 27 2.29 -8.62 1.44
C VAL A 27 2.45 -9.78 0.46
N ILE A 28 2.73 -9.47 -0.81
CA ILE A 28 2.91 -10.44 -1.91
C ILE A 28 4.34 -10.47 -2.48
N THR A 29 5.18 -9.50 -2.09
CA THR A 29 6.64 -9.48 -2.35
C THR A 29 7.29 -8.91 -1.10
N ALA A 30 8.27 -9.61 -0.53
CA ALA A 30 8.84 -9.31 0.78
C ALA A 30 9.39 -7.88 0.90
N VAL A 31 9.21 -7.28 2.08
CA VAL A 31 9.51 -5.87 2.39
C VAL A 31 10.52 -5.84 3.54
N PRO A 32 11.84 -5.76 3.27
CA PRO A 32 12.86 -5.80 4.31
C PRO A 32 12.90 -4.50 5.14
N VAL A 33 13.67 -4.53 6.22
CA VAL A 33 13.70 -3.49 7.28
C VAL A 33 14.04 -2.07 6.81
N ASP A 34 14.67 -1.92 5.63
CA ASP A 34 15.07 -0.64 5.04
C ASP A 34 14.96 -0.70 3.49
N GLY A 35 14.00 -1.48 2.97
CA GLY A 35 13.83 -1.75 1.53
C GLY A 35 12.37 -1.81 1.08
N PHE A 36 12.14 -2.39 -0.10
CA PHE A 36 10.88 -2.36 -0.82
C PHE A 36 10.40 -3.76 -1.27
N GLY A 37 9.07 -3.94 -1.26
CA GLY A 37 8.35 -5.10 -1.79
C GLY A 37 6.97 -4.66 -2.30
N GLU A 38 5.93 -5.49 -2.11
CA GLU A 38 4.58 -5.24 -2.62
C GLU A 38 3.48 -5.69 -1.64
N VAL A 39 2.34 -5.00 -1.67
CA VAL A 39 1.15 -5.24 -0.85
C VAL A 39 -0.13 -5.11 -1.69
N VAL A 40 -1.19 -5.80 -1.31
CA VAL A 40 -2.56 -5.67 -1.84
C VAL A 40 -3.54 -5.53 -0.67
N ILE A 41 -4.61 -4.75 -0.81
CA ILE A 41 -5.63 -4.59 0.25
C ILE A 41 -6.46 -5.87 0.39
N GLU A 42 -6.93 -6.19 1.60
CA GLU A 42 -7.55 -7.48 1.98
C GLU A 42 -8.66 -8.03 1.07
N GLY A 43 -9.30 -7.22 0.22
CA GLY A 43 -10.21 -7.67 -0.84
C GLY A 43 -9.48 -8.22 -2.08
N ILE A 44 -8.40 -8.99 -1.88
CA ILE A 44 -7.40 -9.47 -2.86
C ILE A 44 -7.94 -9.98 -4.20
N GLY A 45 -9.19 -10.48 -4.24
CA GLY A 45 -9.87 -10.95 -5.45
C GLY A 45 -10.41 -9.84 -6.38
N GLY A 46 -10.44 -8.58 -5.91
CA GLY A 46 -10.93 -7.41 -6.66
C GLY A 46 -10.14 -6.11 -6.44
N THR A 47 -9.36 -6.01 -5.37
CA THR A 47 -8.38 -4.92 -5.13
C THR A 47 -7.16 -5.03 -6.06
N ILE A 48 -6.22 -4.08 -5.95
CA ILE A 48 -5.05 -3.93 -6.84
C ILE A 48 -3.77 -3.84 -6.00
N SER A 49 -2.74 -4.60 -6.39
CA SER A 49 -1.41 -4.59 -5.75
C SER A 49 -0.63 -3.29 -6.02
N LYS A 50 0.21 -2.91 -5.06
CA LYS A 50 1.00 -1.67 -5.00
C LYS A 50 2.39 -1.94 -4.42
N SER A 51 3.36 -1.07 -4.69
CA SER A 51 4.67 -1.11 -4.02
C SER A 51 4.54 -0.79 -2.53
N ALA A 52 5.45 -1.34 -1.71
CA ALA A 52 5.38 -1.22 -0.25
C ALA A 52 6.75 -1.09 0.43
N VAL A 53 6.79 -0.34 1.54
CA VAL A 53 7.94 -0.21 2.48
C VAL A 53 7.48 -0.45 3.93
N SER A 54 8.39 -0.85 4.81
CA SER A 54 8.08 -0.98 6.25
C SER A 54 8.11 0.38 6.95
N PHE A 55 7.01 0.75 7.60
CA PHE A 55 6.91 1.92 8.48
C PHE A 55 7.53 1.68 9.87
N ASP A 56 7.85 0.43 10.20
CA ASP A 56 8.25 -0.04 11.54
C ASP A 56 9.60 -0.78 11.54
N ASN A 57 10.38 -0.63 10.47
CA ASN A 57 11.66 -1.31 10.20
C ASN A 57 11.62 -2.83 10.45
N GLN A 58 10.57 -3.49 9.97
CA GLN A 58 10.37 -4.95 10.03
C GLN A 58 10.71 -5.61 8.69
N GLN A 59 11.06 -6.90 8.73
CA GLN A 59 11.30 -7.73 7.54
C GLN A 59 10.02 -8.52 7.23
N ILE A 60 9.11 -7.90 6.48
CA ILE A 60 7.74 -8.38 6.23
C ILE A 60 7.75 -9.36 5.05
N SER A 61 7.85 -10.65 5.36
CA SER A 61 7.79 -11.74 4.37
C SER A 61 6.44 -11.84 3.65
N TYR A 62 6.42 -12.59 2.55
CA TYR A 62 5.20 -13.00 1.83
C TYR A 62 4.13 -13.61 2.75
N GLY A 63 2.86 -13.32 2.48
CA GLY A 63 1.72 -14.01 3.11
C GLY A 63 1.39 -13.59 4.56
N THR A 64 1.60 -12.33 4.94
CA THR A 64 1.19 -11.80 6.26
C THR A 64 0.30 -10.57 6.15
N THR A 65 -0.52 -10.34 7.18
CA THR A 65 -1.52 -9.28 7.22
C THR A 65 -0.93 -8.02 7.85
N VAL A 66 -1.05 -6.91 7.14
CA VAL A 66 -0.38 -5.63 7.43
C VAL A 66 -1.39 -4.48 7.45
N LEU A 67 -1.20 -3.49 8.31
CA LEU A 67 -1.97 -2.25 8.28
C LEU A 67 -1.22 -1.22 7.42
N VAL A 68 -1.88 -0.63 6.42
CA VAL A 68 -1.32 0.52 5.69
C VAL A 68 -1.43 1.74 6.58
N VAL A 69 -0.29 2.35 6.94
CA VAL A 69 -0.20 3.43 7.94
C VAL A 69 0.24 4.78 7.33
N ASP A 70 0.86 4.77 6.16
CA ASP A 70 1.13 5.97 5.34
C ASP A 70 1.13 5.60 3.85
N ILE A 71 1.04 6.57 2.95
CA ILE A 71 0.94 6.35 1.49
C ILE A 71 1.65 7.48 0.75
N ASN A 72 2.47 7.12 -0.24
CA ASN A 72 3.35 8.01 -1.00
C ASN A 72 3.27 7.70 -2.52
N ASN A 73 2.25 8.24 -3.19
CA ASN A 73 2.08 8.22 -4.67
C ASN A 73 2.24 6.84 -5.35
N GLY A 74 1.81 5.76 -4.67
CA GLY A 74 1.89 4.37 -5.16
C GLY A 74 2.84 3.47 -4.33
N VAL A 75 3.68 4.08 -3.48
CA VAL A 75 4.51 3.38 -2.48
C VAL A 75 3.82 3.51 -1.12
N LEU A 76 3.18 2.42 -0.68
CA LEU A 76 2.50 2.35 0.61
C LEU A 76 3.53 2.10 1.73
N SER A 77 3.28 2.64 2.91
CA SER A 77 4.05 2.36 4.13
C SER A 77 3.19 1.52 5.05
N VAL A 78 3.68 0.33 5.43
CA VAL A 78 2.87 -0.67 6.13
C VAL A 78 3.60 -1.25 7.34
N THR A 79 2.85 -1.89 8.24
CA THR A 79 3.39 -2.58 9.43
C THR A 79 2.57 -3.85 9.71
N PRO A 80 3.16 -4.98 10.14
CA PRO A 80 2.44 -6.23 10.37
C PRO A 80 1.53 -6.17 11.60
N HIS A 81 0.27 -5.78 11.38
CA HIS A 81 -0.78 -5.79 12.40
C HIS A 81 -1.12 -7.22 12.85
N GLU A 82 -1.07 -8.19 11.92
CA GLU A 82 -1.41 -9.61 12.11
C GLU A 82 -2.65 -9.88 13.01
N PRO A 83 -3.82 -9.28 12.72
CA PRO A 83 -5.04 -9.46 13.52
C PRO A 83 -5.61 -10.87 13.42
N ILE A 84 -6.40 -11.27 14.42
CA ILE A 84 -7.05 -12.60 14.55
C ILE A 84 -8.49 -12.43 15.04
N GLY A 1 -1.73 19.99 -23.61
CA GLY A 1 -1.99 19.94 -22.16
C GLY A 1 -2.17 18.53 -21.59
N SER A 2 -2.12 17.49 -22.43
CA SER A 2 -2.36 16.08 -22.05
C SER A 2 -1.48 15.59 -20.90
N HIS A 3 -0.23 16.04 -20.82
CA HIS A 3 0.69 15.68 -19.72
C HIS A 3 0.20 16.21 -18.35
N MET A 4 -0.36 17.42 -18.31
CA MET A 4 -0.98 17.99 -17.11
C MET A 4 -2.26 17.24 -16.73
N LEU A 5 -3.10 16.90 -17.71
CA LEU A 5 -4.34 16.14 -17.50
C LEU A 5 -4.07 14.71 -16.99
N GLU A 6 -3.01 14.05 -17.46
CA GLU A 6 -2.57 12.77 -16.92
C GLU A 6 -1.97 12.90 -15.50
N SER A 7 -1.23 13.98 -15.22
CA SER A 7 -0.71 14.28 -13.88
C SER A 7 -1.84 14.51 -12.87
N SER A 8 -2.87 15.28 -13.21
CA SER A 8 -4.04 15.50 -12.33
C SER A 8 -4.89 14.24 -12.14
N ALA A 9 -5.04 13.40 -13.17
CA ALA A 9 -5.69 12.10 -13.06
C ALA A 9 -4.91 11.14 -12.13
N GLU A 10 -3.58 11.09 -12.24
CA GLU A 10 -2.74 10.29 -11.34
C GLU A 10 -2.75 10.84 -9.90
N GLU A 11 -2.77 12.16 -9.71
CA GLU A 11 -2.95 12.81 -8.41
C GLU A 11 -4.32 12.49 -7.78
N SER A 12 -5.39 12.44 -8.60
CA SER A 12 -6.72 11.99 -8.16
C SER A 12 -6.73 10.52 -7.75
N LEU A 13 -5.98 9.66 -8.47
CA LEU A 13 -5.80 8.26 -8.10
C LEU A 13 -4.98 8.11 -6.80
N ALA A 14 -3.95 8.94 -6.59
CA ALA A 14 -3.21 9.00 -5.33
C ALA A 14 -4.10 9.43 -4.15
N TYR A 15 -5.05 10.36 -4.37
CA TYR A 15 -6.06 10.73 -3.38
C TYR A 15 -7.03 9.56 -3.04
N ARG A 16 -7.46 8.79 -4.05
CA ARG A 16 -8.24 7.53 -3.85
C ARG A 16 -7.43 6.47 -3.11
N GLU A 17 -6.15 6.32 -3.44
CA GLU A 17 -5.21 5.41 -2.78
C GLU A 17 -5.01 5.79 -1.30
N ASP A 18 -4.97 7.07 -0.96
CA ASP A 18 -4.88 7.53 0.43
C ASP A 18 -6.12 7.15 1.28
N ASP A 19 -7.29 6.88 0.68
CA ASP A 19 -8.43 6.30 1.41
C ASP A 19 -8.14 4.87 1.93
N LEU A 20 -7.29 4.11 1.22
CA LEU A 20 -6.87 2.75 1.59
C LEU A 20 -6.03 2.72 2.88
N ARG A 21 -5.52 3.87 3.34
CA ARG A 21 -4.79 4.02 4.62
C ARG A 21 -5.59 3.50 5.84
N GLY A 22 -6.92 3.51 5.76
CA GLY A 22 -7.81 3.00 6.81
C GLY A 22 -8.09 1.49 6.75
N ARG A 23 -7.32 0.71 5.97
CA ARG A 23 -7.54 -0.72 5.70
C ARG A 23 -6.28 -1.57 5.90
N LEU A 24 -6.51 -2.87 6.10
CA LEU A 24 -5.46 -3.90 6.10
C LEU A 24 -5.11 -4.29 4.66
N GLY A 25 -3.92 -4.85 4.51
CA GLY A 25 -3.37 -5.43 3.28
C GLY A 25 -2.61 -6.74 3.54
N LYS A 26 -1.98 -7.26 2.48
CA LYS A 26 -1.36 -8.59 2.39
C LYS A 26 -0.11 -8.50 1.53
N VAL A 27 1.05 -8.76 2.11
CA VAL A 27 2.37 -8.68 1.43
C VAL A 27 2.56 -9.87 0.48
N ILE A 28 3.03 -9.57 -0.74
CA ILE A 28 3.19 -10.52 -1.86
C ILE A 28 4.62 -10.55 -2.44
N THR A 29 5.45 -9.58 -2.06
CA THR A 29 6.90 -9.53 -2.32
C THR A 29 7.53 -8.94 -1.07
N ALA A 30 8.54 -9.61 -0.50
CA ALA A 30 9.09 -9.30 0.82
C ALA A 30 9.56 -7.83 0.95
N VAL A 31 9.25 -7.22 2.11
CA VAL A 31 9.50 -5.82 2.45
C VAL A 31 10.46 -5.79 3.65
N PRO A 32 11.79 -5.62 3.45
CA PRO A 32 12.75 -5.61 4.54
C PRO A 32 12.77 -4.28 5.31
N VAL A 33 13.55 -4.25 6.39
CA VAL A 33 13.59 -3.18 7.41
C VAL A 33 13.84 -1.76 6.87
N ASP A 34 14.54 -1.64 5.74
CA ASP A 34 14.93 -0.37 5.10
C ASP A 34 14.85 -0.48 3.56
N GLY A 35 13.93 -1.31 3.06
CA GLY A 35 13.80 -1.65 1.63
C GLY A 35 12.34 -1.72 1.14
N PHE A 36 12.17 -2.32 -0.04
CA PHE A 36 10.91 -2.32 -0.80
C PHE A 36 10.48 -3.74 -1.21
N GLY A 37 9.17 -3.94 -1.24
CA GLY A 37 8.47 -5.13 -1.75
C GLY A 37 7.10 -4.73 -2.29
N GLU A 38 6.08 -5.57 -2.13
CA GLU A 38 4.73 -5.34 -2.68
C GLU A 38 3.63 -5.84 -1.74
N VAL A 39 2.44 -5.24 -1.88
CA VAL A 39 1.24 -5.46 -1.05
C VAL A 39 -0.04 -5.34 -1.90
N VAL A 40 -1.13 -5.93 -1.41
CA VAL A 40 -2.52 -5.78 -1.91
C VAL A 40 -3.42 -5.45 -0.72
N ILE A 41 -4.46 -4.62 -0.89
CA ILE A 41 -5.49 -4.43 0.16
C ILE A 41 -6.35 -5.70 0.28
N GLU A 42 -6.83 -5.99 1.49
CA GLU A 42 -7.51 -7.26 1.85
C GLU A 42 -8.78 -7.62 1.05
N GLY A 43 -9.36 -6.71 0.27
CA GLY A 43 -10.43 -6.96 -0.70
C GLY A 43 -9.96 -7.68 -1.98
N ILE A 44 -9.09 -8.68 -1.83
CA ILE A 44 -8.34 -9.38 -2.90
C ILE A 44 -9.16 -9.87 -4.11
N GLY A 45 -10.48 -10.06 -3.97
CA GLY A 45 -11.41 -10.33 -5.08
C GLY A 45 -11.57 -9.18 -6.10
N GLY A 46 -11.17 -7.95 -5.75
CA GLY A 46 -11.27 -6.77 -6.62
C GLY A 46 -10.23 -5.65 -6.42
N THR A 47 -9.43 -5.68 -5.36
CA THR A 47 -8.31 -4.73 -5.11
C THR A 47 -7.12 -4.95 -6.06
N ILE A 48 -6.13 -4.04 -6.03
CA ILE A 48 -4.99 -3.96 -6.95
C ILE A 48 -3.68 -3.87 -6.15
N SER A 49 -2.64 -4.59 -6.58
CA SER A 49 -1.31 -4.60 -5.96
C SER A 49 -0.52 -3.29 -6.16
N LYS A 50 0.33 -2.93 -5.19
CA LYS A 50 1.19 -1.74 -5.16
C LYS A 50 2.55 -2.04 -4.53
N SER A 51 3.54 -1.17 -4.76
CA SER A 51 4.83 -1.22 -4.04
C SER A 51 4.64 -0.89 -2.56
N ALA A 52 5.49 -1.44 -1.70
CA ALA A 52 5.39 -1.30 -0.24
C ALA A 52 6.75 -1.14 0.46
N VAL A 53 6.78 -0.37 1.55
CA VAL A 53 7.93 -0.17 2.46
C VAL A 53 7.56 -0.41 3.93
N SER A 54 8.54 -0.78 4.77
CA SER A 54 8.32 -1.01 6.20
C SER A 54 8.31 0.30 6.99
N PHE A 55 7.14 0.71 7.46
CA PHE A 55 6.99 1.90 8.32
C PHE A 55 7.63 1.71 9.71
N ASP A 56 7.60 0.49 10.22
CA ASP A 56 8.04 0.14 11.59
C ASP A 56 9.52 -0.29 11.68
N ASN A 57 10.27 -0.20 10.57
CA ASN A 57 11.66 -0.67 10.44
C ASN A 57 11.82 -2.15 10.86
N GLN A 58 10.94 -3.01 10.33
CA GLN A 58 10.87 -4.46 10.59
C GLN A 58 10.67 -5.25 9.27
N GLN A 59 11.09 -6.51 9.25
CA GLN A 59 11.07 -7.34 8.03
C GLN A 59 9.69 -8.00 7.86
N ILE A 60 9.15 -7.97 6.65
CA ILE A 60 7.78 -8.41 6.33
C ILE A 60 7.82 -9.38 5.14
N SER A 61 7.74 -10.67 5.42
CA SER A 61 7.75 -11.76 4.43
C SER A 61 6.43 -11.88 3.64
N TYR A 62 6.45 -12.68 2.57
CA TYR A 62 5.27 -13.09 1.81
C TYR A 62 4.17 -13.70 2.70
N GLY A 63 2.91 -13.38 2.40
CA GLY A 63 1.75 -14.03 3.01
C GLY A 63 1.42 -13.61 4.44
N THR A 64 1.66 -12.35 4.83
CA THR A 64 1.25 -11.83 6.15
C THR A 64 0.37 -10.59 6.04
N THR A 65 -0.46 -10.36 7.06
CA THR A 65 -1.44 -9.28 7.09
C THR A 65 -0.85 -8.04 7.75
N VAL A 66 -0.97 -6.91 7.07
CA VAL A 66 -0.30 -5.64 7.38
C VAL A 66 -1.29 -4.49 7.42
N LEU A 67 -1.10 -3.52 8.30
CA LEU A 67 -1.86 -2.26 8.29
C LEU A 67 -1.10 -1.23 7.45
N VAL A 68 -1.78 -0.59 6.49
CA VAL A 68 -1.20 0.45 5.61
C VAL A 68 -1.19 1.81 6.34
N VAL A 69 -0.23 1.98 7.25
CA VAL A 69 -0.14 3.10 8.19
C VAL A 69 0.19 4.46 7.57
N ASP A 70 0.84 4.50 6.40
CA ASP A 70 1.03 5.73 5.61
C ASP A 70 1.02 5.39 4.11
N ILE A 71 0.87 6.38 3.23
CA ILE A 71 0.72 6.17 1.78
C ILE A 71 1.39 7.32 1.00
N ASN A 72 2.08 6.94 -0.08
CA ASN A 72 2.63 7.81 -1.11
C ASN A 72 2.29 7.19 -2.50
N ASN A 73 2.36 7.98 -3.57
CA ASN A 73 1.96 7.63 -4.94
C ASN A 73 2.49 6.26 -5.44
N GLY A 74 1.67 5.21 -5.31
CA GLY A 74 2.00 3.82 -5.65
C GLY A 74 3.02 3.13 -4.73
N VAL A 75 3.37 3.74 -3.60
CA VAL A 75 4.38 3.28 -2.61
C VAL A 75 3.79 3.42 -1.21
N LEU A 76 3.11 2.36 -0.77
CA LEU A 76 2.43 2.28 0.52
C LEU A 76 3.45 2.03 1.65
N SER A 77 3.20 2.55 2.85
CA SER A 77 4.01 2.30 4.04
C SER A 77 3.20 1.42 4.99
N VAL A 78 3.73 0.25 5.32
CA VAL A 78 2.97 -0.80 6.03
C VAL A 78 3.72 -1.36 7.24
N THR A 79 2.99 -2.05 8.11
CA THR A 79 3.53 -2.72 9.31
C THR A 79 2.70 -3.98 9.61
N PRO A 80 3.29 -5.11 10.04
CA PRO A 80 2.55 -6.35 10.27
C PRO A 80 1.65 -6.29 11.52
N HIS A 81 0.40 -5.88 11.31
CA HIS A 81 -0.66 -5.89 12.33
C HIS A 81 -1.02 -7.34 12.73
N GLU A 82 -0.99 -8.27 11.77
CA GLU A 82 -1.36 -9.69 11.92
C GLU A 82 -2.59 -9.97 12.83
N PRO A 83 -3.76 -9.34 12.58
CA PRO A 83 -4.96 -9.52 13.41
C PRO A 83 -5.58 -10.91 13.27
N ILE A 84 -6.39 -11.31 14.27
CA ILE A 84 -7.08 -12.60 14.35
C ILE A 84 -8.55 -12.41 14.72
N GLY A 1 -4.94 28.78 -15.04
CA GLY A 1 -5.83 28.19 -14.02
C GLY A 1 -6.02 26.67 -14.15
N SER A 2 -5.75 26.09 -15.32
CA SER A 2 -5.78 24.63 -15.55
C SER A 2 -4.85 23.85 -14.60
N HIS A 3 -3.68 24.42 -14.29
CA HIS A 3 -2.74 23.90 -13.29
C HIS A 3 -3.34 23.80 -11.87
N MET A 4 -4.28 24.68 -11.49
CA MET A 4 -5.00 24.59 -10.21
C MET A 4 -6.03 23.46 -10.21
N LEU A 5 -6.75 23.28 -11.34
CA LEU A 5 -7.70 22.17 -11.51
C LEU A 5 -6.97 20.82 -11.49
N GLU A 6 -5.80 20.72 -12.13
CA GLU A 6 -4.93 19.54 -12.07
C GLU A 6 -4.38 19.29 -10.65
N SER A 7 -4.03 20.34 -9.91
CA SER A 7 -3.62 20.22 -8.50
C SER A 7 -4.75 19.69 -7.62
N SER A 8 -6.00 20.12 -7.84
CA SER A 8 -7.19 19.57 -7.17
C SER A 8 -7.48 18.12 -7.56
N ALA A 9 -7.27 17.73 -8.82
CA ALA A 9 -7.40 16.35 -9.27
C ALA A 9 -6.36 15.42 -8.62
N GLU A 10 -5.09 15.83 -8.53
CA GLU A 10 -4.04 15.10 -7.82
C GLU A 10 -4.27 15.04 -6.31
N GLU A 11 -4.79 16.12 -5.70
CA GLU A 11 -5.22 16.12 -4.30
C GLU A 11 -6.40 15.17 -4.05
N SER A 12 -7.35 15.08 -4.98
CA SER A 12 -8.45 14.11 -4.93
C SER A 12 -7.94 12.66 -5.06
N LEU A 13 -6.92 12.42 -5.89
CA LEU A 13 -6.26 11.11 -6.01
C LEU A 13 -5.53 10.75 -4.70
N ALA A 14 -4.81 11.69 -4.09
CA ALA A 14 -4.20 11.51 -2.77
C ALA A 14 -5.25 11.17 -1.69
N TYR A 15 -6.44 11.76 -1.77
CA TYR A 15 -7.59 11.39 -0.92
C TYR A 15 -8.13 9.99 -1.22
N ARG A 16 -8.15 9.53 -2.49
CA ARG A 16 -8.47 8.13 -2.82
C ARG A 16 -7.45 7.15 -2.28
N GLU A 17 -6.16 7.47 -2.33
CA GLU A 17 -5.11 6.69 -1.66
C GLU A 17 -5.31 6.67 -0.14
N ASP A 18 -5.62 7.80 0.49
CA ASP A 18 -5.84 7.87 1.95
C ASP A 18 -7.01 7.00 2.43
N ASP A 19 -7.94 6.62 1.55
CA ASP A 19 -8.97 5.61 1.87
C ASP A 19 -8.36 4.23 2.17
N LEU A 20 -7.31 3.83 1.44
CA LEU A 20 -6.56 2.59 1.67
C LEU A 20 -5.78 2.61 2.99
N ARG A 21 -5.43 3.80 3.51
CA ARG A 21 -4.79 4.02 4.82
C ARG A 21 -5.69 3.66 6.02
N GLY A 22 -6.96 3.33 5.76
CA GLY A 22 -7.91 2.80 6.73
C GLY A 22 -8.19 1.29 6.57
N ARG A 23 -7.34 0.57 5.85
CA ARG A 23 -7.53 -0.85 5.47
C ARG A 23 -6.29 -1.71 5.77
N LEU A 24 -6.53 -2.99 6.01
CA LEU A 24 -5.47 -4.01 6.09
C LEU A 24 -5.09 -4.44 4.65
N GLY A 25 -3.89 -4.98 4.51
CA GLY A 25 -3.32 -5.54 3.30
C GLY A 25 -2.55 -6.84 3.55
N LYS A 26 -1.93 -7.35 2.50
CA LYS A 26 -1.30 -8.67 2.40
C LYS A 26 -0.05 -8.59 1.52
N VAL A 27 1.12 -8.81 2.11
CA VAL A 27 2.42 -8.72 1.43
C VAL A 27 2.63 -9.91 0.48
N ILE A 28 3.09 -9.61 -0.74
CA ILE A 28 3.25 -10.56 -1.87
C ILE A 28 4.68 -10.59 -2.45
N THR A 29 5.51 -9.61 -2.10
CA THR A 29 6.96 -9.56 -2.36
C THR A 29 7.59 -8.96 -1.10
N ALA A 30 8.61 -9.62 -0.55
CA ALA A 30 9.17 -9.29 0.77
C ALA A 30 9.62 -7.83 0.89
N VAL A 31 9.31 -7.22 2.04
CA VAL A 31 9.54 -5.81 2.38
C VAL A 31 10.50 -5.76 3.57
N PRO A 32 11.82 -5.64 3.35
CA PRO A 32 12.80 -5.63 4.44
C PRO A 32 12.82 -4.30 5.20
N VAL A 33 13.58 -4.29 6.32
CA VAL A 33 13.60 -3.22 7.34
C VAL A 33 13.88 -1.80 6.81
N ASP A 34 14.59 -1.68 5.69
CA ASP A 34 14.96 -0.42 5.04
C ASP A 34 14.89 -0.53 3.50
N GLY A 35 13.98 -1.36 2.99
CA GLY A 35 13.84 -1.68 1.56
C GLY A 35 12.39 -1.76 1.08
N PHE A 36 12.20 -2.35 -0.11
CA PHE A 36 10.94 -2.34 -0.86
C PHE A 36 10.50 -3.75 -1.29
N GLY A 37 9.19 -3.95 -1.30
CA GLY A 37 8.50 -5.13 -1.83
C GLY A 37 7.12 -4.74 -2.35
N GLU A 38 6.10 -5.59 -2.18
CA GLU A 38 4.75 -5.38 -2.72
C GLU A 38 3.65 -5.89 -1.77
N VAL A 39 2.47 -5.31 -1.89
CA VAL A 39 1.27 -5.56 -1.07
C VAL A 39 -0.01 -5.46 -1.90
N VAL A 40 -1.09 -6.06 -1.40
CA VAL A 40 -2.48 -5.93 -1.91
C VAL A 40 -3.39 -5.59 -0.73
N ILE A 41 -4.43 -4.78 -0.90
CA ILE A 41 -5.45 -4.56 0.15
C ILE A 41 -6.32 -5.82 0.29
N GLU A 42 -6.79 -6.09 1.51
CA GLU A 42 -7.46 -7.36 1.90
C GLU A 42 -8.74 -7.73 1.12
N GLY A 43 -9.33 -6.82 0.34
CA GLY A 43 -10.42 -7.08 -0.61
C GLY A 43 -9.97 -7.80 -1.89
N ILE A 44 -9.07 -8.79 -1.76
CA ILE A 44 -8.34 -9.49 -2.83
C ILE A 44 -9.16 -9.98 -4.04
N GLY A 45 -10.47 -10.18 -3.90
CA GLY A 45 -11.41 -10.46 -5.00
C GLY A 45 -11.59 -9.31 -6.00
N GLY A 46 -11.20 -8.07 -5.65
CA GLY A 46 -11.33 -6.88 -6.51
C GLY A 46 -10.30 -5.75 -6.31
N THR A 47 -9.50 -5.77 -5.25
CA THR A 47 -8.38 -4.83 -5.02
C THR A 47 -7.20 -5.05 -5.99
N ILE A 48 -6.20 -4.15 -5.94
CA ILE A 48 -5.06 -4.07 -6.89
C ILE A 48 -3.74 -4.00 -6.09
N SER A 49 -2.70 -4.70 -6.57
CA SER A 49 -1.36 -4.70 -5.96
C SER A 49 -0.61 -3.37 -6.13
N LYS A 50 0.27 -3.06 -5.16
CA LYS A 50 1.07 -1.83 -5.08
C LYS A 50 2.46 -2.12 -4.51
N SER A 51 3.41 -1.21 -4.72
CA SER A 51 4.73 -1.24 -4.05
C SER A 51 4.58 -0.93 -2.56
N ALA A 52 5.47 -1.46 -1.72
CA ALA A 52 5.42 -1.32 -0.27
C ALA A 52 6.80 -1.16 0.41
N VAL A 53 6.84 -0.40 1.50
CA VAL A 53 7.99 -0.22 2.42
C VAL A 53 7.58 -0.44 3.89
N SER A 54 8.52 -0.77 4.77
CA SER A 54 8.25 -0.87 6.22
C SER A 54 8.18 0.52 6.85
N PHE A 55 7.06 0.85 7.49
CA PHE A 55 6.90 2.06 8.31
C PHE A 55 7.53 1.92 9.71
N ASP A 56 7.74 0.69 10.17
CA ASP A 56 8.13 0.36 11.56
C ASP A 56 9.51 -0.32 11.66
N ASN A 57 10.30 -0.28 10.59
CA ASN A 57 11.64 -0.86 10.47
C ASN A 57 11.64 -2.38 10.83
N GLN A 58 10.70 -3.12 10.27
CA GLN A 58 10.56 -4.58 10.39
C GLN A 58 10.73 -5.27 9.03
N GLN A 59 11.18 -6.53 9.03
CA GLN A 59 11.24 -7.38 7.84
C GLN A 59 9.87 -8.08 7.68
N ILE A 60 9.22 -7.91 6.53
CA ILE A 60 7.85 -8.35 6.25
C ILE A 60 7.87 -9.30 5.05
N SER A 61 7.94 -10.60 5.32
CA SER A 61 7.93 -11.67 4.31
C SER A 61 6.57 -11.81 3.59
N TYR A 62 6.56 -12.58 2.49
CA TYR A 62 5.36 -13.02 1.79
C TYR A 62 4.31 -13.64 2.73
N GLY A 63 3.02 -13.39 2.46
CA GLY A 63 1.91 -14.09 3.11
C GLY A 63 1.60 -13.66 4.55
N THR A 64 1.74 -12.36 4.89
CA THR A 64 1.36 -11.83 6.22
C THR A 64 0.46 -10.60 6.11
N THR A 65 -0.34 -10.37 7.15
CA THR A 65 -1.36 -9.30 7.17
C THR A 65 -0.78 -8.04 7.81
N VAL A 66 -0.90 -6.93 7.08
CA VAL A 66 -0.25 -5.64 7.38
C VAL A 66 -1.28 -4.52 7.40
N LEU A 67 -1.10 -3.51 8.26
CA LEU A 67 -1.88 -2.28 8.22
C LEU A 67 -1.13 -1.24 7.38
N VAL A 68 -1.80 -0.66 6.38
CA VAL A 68 -1.25 0.49 5.65
C VAL A 68 -1.36 1.73 6.56
N VAL A 69 -0.22 2.34 6.88
CA VAL A 69 -0.10 3.41 7.90
C VAL A 69 0.35 4.77 7.33
N ASP A 70 0.96 4.78 6.14
CA ASP A 70 1.25 5.99 5.35
C ASP A 70 1.30 5.60 3.86
N ILE A 71 1.21 6.55 2.93
CA ILE A 71 1.14 6.26 1.48
C ILE A 71 1.82 7.39 0.68
N ASN A 72 2.59 6.99 -0.34
CA ASN A 72 3.45 7.85 -1.15
C ASN A 72 3.32 7.49 -2.65
N ASN A 73 2.27 7.98 -3.30
CA ASN A 73 2.01 7.89 -4.76
C ASN A 73 2.28 6.49 -5.37
N GLY A 74 1.64 5.45 -4.83
CA GLY A 74 1.77 4.06 -5.28
C GLY A 74 2.80 3.22 -4.49
N VAL A 75 3.59 3.86 -3.61
CA VAL A 75 4.47 3.20 -2.63
C VAL A 75 3.83 3.35 -1.26
N LEU A 76 3.22 2.28 -0.77
CA LEU A 76 2.55 2.25 0.53
C LEU A 76 3.59 2.04 1.64
N SER A 77 3.35 2.60 2.82
CA SER A 77 4.13 2.36 4.03
C SER A 77 3.27 1.52 4.97
N VAL A 78 3.74 0.33 5.32
CA VAL A 78 2.95 -0.68 6.03
C VAL A 78 3.69 -1.24 7.25
N THR A 79 2.95 -1.88 8.15
CA THR A 79 3.48 -2.56 9.35
C THR A 79 2.67 -3.83 9.65
N PRO A 80 3.28 -4.96 10.08
CA PRO A 80 2.57 -6.22 10.31
C PRO A 80 1.65 -6.18 11.54
N HIS A 81 0.39 -5.80 11.32
CA HIS A 81 -0.66 -5.77 12.33
C HIS A 81 -1.05 -7.19 12.80
N GLU A 82 -1.08 -8.16 11.86
CA GLU A 82 -1.52 -9.55 12.07
C GLU A 82 -2.74 -9.73 13.02
N PRO A 83 -3.89 -9.07 12.75
CA PRO A 83 -5.08 -9.16 13.59
C PRO A 83 -5.74 -10.56 13.56
N ILE A 84 -6.56 -10.85 14.57
CA ILE A 84 -7.31 -12.12 14.69
C ILE A 84 -8.28 -12.31 13.51
N GLY A 1 -0.10 19.64 -23.84
CA GLY A 1 -0.64 19.87 -22.50
C GLY A 1 -1.17 18.60 -21.79
N SER A 2 -1.29 17.48 -22.52
CA SER A 2 -1.84 16.20 -22.01
C SER A 2 -1.11 15.67 -20.77
N HIS A 3 0.19 15.96 -20.63
CA HIS A 3 0.98 15.63 -19.44
C HIS A 3 0.44 16.26 -18.13
N MET A 4 -0.20 17.43 -18.19
CA MET A 4 -0.87 18.05 -17.03
C MET A 4 -2.17 17.31 -16.67
N LEU A 5 -2.93 16.87 -17.67
CA LEU A 5 -4.16 16.08 -17.50
C LEU A 5 -3.86 14.68 -16.96
N GLU A 6 -2.75 14.07 -17.38
CA GLU A 6 -2.25 12.82 -16.81
C GLU A 6 -1.74 12.99 -15.38
N SER A 7 -1.08 14.12 -15.08
CA SER A 7 -0.64 14.44 -13.71
C SER A 7 -1.83 14.64 -12.76
N SER A 8 -2.89 15.35 -13.17
CA SER A 8 -4.10 15.51 -12.35
C SER A 8 -4.87 14.19 -12.17
N ALA A 9 -4.92 13.33 -13.19
CA ALA A 9 -5.47 11.97 -13.07
C ALA A 9 -4.66 11.10 -12.09
N GLU A 10 -3.33 11.18 -12.11
CA GLU A 10 -2.46 10.48 -11.17
C GLU A 10 -2.64 10.98 -9.73
N GLU A 11 -2.77 12.30 -9.51
CA GLU A 11 -3.07 12.87 -8.19
C GLU A 11 -4.47 12.51 -7.69
N SER A 12 -5.45 12.38 -8.59
CA SER A 12 -6.79 11.87 -8.26
C SER A 12 -6.72 10.40 -7.82
N LEU A 13 -5.93 9.57 -8.51
CA LEU A 13 -5.68 8.18 -8.11
C LEU A 13 -4.95 8.12 -6.75
N ALA A 14 -3.96 8.98 -6.51
CA ALA A 14 -3.25 9.06 -5.23
C ALA A 14 -4.21 9.44 -4.07
N TYR A 15 -5.20 10.31 -4.32
CA TYR A 15 -6.25 10.62 -3.35
C TYR A 15 -7.17 9.42 -3.05
N ARG A 16 -7.56 8.64 -4.08
CA ARG A 16 -8.30 7.37 -3.90
C ARG A 16 -7.48 6.32 -3.16
N GLU A 17 -6.19 6.23 -3.45
CA GLU A 17 -5.24 5.36 -2.75
C GLU A 17 -5.08 5.76 -1.29
N ASP A 18 -5.04 7.05 -0.96
CA ASP A 18 -4.97 7.53 0.42
C ASP A 18 -6.20 7.16 1.28
N ASP A 19 -7.37 6.90 0.67
CA ASP A 19 -8.52 6.33 1.38
C ASP A 19 -8.22 4.91 1.93
N LEU A 20 -7.36 4.13 1.24
CA LEU A 20 -6.95 2.79 1.65
C LEU A 20 -6.09 2.79 2.93
N ARG A 21 -5.59 3.95 3.39
CA ARG A 21 -4.83 4.11 4.64
C ARG A 21 -5.59 3.60 5.88
N GLY A 22 -6.92 3.62 5.84
CA GLY A 22 -7.79 3.10 6.90
C GLY A 22 -8.07 1.59 6.85
N ARG A 23 -7.32 0.82 6.05
CA ARG A 23 -7.55 -0.63 5.80
C ARG A 23 -6.28 -1.47 5.97
N LEU A 24 -6.50 -2.76 6.19
CA LEU A 24 -5.46 -3.79 6.19
C LEU A 24 -5.13 -4.21 4.74
N GLY A 25 -3.93 -4.76 4.57
CA GLY A 25 -3.42 -5.38 3.35
C GLY A 25 -2.65 -6.67 3.63
N LYS A 26 -2.06 -7.23 2.57
CA LYS A 26 -1.44 -8.55 2.49
C LYS A 26 -0.24 -8.47 1.54
N VAL A 27 0.95 -8.72 2.09
CA VAL A 27 2.23 -8.64 1.35
C VAL A 27 2.38 -9.84 0.41
N ILE A 28 2.76 -9.57 -0.85
CA ILE A 28 2.98 -10.57 -1.91
C ILE A 28 4.41 -10.60 -2.46
N THR A 29 5.21 -9.57 -2.18
CA THR A 29 6.67 -9.53 -2.43
C THR A 29 7.31 -8.95 -1.18
N ALA A 30 8.31 -9.64 -0.63
CA ALA A 30 8.90 -9.34 0.69
C ALA A 30 9.40 -7.89 0.83
N VAL A 31 9.15 -7.31 2.00
CA VAL A 31 9.44 -5.91 2.36
C VAL A 31 10.42 -5.92 3.54
N PRO A 32 11.74 -5.83 3.32
CA PRO A 32 12.73 -5.86 4.40
C PRO A 32 12.80 -4.55 5.20
N VAL A 33 13.57 -4.57 6.29
CA VAL A 33 13.63 -3.52 7.32
C VAL A 33 13.98 -2.10 6.82
N ASP A 34 14.62 -2.00 5.66
CA ASP A 34 15.05 -0.74 5.04
C ASP A 34 14.96 -0.81 3.50
N GLY A 35 13.99 -1.59 2.99
CA GLY A 35 13.84 -1.89 1.55
C GLY A 35 12.38 -1.92 1.08
N PHE A 36 12.16 -2.49 -0.12
CA PHE A 36 10.90 -2.44 -0.85
C PHE A 36 10.41 -3.83 -1.29
N GLY A 37 9.09 -3.99 -1.30
CA GLY A 37 8.35 -5.14 -1.85
C GLY A 37 6.98 -4.69 -2.35
N GLU A 38 5.96 -5.54 -2.29
CA GLU A 38 4.60 -5.26 -2.80
C GLU A 38 3.50 -5.80 -1.88
N VAL A 39 2.36 -5.11 -1.86
CA VAL A 39 1.18 -5.35 -1.03
C VAL A 39 -0.10 -5.18 -1.85
N VAL A 40 -1.19 -5.82 -1.40
CA VAL A 40 -2.58 -5.64 -1.89
C VAL A 40 -3.47 -5.39 -0.68
N ILE A 41 -4.53 -4.58 -0.80
CA ILE A 41 -5.55 -4.49 0.26
C ILE A 41 -6.29 -5.83 0.36
N GLU A 42 -6.79 -6.20 1.55
CA GLU A 42 -7.32 -7.55 1.84
C GLU A 42 -8.49 -8.05 0.96
N GLY A 43 -9.10 -7.20 0.13
CA GLY A 43 -10.08 -7.59 -0.90
C GLY A 43 -9.42 -8.23 -2.13
N ILE A 44 -8.43 -9.13 -1.92
CA ILE A 44 -7.52 -9.71 -2.92
C ILE A 44 -8.16 -10.25 -4.21
N GLY A 45 -9.43 -10.65 -4.17
CA GLY A 45 -10.23 -11.04 -5.34
C GLY A 45 -10.53 -9.91 -6.34
N GLY A 46 -10.33 -8.64 -5.96
CA GLY A 46 -10.58 -7.46 -6.81
C GLY A 46 -9.71 -6.22 -6.56
N THR A 47 -8.93 -6.17 -5.48
CA THR A 47 -7.93 -5.11 -5.21
C THR A 47 -6.73 -5.16 -6.18
N ILE A 48 -5.85 -4.15 -6.09
CA ILE A 48 -4.75 -3.90 -7.04
C ILE A 48 -3.45 -3.74 -6.26
N SER A 49 -2.42 -4.50 -6.63
CA SER A 49 -1.12 -4.49 -5.96
C SER A 49 -0.40 -3.16 -6.12
N LYS A 50 0.35 -2.74 -5.09
CA LYS A 50 1.18 -1.52 -5.07
C LYS A 50 2.52 -1.82 -4.39
N SER A 51 3.55 -1.03 -4.70
CA SER A 51 4.85 -1.10 -4.01
C SER A 51 4.70 -0.73 -2.53
N ALA A 52 5.54 -1.32 -1.68
CA ALA A 52 5.43 -1.23 -0.23
C ALA A 52 6.79 -1.12 0.47
N VAL A 53 6.84 -0.36 1.57
CA VAL A 53 7.99 -0.23 2.49
C VAL A 53 7.56 -0.46 3.94
N SER A 54 8.48 -0.86 4.82
CA SER A 54 8.20 -0.96 6.26
C SER A 54 8.22 0.42 6.94
N PHE A 55 7.13 0.79 7.59
CA PHE A 55 7.03 1.98 8.44
C PHE A 55 7.67 1.78 9.85
N ASP A 56 7.95 0.53 10.22
CA ASP A 56 8.35 0.13 11.58
C ASP A 56 9.71 -0.62 11.61
N ASN A 57 10.48 -0.52 10.52
CA ASN A 57 11.75 -1.21 10.29
C ASN A 57 11.69 -2.73 10.59
N GLN A 58 10.63 -3.39 10.11
CA GLN A 58 10.42 -4.84 10.22
C GLN A 58 10.67 -5.54 8.88
N GLN A 59 11.06 -6.82 8.92
CA GLN A 59 11.13 -7.67 7.73
C GLN A 59 9.77 -8.37 7.56
N ILE A 60 9.12 -8.16 6.42
CA ILE A 60 7.74 -8.56 6.15
C ILE A 60 7.72 -9.47 4.92
N SER A 61 7.84 -10.77 5.14
CA SER A 61 7.77 -11.81 4.09
C SER A 61 6.38 -11.90 3.42
N TYR A 62 6.32 -12.65 2.31
CA TYR A 62 5.07 -13.05 1.64
C TYR A 62 4.06 -13.67 2.63
N GLY A 63 2.77 -13.37 2.45
CA GLY A 63 1.68 -14.06 3.15
C GLY A 63 1.42 -13.63 4.60
N THR A 64 1.59 -12.34 4.94
CA THR A 64 1.16 -11.81 6.26
C THR A 64 0.31 -10.54 6.14
N THR A 65 -0.51 -10.30 7.15
CA THR A 65 -1.48 -9.19 7.18
C THR A 65 -0.87 -7.96 7.83
N VAL A 66 -0.98 -6.83 7.15
CA VAL A 66 -0.29 -5.57 7.45
C VAL A 66 -1.27 -4.40 7.48
N LEU A 67 -1.07 -3.42 8.35
CA LEU A 67 -1.82 -2.16 8.33
C LEU A 67 -1.06 -1.13 7.49
N VAL A 68 -1.75 -0.50 6.53
CA VAL A 68 -1.18 0.50 5.62
C VAL A 68 -1.16 1.88 6.28
N VAL A 69 -0.21 2.08 7.20
CA VAL A 69 -0.11 3.26 8.09
C VAL A 69 0.25 4.58 7.42
N ASP A 70 0.88 4.57 6.23
CA ASP A 70 1.09 5.77 5.40
C ASP A 70 1.03 5.42 3.91
N ILE A 71 0.84 6.40 3.02
CA ILE A 71 0.62 6.21 1.58
C ILE A 71 1.23 7.37 0.79
N ASN A 72 1.98 7.06 -0.27
CA ASN A 72 2.68 8.04 -1.11
C ASN A 72 2.72 7.60 -2.59
N ASN A 73 1.70 8.00 -3.36
CA ASN A 73 1.62 7.89 -4.84
C ASN A 73 2.15 6.56 -5.45
N GLY A 74 1.64 5.42 -4.96
CA GLY A 74 2.01 4.07 -5.42
C GLY A 74 3.02 3.35 -4.51
N VAL A 75 3.56 4.04 -3.51
CA VAL A 75 4.48 3.51 -2.50
C VAL A 75 3.80 3.62 -1.13
N LEU A 76 3.22 2.50 -0.70
CA LEU A 76 2.55 2.36 0.59
C LEU A 76 3.59 2.11 1.70
N SER A 77 3.32 2.60 2.91
CA SER A 77 4.11 2.31 4.11
C SER A 77 3.27 1.47 5.05
N VAL A 78 3.78 0.28 5.40
CA VAL A 78 3.00 -0.74 6.12
C VAL A 78 3.73 -1.29 7.34
N THR A 79 3.02 -1.95 8.23
CA THR A 79 3.55 -2.64 9.42
C THR A 79 2.70 -3.88 9.74
N PRO A 80 3.28 -5.02 10.16
CA PRO A 80 2.53 -6.26 10.37
C PRO A 80 1.62 -6.19 11.62
N HIS A 81 0.37 -5.77 11.41
CA HIS A 81 -0.69 -5.79 12.42
C HIS A 81 -1.04 -7.24 12.82
N GLU A 82 -0.98 -8.18 11.87
CA GLU A 82 -1.32 -9.61 12.01
C GLU A 82 -2.54 -9.93 12.91
N PRO A 83 -3.73 -9.31 12.65
CA PRO A 83 -4.93 -9.56 13.43
C PRO A 83 -5.48 -11.00 13.25
N ILE A 84 -6.25 -11.48 14.22
CA ILE A 84 -6.82 -12.83 14.30
C ILE A 84 -8.31 -12.76 14.69
N GLY A 1 -6.87 21.83 -22.89
CA GLY A 1 -7.19 21.75 -21.46
C GLY A 1 -7.37 20.33 -20.93
N SER A 2 -7.38 19.32 -21.80
CA SER A 2 -7.52 17.90 -21.43
C SER A 2 -6.43 17.41 -20.45
N HIS A 3 -5.22 17.97 -20.52
CA HIS A 3 -4.14 17.72 -19.57
C HIS A 3 -4.49 18.12 -18.12
N MET A 4 -5.30 19.17 -17.91
CA MET A 4 -5.80 19.54 -16.58
C MET A 4 -6.86 18.55 -16.06
N LEU A 5 -7.70 18.01 -16.95
CA LEU A 5 -8.70 16.98 -16.61
C LEU A 5 -8.01 15.65 -16.25
N GLU A 6 -6.99 15.25 -16.99
CA GLU A 6 -6.15 14.07 -16.67
C GLU A 6 -5.38 14.26 -15.36
N SER A 7 -4.83 15.46 -15.11
CA SER A 7 -4.21 15.80 -13.82
C SER A 7 -5.20 15.72 -12.66
N SER A 8 -6.43 16.22 -12.84
CA SER A 8 -7.51 16.13 -11.85
C SER A 8 -7.93 14.68 -11.57
N ALA A 9 -8.00 13.84 -12.60
CA ALA A 9 -8.26 12.40 -12.46
C ALA A 9 -7.13 11.67 -11.70
N GLU A 10 -5.86 12.00 -11.98
CA GLU A 10 -4.70 11.45 -11.27
C GLU A 10 -4.67 11.87 -9.78
N GLU A 11 -4.97 13.13 -9.48
CA GLU A 11 -5.11 13.61 -8.10
C GLU A 11 -6.30 12.98 -7.37
N SER A 12 -7.41 12.71 -8.08
CA SER A 12 -8.54 11.95 -7.53
C SER A 12 -8.16 10.49 -7.23
N LEU A 13 -7.35 9.86 -8.09
CA LEU A 13 -6.84 8.51 -7.84
C LEU A 13 -5.83 8.46 -6.69
N ALA A 14 -4.97 9.48 -6.54
CA ALA A 14 -4.13 9.63 -5.37
C ALA A 14 -4.95 9.73 -4.06
N TYR A 15 -6.12 10.36 -4.11
CA TYR A 15 -7.04 10.45 -2.96
C TYR A 15 -7.74 9.11 -2.67
N ARG A 16 -8.16 8.38 -3.71
CA ARG A 16 -8.66 6.99 -3.60
C ARG A 16 -7.60 6.05 -3.02
N GLU A 17 -6.34 6.20 -3.38
CA GLU A 17 -5.22 5.47 -2.76
C GLU A 17 -5.00 5.88 -1.30
N ASP A 18 -5.05 7.17 -0.97
CA ASP A 18 -4.93 7.66 0.41
C ASP A 18 -6.08 7.16 1.33
N ASP A 19 -7.25 6.84 0.79
CA ASP A 19 -8.31 6.16 1.55
C ASP A 19 -7.89 4.77 2.06
N LEU A 20 -7.01 4.07 1.33
CA LEU A 20 -6.45 2.77 1.73
C LEU A 20 -5.54 2.86 2.98
N ARG A 21 -5.11 4.07 3.38
CA ARG A 21 -4.36 4.37 4.62
C ARG A 21 -5.17 4.12 5.90
N GLY A 22 -6.46 3.78 5.78
CA GLY A 22 -7.33 3.31 6.86
C GLY A 22 -7.72 1.83 6.72
N ARG A 23 -6.96 1.03 5.96
CA ARG A 23 -7.28 -0.37 5.61
C ARG A 23 -6.12 -1.35 5.85
N LEU A 24 -6.51 -2.62 5.98
CA LEU A 24 -5.64 -3.77 6.19
C LEU A 24 -5.31 -4.45 4.83
N GLY A 25 -4.14 -5.04 4.73
CA GLY A 25 -3.56 -5.62 3.52
C GLY A 25 -2.74 -6.88 3.76
N LYS A 26 -2.10 -7.35 2.70
CA LYS A 26 -1.41 -8.63 2.56
C LYS A 26 -0.18 -8.46 1.68
N VAL A 27 1.00 -8.71 2.23
CA VAL A 27 2.29 -8.60 1.50
C VAL A 27 2.44 -9.76 0.50
N ILE A 28 2.75 -9.44 -0.76
CA ILE A 28 2.91 -10.41 -1.87
C ILE A 28 4.31 -10.38 -2.51
N THR A 29 5.21 -9.52 -2.02
CA THR A 29 6.65 -9.49 -2.32
C THR A 29 7.34 -8.93 -1.08
N ALA A 30 8.34 -9.63 -0.54
CA ALA A 30 8.94 -9.33 0.76
C ALA A 30 9.45 -7.88 0.90
N VAL A 31 9.23 -7.29 2.08
CA VAL A 31 9.52 -5.89 2.42
C VAL A 31 10.49 -5.87 3.60
N PRO A 32 11.81 -5.77 3.39
CA PRO A 32 12.79 -5.77 4.47
C PRO A 32 12.83 -4.44 5.25
N VAL A 33 13.59 -4.42 6.35
CA VAL A 33 13.63 -3.35 7.36
C VAL A 33 13.95 -1.95 6.83
N ASP A 34 14.58 -1.86 5.67
CA ASP A 34 15.04 -0.63 5.01
C ASP A 34 14.89 -0.69 3.47
N GLY A 35 13.98 -1.53 2.97
CA GLY A 35 13.81 -1.85 1.54
C GLY A 35 12.36 -1.88 1.07
N PHE A 36 12.14 -2.46 -0.12
CA PHE A 36 10.88 -2.40 -0.86
C PHE A 36 10.40 -3.79 -1.30
N GLY A 37 9.07 -3.97 -1.31
CA GLY A 37 8.35 -5.13 -1.82
C GLY A 37 6.96 -4.72 -2.30
N GLU A 38 5.92 -5.52 -2.06
CA GLU A 38 4.55 -5.29 -2.57
C GLU A 38 3.46 -5.69 -1.56
N VAL A 39 2.33 -4.99 -1.61
CA VAL A 39 1.13 -5.23 -0.79
C VAL A 39 -0.15 -5.11 -1.62
N VAL A 40 -1.20 -5.82 -1.21
CA VAL A 40 -2.58 -5.70 -1.72
C VAL A 40 -3.54 -5.56 -0.53
N ILE A 41 -4.62 -4.79 -0.67
CA ILE A 41 -5.65 -4.65 0.38
C ILE A 41 -6.46 -5.95 0.49
N GLU A 42 -6.93 -6.28 1.69
CA GLU A 42 -7.54 -7.59 2.05
C GLU A 42 -8.67 -8.13 1.15
N GLY A 43 -9.31 -7.29 0.32
CA GLY A 43 -10.24 -7.72 -0.74
C GLY A 43 -9.51 -8.26 -1.99
N ILE A 44 -8.44 -9.03 -1.81
CA ILE A 44 -7.44 -9.50 -2.80
C ILE A 44 -8.00 -10.00 -4.15
N GLY A 45 -9.24 -10.48 -4.19
CA GLY A 45 -9.93 -10.93 -5.41
C GLY A 45 -10.47 -9.81 -6.30
N GLY A 46 -10.49 -8.55 -5.82
CA GLY A 46 -11.00 -7.37 -6.54
C GLY A 46 -10.21 -6.07 -6.31
N THR A 47 -9.41 -5.99 -5.24
CA THR A 47 -8.43 -4.91 -5.00
C THR A 47 -7.22 -4.99 -5.96
N ILE A 48 -6.29 -4.03 -5.86
CA ILE A 48 -5.14 -3.87 -6.77
C ILE A 48 -3.86 -3.76 -5.93
N SER A 49 -2.84 -4.56 -6.27
CA SER A 49 -1.52 -4.54 -5.62
C SER A 49 -0.70 -3.27 -5.94
N LYS A 50 0.17 -2.89 -5.01
CA LYS A 50 1.04 -1.69 -5.06
C LYS A 50 2.42 -2.00 -4.45
N SER A 51 3.42 -1.18 -4.75
CA SER A 51 4.73 -1.23 -4.07
C SER A 51 4.58 -0.87 -2.58
N ALA A 52 5.48 -1.41 -1.75
CA ALA A 52 5.39 -1.28 -0.29
C ALA A 52 6.76 -1.14 0.41
N VAL A 53 6.79 -0.40 1.51
CA VAL A 53 7.93 -0.24 2.45
C VAL A 53 7.49 -0.48 3.91
N SER A 54 8.41 -0.83 4.80
CA SER A 54 8.12 -0.91 6.24
C SER A 54 8.09 0.48 6.88
N PHE A 55 7.00 0.81 7.56
CA PHE A 55 6.86 2.01 8.40
C PHE A 55 7.50 1.84 9.80
N ASP A 56 7.82 0.61 10.20
CA ASP A 56 8.23 0.24 11.56
C ASP A 56 9.61 -0.46 11.60
N ASN A 57 10.39 -0.36 10.51
CA ASN A 57 11.67 -1.02 10.27
C ASN A 57 11.65 -2.54 10.61
N GLN A 58 10.61 -3.23 10.14
CA GLN A 58 10.43 -4.68 10.28
C GLN A 58 10.70 -5.39 8.95
N GLN A 59 11.11 -6.67 9.02
CA GLN A 59 11.20 -7.54 7.86
C GLN A 59 9.85 -8.25 7.68
N ILE A 60 9.18 -7.99 6.56
CA ILE A 60 7.79 -8.40 6.28
C ILE A 60 7.79 -9.36 5.09
N SER A 61 7.90 -10.66 5.37
CA SER A 61 7.88 -11.73 4.37
C SER A 61 6.55 -11.84 3.61
N TYR A 62 6.58 -12.57 2.49
CA TYR A 62 5.39 -12.96 1.73
C TYR A 62 4.30 -13.61 2.62
N GLY A 63 3.03 -13.28 2.36
CA GLY A 63 1.88 -13.96 2.96
C GLY A 63 1.56 -13.58 4.41
N THR A 64 1.79 -12.32 4.82
CA THR A 64 1.42 -11.83 6.17
C THR A 64 0.51 -10.61 6.13
N THR A 65 -0.28 -10.44 7.18
CA THR A 65 -1.33 -9.41 7.28
C THR A 65 -0.78 -8.13 7.90
N VAL A 66 -0.97 -7.02 7.19
CA VAL A 66 -0.34 -5.71 7.46
C VAL A 66 -1.36 -4.59 7.48
N LEU A 67 -1.17 -3.57 8.33
CA LEU A 67 -1.94 -2.33 8.29
C LEU A 67 -1.18 -1.30 7.44
N VAL A 68 -1.82 -0.70 6.43
CA VAL A 68 -1.24 0.45 5.72
C VAL A 68 -1.38 1.68 6.62
N VAL A 69 -0.26 2.32 6.94
CA VAL A 69 -0.16 3.38 7.96
C VAL A 69 0.28 4.74 7.38
N ASP A 70 0.93 4.74 6.22
CA ASP A 70 1.22 5.95 5.43
C ASP A 70 1.25 5.57 3.93
N ILE A 71 1.14 6.53 3.01
CA ILE A 71 1.01 6.28 1.56
C ILE A 71 1.67 7.42 0.76
N ASN A 72 2.40 7.06 -0.29
CA ASN A 72 3.16 7.99 -1.14
C ASN A 72 3.14 7.55 -2.62
N ASN A 73 2.17 8.06 -3.40
CA ASN A 73 2.07 7.96 -4.87
C ASN A 73 2.45 6.58 -5.47
N GLY A 74 1.81 5.51 -4.98
CA GLY A 74 2.03 4.13 -5.44
C GLY A 74 2.97 3.30 -4.56
N VAL A 75 3.60 3.93 -3.57
CA VAL A 75 4.47 3.28 -2.56
C VAL A 75 3.81 3.43 -1.19
N LEU A 76 3.22 2.35 -0.71
CA LEU A 76 2.50 2.28 0.57
C LEU A 76 3.51 1.99 1.70
N SER A 77 3.27 2.55 2.89
CA SER A 77 4.06 2.31 4.09
C SER A 77 3.22 1.47 5.04
N VAL A 78 3.71 0.29 5.41
CA VAL A 78 2.93 -0.72 6.14
C VAL A 78 3.65 -1.27 7.37
N THR A 79 2.90 -1.89 8.27
CA THR A 79 3.43 -2.57 9.46
C THR A 79 2.63 -3.85 9.75
N PRO A 80 3.24 -4.97 10.18
CA PRO A 80 2.55 -6.25 10.38
C PRO A 80 1.63 -6.23 11.62
N HIS A 81 0.37 -5.86 11.39
CA HIS A 81 -0.69 -5.84 12.40
C HIS A 81 -1.02 -7.26 12.90
N GLU A 82 -1.03 -8.25 12.00
CA GLU A 82 -1.41 -9.66 12.24
C GLU A 82 -2.56 -9.88 13.26
N PRO A 83 -3.75 -9.28 13.06
CA PRO A 83 -4.88 -9.43 13.97
C PRO A 83 -5.48 -10.85 13.96
N ILE A 84 -6.19 -11.21 15.03
CA ILE A 84 -6.84 -12.52 15.25
C ILE A 84 -8.23 -12.31 15.87
N GLY A 1 -6.38 22.24 -22.78
CA GLY A 1 -6.37 22.28 -21.32
C GLY A 1 -6.43 20.89 -20.65
N SER A 2 -6.50 19.81 -21.43
CA SER A 2 -6.69 18.42 -20.97
C SER A 2 -5.66 17.95 -19.93
N HIS A 3 -4.43 18.46 -19.95
CA HIS A 3 -3.40 18.15 -18.95
C HIS A 3 -3.83 18.50 -17.52
N MET A 4 -4.60 19.58 -17.33
CA MET A 4 -5.14 19.96 -16.01
C MET A 4 -6.23 18.99 -15.54
N LEU A 5 -7.07 18.49 -16.46
CA LEU A 5 -8.10 17.49 -16.18
C LEU A 5 -7.48 16.13 -15.84
N GLU A 6 -6.43 15.73 -16.56
CA GLU A 6 -5.63 14.53 -16.27
C GLU A 6 -4.90 14.64 -14.92
N SER A 7 -4.35 15.82 -14.59
CA SER A 7 -3.75 16.08 -13.27
C SER A 7 -4.79 16.01 -12.14
N SER A 8 -6.00 16.54 -12.37
CA SER A 8 -7.12 16.45 -11.42
C SER A 8 -7.57 14.99 -11.18
N ALA A 9 -7.65 14.19 -12.25
CA ALA A 9 -7.94 12.76 -12.15
C ALA A 9 -6.83 11.97 -11.42
N GLU A 10 -5.55 12.31 -11.66
CA GLU A 10 -4.41 11.69 -10.97
C GLU A 10 -4.39 12.04 -9.47
N GLU A 11 -4.66 13.30 -9.10
CA GLU A 11 -4.83 13.68 -7.69
C GLU A 11 -6.05 13.00 -7.05
N SER A 12 -7.16 12.84 -7.78
CA SER A 12 -8.33 12.10 -7.30
C SER A 12 -8.00 10.63 -7.03
N LEU A 13 -7.19 9.99 -7.87
CA LEU A 13 -6.70 8.63 -7.66
C LEU A 13 -5.75 8.56 -6.46
N ALA A 14 -4.87 9.55 -6.27
CA ALA A 14 -4.05 9.66 -5.06
C ALA A 14 -4.88 9.78 -3.77
N TYR A 15 -6.02 10.50 -3.81
CA TYR A 15 -6.96 10.56 -2.68
C TYR A 15 -7.69 9.23 -2.44
N ARG A 16 -8.08 8.50 -3.50
CA ARG A 16 -8.63 7.14 -3.42
C ARG A 16 -7.62 6.15 -2.83
N GLU A 17 -6.35 6.26 -3.19
CA GLU A 17 -5.26 5.48 -2.61
C GLU A 17 -5.01 5.85 -1.14
N ASP A 18 -5.04 7.14 -0.77
CA ASP A 18 -4.92 7.57 0.63
C ASP A 18 -6.08 7.09 1.53
N ASP A 19 -7.27 6.83 0.97
CA ASP A 19 -8.35 6.16 1.72
C ASP A 19 -7.97 4.74 2.19
N LEU A 20 -7.11 4.04 1.43
CA LEU A 20 -6.57 2.72 1.81
C LEU A 20 -5.69 2.77 3.08
N ARG A 21 -5.28 3.96 3.54
CA ARG A 21 -4.59 4.16 4.83
C ARG A 21 -5.44 3.73 6.04
N GLY A 22 -6.76 3.65 5.88
CA GLY A 22 -7.69 3.10 6.87
C GLY A 22 -7.95 1.60 6.73
N ARG A 23 -7.13 0.86 5.97
CA ARG A 23 -7.37 -0.54 5.58
C ARG A 23 -6.16 -1.45 5.80
N LEU A 24 -6.46 -2.74 5.83
CA LEU A 24 -5.55 -3.87 6.08
C LEU A 24 -5.19 -4.52 4.73
N GLY A 25 -3.99 -5.10 4.63
CA GLY A 25 -3.42 -5.69 3.43
C GLY A 25 -2.62 -6.98 3.65
N LYS A 26 -1.99 -7.46 2.58
CA LYS A 26 -1.33 -8.76 2.43
C LYS A 26 -0.08 -8.61 1.56
N VAL A 27 1.09 -8.89 2.12
CA VAL A 27 2.39 -8.75 1.43
C VAL A 27 2.62 -9.91 0.45
N ILE A 28 3.07 -9.57 -0.77
CA ILE A 28 3.23 -10.49 -1.92
C ILE A 28 4.65 -10.49 -2.51
N THR A 29 5.49 -9.53 -2.10
CA THR A 29 6.94 -9.45 -2.35
C THR A 29 7.55 -8.88 -1.07
N ALA A 30 8.55 -9.55 -0.50
CA ALA A 30 9.09 -9.25 0.83
C ALA A 30 9.57 -7.78 0.96
N VAL A 31 9.30 -7.20 2.12
CA VAL A 31 9.57 -5.79 2.46
C VAL A 31 10.52 -5.74 3.67
N PRO A 32 11.85 -5.63 3.47
CA PRO A 32 12.81 -5.65 4.58
C PRO A 32 12.82 -4.32 5.37
N VAL A 33 13.56 -4.32 6.48
CA VAL A 33 13.59 -3.24 7.49
C VAL A 33 13.95 -1.84 6.95
N ASP A 34 14.57 -1.76 5.77
CA ASP A 34 15.06 -0.53 5.13
C ASP A 34 14.90 -0.58 3.59
N GLY A 35 13.95 -1.38 3.09
CA GLY A 35 13.79 -1.69 1.67
C GLY A 35 12.35 -1.73 1.18
N PHE A 36 12.15 -2.30 -0.02
CA PHE A 36 10.90 -2.26 -0.77
C PHE A 36 10.45 -3.66 -1.21
N GLY A 37 9.13 -3.88 -1.23
CA GLY A 37 8.45 -5.05 -1.77
C GLY A 37 7.06 -4.65 -2.28
N GLU A 38 6.05 -5.51 -2.11
CA GLU A 38 4.69 -5.30 -2.65
C GLU A 38 3.59 -5.83 -1.72
N VAL A 39 2.40 -5.25 -1.83
CA VAL A 39 1.22 -5.50 -1.00
C VAL A 39 -0.08 -5.40 -1.82
N VAL A 40 -1.15 -6.02 -1.33
CA VAL A 40 -2.55 -5.88 -1.81
C VAL A 40 -3.45 -5.58 -0.61
N ILE A 41 -4.49 -4.78 -0.76
CA ILE A 41 -5.52 -4.63 0.29
C ILE A 41 -6.37 -5.90 0.37
N GLU A 42 -6.86 -6.23 1.57
CA GLU A 42 -7.51 -7.53 1.90
C GLU A 42 -8.75 -7.90 1.08
N GLY A 43 -9.35 -6.97 0.32
CA GLY A 43 -10.41 -7.22 -0.67
C GLY A 43 -9.90 -7.86 -1.98
N ILE A 44 -8.96 -8.80 -1.90
CA ILE A 44 -8.18 -9.39 -3.01
C ILE A 44 -8.98 -9.84 -4.24
N GLY A 45 -10.26 -10.19 -4.08
CA GLY A 45 -11.19 -10.47 -5.18
C GLY A 45 -11.47 -9.28 -6.13
N GLY A 46 -11.14 -8.04 -5.74
CA GLY A 46 -11.35 -6.82 -6.54
C GLY A 46 -10.36 -5.67 -6.31
N THR A 47 -9.54 -5.68 -5.26
CA THR A 47 -8.45 -4.71 -5.01
C THR A 47 -7.26 -4.90 -5.98
N ILE A 48 -6.28 -3.99 -5.91
CA ILE A 48 -5.14 -3.89 -6.84
C ILE A 48 -3.83 -3.83 -6.02
N SER A 49 -2.79 -4.54 -6.48
CA SER A 49 -1.45 -4.54 -5.86
C SER A 49 -0.69 -3.23 -6.04
N LYS A 50 0.19 -2.92 -5.08
CA LYS A 50 1.04 -1.71 -5.02
C LYS A 50 2.41 -2.03 -4.43
N SER A 51 3.42 -1.20 -4.68
CA SER A 51 4.71 -1.26 -3.99
C SER A 51 4.57 -0.87 -2.52
N ALA A 52 5.45 -1.39 -1.67
CA ALA A 52 5.36 -1.22 -0.21
C ALA A 52 6.73 -1.06 0.47
N VAL A 53 6.76 -0.31 1.57
CA VAL A 53 7.93 -0.10 2.47
C VAL A 53 7.56 -0.34 3.94
N SER A 54 8.55 -0.72 4.76
CA SER A 54 8.35 -1.00 6.18
C SER A 54 8.42 0.26 7.03
N PHE A 55 7.27 0.73 7.53
CA PHE A 55 7.16 1.98 8.31
C PHE A 55 7.77 1.91 9.71
N ASP A 56 7.93 0.70 10.25
CA ASP A 56 8.36 0.43 11.64
C ASP A 56 9.73 -0.29 11.70
N ASN A 57 10.49 -0.26 10.59
CA ASN A 57 11.76 -0.95 10.40
C ASN A 57 11.72 -2.44 10.80
N GLN A 58 10.71 -3.16 10.27
CA GLN A 58 10.51 -4.59 10.45
C GLN A 58 10.65 -5.35 9.12
N GLN A 59 11.12 -6.60 9.15
CA GLN A 59 11.19 -7.45 7.95
C GLN A 59 9.83 -8.14 7.75
N ILE A 60 9.19 -7.89 6.61
CA ILE A 60 7.81 -8.30 6.30
C ILE A 60 7.82 -9.28 5.12
N SER A 61 7.90 -10.57 5.43
CA SER A 61 7.90 -11.67 4.44
C SER A 61 6.56 -11.80 3.69
N TYR A 62 6.59 -12.56 2.59
CA TYR A 62 5.40 -13.01 1.85
C TYR A 62 4.32 -13.63 2.75
N GLY A 63 3.05 -13.34 2.46
CA GLY A 63 1.90 -14.02 3.07
C GLY A 63 1.41 -13.48 4.42
N THR A 64 2.00 -12.42 4.99
CA THR A 64 1.57 -11.88 6.29
C THR A 64 0.58 -10.73 6.14
N THR A 65 -0.18 -10.47 7.20
CA THR A 65 -1.25 -9.46 7.25
C THR A 65 -0.70 -8.15 7.84
N VAL A 66 -0.90 -7.05 7.13
CA VAL A 66 -0.28 -5.74 7.39
C VAL A 66 -1.29 -4.61 7.44
N LEU A 67 -1.06 -3.61 8.29
CA LEU A 67 -1.90 -2.40 8.36
C LEU A 67 -1.15 -1.24 7.69
N VAL A 68 -1.77 -0.61 6.69
CA VAL A 68 -1.18 0.47 5.88
C VAL A 68 -1.14 1.80 6.65
N VAL A 69 -0.12 1.98 7.49
CA VAL A 69 0.02 3.10 8.44
C VAL A 69 0.31 4.47 7.81
N ASP A 70 0.91 4.52 6.61
CA ASP A 70 1.11 5.76 5.83
C ASP A 70 1.10 5.43 4.33
N ILE A 71 0.98 6.43 3.45
CA ILE A 71 0.86 6.22 1.99
C ILE A 71 1.56 7.34 1.22
N ASN A 72 2.22 6.95 0.12
CA ASN A 72 2.80 7.81 -0.91
C ASN A 72 2.41 7.23 -2.29
N ASN A 73 2.50 8.03 -3.36
CA ASN A 73 2.03 7.70 -4.72
C ASN A 73 2.52 6.32 -5.24
N GLY A 74 1.65 5.30 -5.15
CA GLY A 74 1.94 3.90 -5.50
C GLY A 74 2.96 3.19 -4.61
N VAL A 75 3.33 3.77 -3.46
CA VAL A 75 4.32 3.29 -2.49
C VAL A 75 3.73 3.41 -1.09
N LEU A 76 2.99 2.39 -0.69
CA LEU A 76 2.32 2.29 0.61
C LEU A 76 3.35 2.03 1.72
N SER A 77 3.12 2.56 2.92
CA SER A 77 3.96 2.30 4.10
C SER A 77 3.19 1.43 5.07
N VAL A 78 3.73 0.26 5.39
CA VAL A 78 3.01 -0.79 6.13
C VAL A 78 3.83 -1.37 7.28
N THR A 79 3.17 -2.09 8.16
CA THR A 79 3.77 -2.85 9.27
C THR A 79 2.87 -4.07 9.60
N PRO A 80 3.41 -5.24 9.96
CA PRO A 80 2.60 -6.43 10.21
C PRO A 80 1.68 -6.27 11.43
N HIS A 81 0.37 -6.43 11.18
CA HIS A 81 -0.66 -6.50 12.21
C HIS A 81 -0.88 -7.95 12.68
N GLU A 82 -0.79 -8.93 11.75
CA GLU A 82 -1.05 -10.37 11.92
C GLU A 82 -2.08 -10.74 13.02
N PRO A 83 -3.35 -10.29 12.88
CA PRO A 83 -4.40 -10.53 13.87
C PRO A 83 -4.84 -12.00 13.92
N ILE A 84 -5.52 -12.39 15.01
CA ILE A 84 -6.12 -13.72 15.22
C ILE A 84 -7.11 -14.13 14.11
N GLY A 1 -0.07 21.47 -22.59
CA GLY A 1 -0.17 21.38 -21.13
C GLY A 1 -0.76 20.05 -20.61
N SER A 2 -1.03 19.09 -21.50
CA SER A 2 -1.68 17.80 -21.18
C SER A 2 -0.98 17.01 -20.06
N HIS A 3 0.35 17.06 -19.95
CA HIS A 3 1.09 16.41 -18.87
C HIS A 3 0.77 16.95 -17.47
N MET A 4 0.36 18.22 -17.34
CA MET A 4 -0.12 18.80 -16.08
C MET A 4 -1.52 18.27 -15.72
N LEU A 5 -2.37 18.03 -16.71
CA LEU A 5 -3.69 17.40 -16.52
C LEU A 5 -3.56 15.92 -16.14
N GLU A 6 -2.62 15.19 -16.76
CA GLU A 6 -2.27 13.81 -16.37
C GLU A 6 -1.70 13.73 -14.95
N SER A 7 -0.82 14.67 -14.57
CA SER A 7 -0.32 14.80 -13.20
C SER A 7 -1.45 15.10 -12.20
N SER A 8 -2.39 15.97 -12.56
CA SER A 8 -3.58 16.28 -11.74
C SER A 8 -4.50 15.07 -11.56
N ALA A 9 -4.70 14.26 -12.61
CA ALA A 9 -5.45 13.01 -12.55
C ALA A 9 -4.74 11.95 -11.68
N GLU A 10 -3.42 11.84 -11.75
CA GLU A 10 -2.62 10.94 -10.91
C GLU A 10 -2.67 11.34 -9.43
N GLU A 11 -2.57 12.64 -9.12
CA GLU A 11 -2.77 13.15 -7.75
C GLU A 11 -4.21 12.95 -7.26
N SER A 12 -5.21 13.08 -8.13
CA SER A 12 -6.61 12.78 -7.79
C SER A 12 -6.82 11.29 -7.43
N LEU A 13 -6.13 10.39 -8.13
CA LEU A 13 -6.09 8.95 -7.78
C LEU A 13 -5.33 8.71 -6.47
N ALA A 14 -4.21 9.41 -6.23
CA ALA A 14 -3.48 9.34 -4.96
C ALA A 14 -4.36 9.75 -3.77
N TYR A 15 -5.26 10.73 -3.94
CA TYR A 15 -6.25 11.09 -2.92
C TYR A 15 -7.28 9.97 -2.64
N ARG A 16 -7.57 9.09 -3.62
CA ARG A 16 -8.37 7.87 -3.40
C ARG A 16 -7.55 6.77 -2.72
N GLU A 17 -6.30 6.60 -3.14
CA GLU A 17 -5.34 5.69 -2.50
C GLU A 17 -5.15 6.00 -1.02
N ASP A 18 -5.16 7.28 -0.63
CA ASP A 18 -5.08 7.70 0.78
C ASP A 18 -6.24 7.18 1.65
N ASP A 19 -7.39 6.79 1.07
CA ASP A 19 -8.46 6.11 1.82
C ASP A 19 -8.03 4.71 2.32
N LEU A 20 -7.14 4.02 1.58
CA LEU A 20 -6.60 2.70 1.96
C LEU A 20 -5.73 2.77 3.22
N ARG A 21 -5.31 3.96 3.66
CA ARG A 21 -4.64 4.19 4.96
C ARG A 21 -5.51 3.82 6.18
N GLY A 22 -6.80 3.55 5.97
CA GLY A 22 -7.73 3.03 6.97
C GLY A 22 -8.02 1.53 6.85
N ARG A 23 -7.18 0.76 6.14
CA ARG A 23 -7.43 -0.65 5.77
C ARG A 23 -6.24 -1.58 6.03
N LEU A 24 -6.53 -2.87 6.13
CA LEU A 24 -5.55 -3.95 6.17
C LEU A 24 -5.21 -4.41 4.73
N GLY A 25 -4.03 -4.99 4.58
CA GLY A 25 -3.51 -5.59 3.36
C GLY A 25 -2.68 -6.85 3.62
N LYS A 26 -2.06 -7.36 2.56
CA LYS A 26 -1.38 -8.64 2.44
C LYS A 26 -0.14 -8.48 1.54
N VAL A 27 1.03 -8.73 2.12
CA VAL A 27 2.32 -8.62 1.40
C VAL A 27 2.51 -9.80 0.44
N ILE A 28 2.69 -9.49 -0.85
CA ILE A 28 2.87 -10.47 -1.95
C ILE A 28 4.29 -10.51 -2.53
N THR A 29 5.14 -9.55 -2.16
CA THR A 29 6.59 -9.52 -2.41
C THR A 29 7.24 -8.94 -1.16
N ALA A 30 8.20 -9.64 -0.56
CA ALA A 30 8.76 -9.34 0.75
C ALA A 30 9.30 -7.91 0.88
N VAL A 31 9.07 -7.31 2.05
CA VAL A 31 9.40 -5.91 2.39
C VAL A 31 10.38 -5.92 3.58
N PRO A 32 11.71 -5.86 3.36
CA PRO A 32 12.68 -5.89 4.45
C PRO A 32 12.75 -4.56 5.21
N VAL A 33 13.51 -4.56 6.32
CA VAL A 33 13.58 -3.48 7.33
C VAL A 33 13.89 -2.08 6.79
N ASP A 34 14.58 -1.99 5.65
CA ASP A 34 15.00 -0.73 5.00
C ASP A 34 14.91 -0.85 3.47
N GLY A 35 13.95 -1.64 2.97
CA GLY A 35 13.79 -1.97 1.54
C GLY A 35 12.33 -1.96 1.06
N PHE A 36 12.12 -2.52 -0.13
CA PHE A 36 10.85 -2.45 -0.88
C PHE A 36 10.36 -3.83 -1.33
N GLY A 37 9.03 -3.99 -1.34
CA GLY A 37 8.30 -5.14 -1.86
C GLY A 37 6.92 -4.70 -2.37
N GLU A 38 5.88 -5.52 -2.18
CA GLU A 38 4.53 -5.27 -2.69
C GLU A 38 3.43 -5.71 -1.71
N VAL A 39 2.30 -5.01 -1.72
CA VAL A 39 1.11 -5.25 -0.90
C VAL A 39 -0.18 -5.12 -1.73
N VAL A 40 -1.23 -5.85 -1.34
CA VAL A 40 -2.60 -5.74 -1.85
C VAL A 40 -3.56 -5.63 -0.66
N ILE A 41 -4.66 -4.90 -0.78
CA ILE A 41 -5.67 -4.76 0.29
C ILE A 41 -6.42 -6.09 0.46
N GLU A 42 -6.97 -6.36 1.66
CA GLU A 42 -7.55 -7.66 2.03
C GLU A 42 -8.65 -8.20 1.09
N GLY A 43 -9.28 -7.34 0.28
CA GLY A 43 -10.17 -7.73 -0.82
C GLY A 43 -9.41 -8.20 -2.06
N ILE A 44 -8.42 -9.10 -1.91
CA ILE A 44 -7.42 -9.52 -2.92
C ILE A 44 -7.99 -9.89 -4.31
N GLY A 45 -9.25 -10.33 -4.39
CA GLY A 45 -9.95 -10.72 -5.63
C GLY A 45 -10.65 -9.57 -6.38
N GLY A 46 -10.67 -8.36 -5.80
CA GLY A 46 -11.35 -7.17 -6.32
C GLY A 46 -10.61 -5.84 -6.04
N THR A 47 -9.28 -5.92 -5.92
CA THR A 47 -8.36 -4.81 -5.59
C THR A 47 -7.10 -4.87 -6.49
N ILE A 48 -6.18 -3.91 -6.32
CA ILE A 48 -4.97 -3.74 -7.15
C ILE A 48 -3.75 -3.65 -6.23
N SER A 49 -2.74 -4.48 -6.48
CA SER A 49 -1.46 -4.47 -5.76
C SER A 49 -0.62 -3.21 -6.04
N LYS A 50 0.20 -2.82 -5.06
CA LYS A 50 1.04 -1.61 -5.05
C LYS A 50 2.41 -1.91 -4.44
N SER A 51 3.42 -1.07 -4.72
CA SER A 51 4.71 -1.13 -4.04
C SER A 51 4.59 -0.79 -2.55
N ALA A 52 5.46 -1.36 -1.72
CA ALA A 52 5.36 -1.26 -0.26
C ALA A 52 6.74 -1.14 0.43
N VAL A 53 6.78 -0.38 1.53
CA VAL A 53 7.94 -0.23 2.44
C VAL A 53 7.53 -0.45 3.91
N SER A 54 8.48 -0.82 4.78
CA SER A 54 8.23 -0.92 6.23
C SER A 54 8.17 0.46 6.88
N PHE A 55 7.04 0.77 7.53
CA PHE A 55 6.89 1.97 8.36
C PHE A 55 7.55 1.83 9.75
N ASP A 56 7.79 0.59 10.20
CA ASP A 56 8.20 0.26 11.57
C ASP A 56 9.61 -0.36 11.65
N ASN A 57 10.37 -0.33 10.54
CA ASN A 57 11.71 -0.90 10.40
C ASN A 57 11.76 -2.41 10.74
N GLN A 58 10.77 -3.15 10.24
CA GLN A 58 10.60 -4.61 10.44
C GLN A 58 10.69 -5.35 9.10
N GLN A 59 11.10 -6.63 9.13
CA GLN A 59 11.05 -7.49 7.95
C GLN A 59 9.65 -8.08 7.81
N ILE A 60 9.06 -7.96 6.62
CA ILE A 60 7.68 -8.35 6.31
C ILE A 60 7.70 -9.31 5.12
N SER A 61 7.94 -10.58 5.41
CA SER A 61 7.97 -11.68 4.43
C SER A 61 6.61 -11.90 3.76
N TYR A 62 6.60 -12.68 2.67
CA TYR A 62 5.40 -13.07 1.91
C TYR A 62 4.29 -13.67 2.80
N GLY A 63 3.03 -13.34 2.50
CA GLY A 63 1.86 -14.00 3.09
C GLY A 63 1.53 -13.61 4.53
N THR A 64 1.69 -12.33 4.91
CA THR A 64 1.29 -11.83 6.25
C THR A 64 0.38 -10.60 6.15
N THR A 65 -0.43 -10.38 7.19
CA THR A 65 -1.45 -9.32 7.23
C THR A 65 -0.88 -8.06 7.86
N VAL A 66 -1.01 -6.94 7.14
CA VAL A 66 -0.37 -5.67 7.45
C VAL A 66 -1.38 -4.52 7.47
N LEU A 67 -1.19 -3.54 8.34
CA LEU A 67 -1.95 -2.29 8.32
C LEU A 67 -1.19 -1.29 7.46
N VAL A 68 -1.85 -0.70 6.45
CA VAL A 68 -1.28 0.43 5.71
C VAL A 68 -1.38 1.68 6.60
N VAL A 69 -0.24 2.29 6.92
CA VAL A 69 -0.13 3.36 7.93
C VAL A 69 0.33 4.71 7.36
N ASP A 70 0.94 4.73 6.17
CA ASP A 70 1.23 5.95 5.39
C ASP A 70 1.20 5.58 3.90
N ILE A 71 1.04 6.56 3.00
CA ILE A 71 0.79 6.33 1.57
C ILE A 71 1.42 7.46 0.74
N ASN A 72 2.14 7.09 -0.32
CA ASN A 72 2.90 8.00 -1.18
C ASN A 72 2.82 7.58 -2.66
N ASN A 73 1.74 7.97 -3.36
CA ASN A 73 1.55 7.87 -4.82
C ASN A 73 2.01 6.52 -5.45
N GLY A 74 1.50 5.40 -4.95
CA GLY A 74 1.82 4.04 -5.40
C GLY A 74 2.84 3.30 -4.53
N VAL A 75 3.43 3.98 -3.54
CA VAL A 75 4.36 3.43 -2.54
C VAL A 75 3.72 3.54 -1.16
N LEU A 76 3.10 2.46 -0.72
CA LEU A 76 2.45 2.35 0.59
C LEU A 76 3.51 2.09 1.67
N SER A 77 3.29 2.60 2.87
CA SER A 77 4.08 2.31 4.07
C SER A 77 3.22 1.46 5.00
N VAL A 78 3.72 0.28 5.37
CA VAL A 78 2.92 -0.73 6.09
C VAL A 78 3.65 -1.30 7.30
N THR A 79 2.91 -1.94 8.19
CA THR A 79 3.44 -2.64 9.39
C THR A 79 2.61 -3.89 9.69
N PRO A 80 3.20 -5.03 10.12
CA PRO A 80 2.47 -6.28 10.35
C PRO A 80 1.57 -6.22 11.58
N HIS A 81 0.30 -5.86 11.36
CA HIS A 81 -0.75 -5.82 12.39
C HIS A 81 -1.15 -7.23 12.84
N GLU A 82 -1.18 -8.20 11.91
CA GLU A 82 -1.64 -9.59 12.11
C GLU A 82 -2.87 -9.76 13.06
N PRO A 83 -4.01 -9.09 12.78
CA PRO A 83 -5.20 -9.15 13.61
C PRO A 83 -5.88 -10.54 13.58
N ILE A 84 -6.73 -10.81 14.58
CA ILE A 84 -7.49 -12.07 14.75
C ILE A 84 -8.27 -12.46 13.49
N GLY A 1 -5.74 19.78 -24.45
CA GLY A 1 -6.07 19.86 -23.02
C GLY A 1 -6.24 18.49 -22.32
N SER A 2 -6.15 17.39 -23.08
CA SER A 2 -6.33 16.01 -22.57
C SER A 2 -5.39 15.65 -21.40
N HIS A 3 -4.16 16.19 -21.38
CA HIS A 3 -3.22 15.98 -20.28
C HIS A 3 -3.69 16.56 -18.94
N MET A 4 -4.54 17.59 -18.93
CA MET A 4 -5.17 18.11 -17.71
C MET A 4 -6.26 17.17 -17.20
N LEU A 5 -7.02 16.54 -18.10
CA LEU A 5 -8.03 15.52 -17.78
C LEU A 5 -7.39 14.22 -17.27
N GLU A 6 -6.23 13.84 -17.82
CA GLU A 6 -5.41 12.75 -17.28
C GLU A 6 -4.85 13.09 -15.89
N SER A 7 -4.38 14.33 -15.68
CA SER A 7 -3.87 14.78 -14.38
C SER A 7 -4.96 14.76 -13.30
N SER A 8 -6.18 15.20 -13.61
CA SER A 8 -7.32 15.13 -12.68
C SER A 8 -7.77 13.69 -12.39
N ALA A 9 -7.74 12.79 -13.38
CA ALA A 9 -8.01 11.36 -13.19
C ALA A 9 -6.93 10.69 -12.29
N GLU A 10 -5.65 11.00 -12.48
CA GLU A 10 -4.56 10.51 -11.64
C GLU A 10 -4.62 11.07 -10.22
N GLU A 11 -5.00 12.34 -10.03
CA GLU A 11 -5.24 12.92 -8.71
C GLU A 11 -6.46 12.28 -8.02
N SER A 12 -7.52 11.95 -8.76
CA SER A 12 -8.67 11.21 -8.24
C SER A 12 -8.28 9.78 -7.81
N LEU A 13 -7.41 9.11 -8.57
CA LEU A 13 -6.84 7.82 -8.20
C LEU A 13 -6.01 7.92 -6.92
N ALA A 14 -5.15 8.94 -6.80
CA ALA A 14 -4.36 9.20 -5.60
C ALA A 14 -5.26 9.44 -4.36
N TYR A 15 -6.40 10.13 -4.53
CA TYR A 15 -7.41 10.32 -3.49
C TYR A 15 -8.08 8.99 -3.06
N ARG A 16 -8.46 8.13 -4.02
CA ARG A 16 -8.94 6.77 -3.74
C ARG A 16 -7.88 5.92 -3.04
N GLU A 17 -6.62 6.02 -3.45
CA GLU A 17 -5.50 5.30 -2.83
C GLU A 17 -5.28 5.75 -1.38
N ASP A 18 -5.38 7.04 -1.08
CA ASP A 18 -5.27 7.56 0.29
C ASP A 18 -6.41 7.08 1.22
N ASP A 19 -7.58 6.71 0.70
CA ASP A 19 -8.63 6.04 1.50
C ASP A 19 -8.18 4.65 2.01
N LEU A 20 -7.32 3.95 1.26
CA LEU A 20 -6.74 2.65 1.64
C LEU A 20 -5.81 2.74 2.86
N ARG A 21 -5.38 3.95 3.25
CA ARG A 21 -4.57 4.24 4.45
C ARG A 21 -5.30 3.94 5.78
N GLY A 22 -6.61 3.67 5.73
CA GLY A 22 -7.43 3.21 6.85
C GLY A 22 -7.77 1.70 6.80
N ARG A 23 -7.00 0.90 6.04
CA ARG A 23 -7.29 -0.51 5.75
C ARG A 23 -6.10 -1.44 5.97
N LEU A 24 -6.40 -2.73 6.09
CA LEU A 24 -5.43 -3.82 6.12
C LEU A 24 -5.09 -4.28 4.69
N GLY A 25 -3.92 -4.89 4.55
CA GLY A 25 -3.41 -5.51 3.32
C GLY A 25 -2.62 -6.80 3.56
N LYS A 26 -1.98 -7.30 2.50
CA LYS A 26 -1.33 -8.61 2.37
C LYS A 26 -0.08 -8.48 1.50
N VAL A 27 1.08 -8.78 2.07
CA VAL A 27 2.38 -8.77 1.34
C VAL A 27 2.48 -9.94 0.34
N ILE A 28 2.89 -9.63 -0.90
CA ILE A 28 3.17 -10.62 -1.96
C ILE A 28 4.63 -10.63 -2.45
N THR A 29 5.40 -9.58 -2.16
CA THR A 29 6.84 -9.49 -2.41
C THR A 29 7.47 -8.90 -1.15
N ALA A 30 8.47 -9.59 -0.59
CA ALA A 30 9.04 -9.29 0.73
C ALA A 30 9.48 -7.82 0.88
N VAL A 31 9.13 -7.22 2.01
CA VAL A 31 9.39 -5.82 2.39
C VAL A 31 10.38 -5.83 3.57
N PRO A 32 11.70 -5.72 3.34
CA PRO A 32 12.69 -5.77 4.40
C PRO A 32 12.74 -4.46 5.21
N VAL A 33 13.52 -4.49 6.30
CA VAL A 33 13.60 -3.45 7.35
C VAL A 33 13.91 -2.03 6.85
N ASP A 34 14.61 -1.91 5.72
CA ASP A 34 15.03 -0.64 5.12
C ASP A 34 14.95 -0.69 3.57
N GLY A 35 13.99 -1.48 3.06
CA GLY A 35 13.84 -1.76 1.62
C GLY A 35 12.38 -1.80 1.14
N PHE A 36 12.18 -2.39 -0.04
CA PHE A 36 10.91 -2.35 -0.78
C PHE A 36 10.44 -3.74 -1.21
N GLY A 37 9.12 -3.92 -1.21
CA GLY A 37 8.40 -5.08 -1.74
C GLY A 37 7.02 -4.67 -2.26
N GLU A 38 6.00 -5.51 -2.09
CA GLU A 38 4.64 -5.26 -2.61
C GLU A 38 3.53 -5.78 -1.68
N VAL A 39 2.39 -5.07 -1.68
CA VAL A 39 1.19 -5.30 -0.86
C VAL A 39 -0.07 -5.19 -1.72
N VAL A 40 -1.15 -5.85 -1.30
CA VAL A 40 -2.53 -5.73 -1.83
C VAL A 40 -3.47 -5.47 -0.65
N ILE A 41 -4.53 -4.68 -0.81
CA ILE A 41 -5.56 -4.51 0.24
C ILE A 41 -6.41 -5.78 0.36
N GLU A 42 -6.92 -6.06 1.57
CA GLU A 42 -7.57 -7.34 1.94
C GLU A 42 -8.80 -7.74 1.11
N GLY A 43 -9.40 -6.83 0.32
CA GLY A 43 -10.45 -7.12 -0.68
C GLY A 43 -9.95 -7.83 -1.95
N ILE A 44 -9.05 -8.81 -1.80
CA ILE A 44 -8.29 -9.50 -2.87
C ILE A 44 -9.09 -9.98 -4.09
N GLY A 45 -10.40 -10.21 -3.96
CA GLY A 45 -11.31 -10.49 -5.08
C GLY A 45 -11.48 -9.33 -6.09
N GLY A 46 -11.10 -8.10 -5.73
CA GLY A 46 -11.22 -6.92 -6.61
C GLY A 46 -10.19 -5.78 -6.38
N THR A 47 -9.41 -5.79 -5.31
CA THR A 47 -8.31 -4.84 -5.05
C THR A 47 -7.10 -5.04 -5.99
N ILE A 48 -6.13 -4.11 -5.93
CA ILE A 48 -4.98 -4.03 -6.86
C ILE A 48 -3.67 -3.90 -6.05
N SER A 49 -2.62 -4.60 -6.47
CA SER A 49 -1.29 -4.56 -5.85
C SER A 49 -0.55 -3.23 -6.05
N LYS A 50 0.30 -2.88 -5.09
CA LYS A 50 1.16 -1.66 -5.07
C LYS A 50 2.52 -1.96 -4.44
N SER A 51 3.52 -1.14 -4.72
CA SER A 51 4.82 -1.18 -4.02
C SER A 51 4.66 -0.80 -2.55
N ALA A 52 5.53 -1.32 -1.68
CA ALA A 52 5.44 -1.12 -0.23
C ALA A 52 6.81 -1.04 0.48
N VAL A 53 6.87 -0.29 1.59
CA VAL A 53 8.02 -0.16 2.50
C VAL A 53 7.62 -0.41 3.97
N SER A 54 8.57 -0.80 4.83
CA SER A 54 8.31 -0.90 6.28
C SER A 54 8.27 0.48 6.93
N PHE A 55 7.14 0.81 7.58
CA PHE A 55 7.01 2.01 8.42
C PHE A 55 7.63 1.82 9.82
N ASP A 56 7.87 0.58 10.24
CA ASP A 56 8.26 0.20 11.61
C ASP A 56 9.65 -0.47 11.69
N ASN A 57 10.43 -0.41 10.60
CA ASN A 57 11.76 -1.00 10.47
C ASN A 57 11.80 -2.52 10.77
N GLN A 58 10.79 -3.24 10.26
CA GLN A 58 10.61 -4.69 10.41
C GLN A 58 10.70 -5.41 9.04
N GLN A 59 11.15 -6.67 9.03
CA GLN A 59 11.09 -7.50 7.83
C GLN A 59 9.69 -8.12 7.70
N ILE A 60 9.10 -8.04 6.51
CA ILE A 60 7.73 -8.49 6.21
C ILE A 60 7.78 -9.39 4.97
N SER A 61 7.96 -10.69 5.21
CA SER A 61 7.96 -11.71 4.16
C SER A 61 6.57 -11.93 3.54
N TYR A 62 6.52 -12.69 2.45
CA TYR A 62 5.27 -13.12 1.78
C TYR A 62 4.23 -13.73 2.74
N GLY A 63 2.94 -13.42 2.52
CA GLY A 63 1.83 -14.09 3.20
C GLY A 63 1.56 -13.68 4.65
N THR A 64 1.60 -12.38 4.98
CA THR A 64 1.14 -11.86 6.29
C THR A 64 0.25 -10.63 6.16
N THR A 65 -0.55 -10.37 7.20
CA THR A 65 -1.51 -9.26 7.24
C THR A 65 -0.85 -8.00 7.81
N VAL A 66 -0.96 -6.90 7.08
CA VAL A 66 -0.27 -5.63 7.34
C VAL A 66 -1.25 -4.48 7.39
N LEU A 67 -1.02 -3.48 8.24
CA LEU A 67 -1.78 -2.23 8.26
C LEU A 67 -1.05 -1.18 7.42
N VAL A 68 -1.73 -0.57 6.45
CA VAL A 68 -1.15 0.45 5.55
C VAL A 68 -1.15 1.82 6.22
N VAL A 69 -0.24 2.01 7.17
CA VAL A 69 -0.17 3.19 8.07
C VAL A 69 0.16 4.51 7.39
N ASP A 70 0.79 4.51 6.21
CA ASP A 70 0.96 5.70 5.36
C ASP A 70 0.99 5.33 3.87
N ILE A 71 0.82 6.30 2.97
CA ILE A 71 0.72 6.09 1.52
C ILE A 71 1.36 7.27 0.75
N ASN A 72 2.15 6.95 -0.28
CA ASN A 72 2.91 7.92 -1.09
C ASN A 72 2.86 7.53 -2.59
N ASN A 73 1.80 7.92 -3.29
CA ASN A 73 1.64 7.85 -4.76
C ASN A 73 2.09 6.51 -5.40
N GLY A 74 1.59 5.39 -4.86
CA GLY A 74 1.90 4.03 -5.32
C GLY A 74 2.95 3.29 -4.48
N VAL A 75 3.58 3.98 -3.51
CA VAL A 75 4.50 3.42 -2.52
C VAL A 75 3.85 3.51 -1.15
N LEU A 76 3.25 2.40 -0.72
CA LEU A 76 2.61 2.25 0.58
C LEU A 76 3.66 2.13 1.69
N SER A 77 3.33 2.58 2.90
CA SER A 77 4.11 2.36 4.11
C SER A 77 3.29 1.48 5.03
N VAL A 78 3.81 0.30 5.37
CA VAL A 78 3.04 -0.74 6.05
C VAL A 78 3.77 -1.30 7.28
N THR A 79 3.04 -2.00 8.15
CA THR A 79 3.58 -2.67 9.34
C THR A 79 2.74 -3.93 9.64
N PRO A 80 3.33 -5.07 10.07
CA PRO A 80 2.59 -6.31 10.25
C PRO A 80 1.70 -6.27 11.50
N HIS A 81 0.44 -5.87 11.31
CA HIS A 81 -0.61 -5.92 12.33
C HIS A 81 -0.92 -7.37 12.77
N GLU A 82 -0.83 -8.32 11.83
CA GLU A 82 -1.12 -9.77 12.00
C GLU A 82 -2.29 -10.09 12.97
N PRO A 83 -3.53 -9.62 12.70
CA PRO A 83 -4.70 -9.86 13.56
C PRO A 83 -4.94 -11.34 13.88
N ILE A 84 -5.46 -11.61 15.09
CA ILE A 84 -5.72 -12.95 15.64
C ILE A 84 -7.04 -13.01 16.43
N GLY A 1 -6.01 22.25 -22.79
CA GLY A 1 -6.21 22.24 -21.34
C GLY A 1 -6.36 20.85 -20.72
N SER A 2 -6.47 19.80 -21.55
CA SER A 2 -6.72 18.40 -21.12
C SER A 2 -5.69 17.87 -20.11
N HIS A 3 -4.45 18.35 -20.16
CA HIS A 3 -3.40 18.03 -19.19
C HIS A 3 -3.76 18.41 -17.74
N MET A 4 -4.53 19.48 -17.52
CA MET A 4 -5.04 19.84 -16.18
C MET A 4 -6.16 18.91 -15.71
N LEU A 5 -7.00 18.42 -16.63
CA LEU A 5 -8.07 17.45 -16.34
C LEU A 5 -7.48 16.07 -16.02
N GLU A 6 -6.45 15.65 -16.76
CA GLU A 6 -5.67 14.43 -16.49
C GLU A 6 -4.91 14.51 -15.16
N SER A 7 -4.32 15.68 -14.83
CA SER A 7 -3.71 15.93 -13.52
C SER A 7 -4.75 15.86 -12.39
N SER A 8 -5.94 16.41 -12.60
CA SER A 8 -7.05 16.34 -11.62
C SER A 8 -7.53 14.91 -11.40
N ALA A 9 -7.61 14.09 -12.45
CA ALA A 9 -7.94 12.67 -12.35
C ALA A 9 -6.84 11.87 -11.61
N GLU A 10 -5.56 12.16 -11.87
CA GLU A 10 -4.43 11.54 -11.16
C GLU A 10 -4.39 11.92 -9.68
N GLU A 11 -4.66 13.18 -9.34
CA GLU A 11 -4.79 13.64 -7.94
C GLU A 11 -6.03 13.04 -7.24
N SER A 12 -7.13 12.82 -7.97
CA SER A 12 -8.30 12.10 -7.45
C SER A 12 -7.99 10.63 -7.17
N LEU A 13 -7.19 9.97 -8.03
CA LEU A 13 -6.71 8.61 -7.80
C LEU A 13 -5.78 8.56 -6.59
N ALA A 14 -4.86 9.53 -6.43
CA ALA A 14 -4.01 9.64 -5.26
C ALA A 14 -4.82 9.81 -3.95
N TYR A 15 -5.94 10.53 -3.99
CA TYR A 15 -6.88 10.63 -2.87
C TYR A 15 -7.61 9.30 -2.57
N ARG A 16 -8.06 8.56 -3.61
CA ARG A 16 -8.62 7.20 -3.47
C ARG A 16 -7.60 6.21 -2.89
N GLU A 17 -6.33 6.32 -3.28
CA GLU A 17 -5.23 5.55 -2.70
C GLU A 17 -4.96 5.94 -1.25
N ASP A 18 -4.98 7.23 -0.89
CA ASP A 18 -4.82 7.68 0.49
C ASP A 18 -5.95 7.20 1.43
N ASP A 19 -7.15 6.92 0.91
CA ASP A 19 -8.21 6.26 1.68
C ASP A 19 -7.83 4.85 2.15
N LEU A 20 -6.97 4.14 1.39
CA LEU A 20 -6.43 2.83 1.77
C LEU A 20 -5.54 2.89 3.03
N ARG A 21 -5.12 4.08 3.48
CA ARG A 21 -4.43 4.30 4.77
C ARG A 21 -5.29 3.96 5.99
N GLY A 22 -6.59 3.72 5.80
CA GLY A 22 -7.51 3.21 6.83
C GLY A 22 -7.82 1.72 6.68
N ARG A 23 -7.02 0.95 5.92
CA ARG A 23 -7.30 -0.43 5.52
C ARG A 23 -6.12 -1.39 5.75
N LEU A 24 -6.48 -2.68 5.82
CA LEU A 24 -5.60 -3.83 6.05
C LEU A 24 -5.24 -4.48 4.69
N GLY A 25 -4.07 -5.09 4.61
CA GLY A 25 -3.48 -5.67 3.40
C GLY A 25 -2.68 -6.96 3.65
N LYS A 26 -2.05 -7.44 2.58
CA LYS A 26 -1.38 -8.73 2.46
C LYS A 26 -0.12 -8.59 1.60
N VAL A 27 1.05 -8.83 2.18
CA VAL A 27 2.35 -8.72 1.48
C VAL A 27 2.56 -9.90 0.53
N ILE A 28 3.02 -9.61 -0.68
CA ILE A 28 3.16 -10.56 -1.81
C ILE A 28 4.59 -10.60 -2.41
N THR A 29 5.42 -9.61 -2.05
CA THR A 29 6.87 -9.56 -2.31
C THR A 29 7.50 -8.96 -1.06
N ALA A 30 8.50 -9.62 -0.48
CA ALA A 30 9.05 -9.29 0.84
C ALA A 30 9.54 -7.83 0.95
N VAL A 31 9.26 -7.23 2.10
CA VAL A 31 9.51 -5.81 2.42
C VAL A 31 10.48 -5.74 3.62
N PRO A 32 11.80 -5.62 3.41
CA PRO A 32 12.77 -5.62 4.51
C PRO A 32 12.78 -4.29 5.29
N VAL A 33 13.53 -4.28 6.39
CA VAL A 33 13.57 -3.20 7.41
C VAL A 33 13.87 -1.80 6.87
N ASP A 34 14.54 -1.69 5.72
CA ASP A 34 14.95 -0.44 5.08
C ASP A 34 14.86 -0.53 3.54
N GLY A 35 13.91 -1.34 3.03
CA GLY A 35 13.76 -1.66 1.61
C GLY A 35 12.31 -1.73 1.12
N PHE A 36 12.12 -2.33 -0.06
CA PHE A 36 10.87 -2.33 -0.82
C PHE A 36 10.43 -3.74 -1.23
N GLY A 37 9.12 -3.96 -1.24
CA GLY A 37 8.43 -5.14 -1.77
C GLY A 37 7.03 -4.74 -2.28
N GLU A 38 6.02 -5.59 -2.10
CA GLU A 38 4.67 -5.37 -2.64
C GLU A 38 3.56 -5.87 -1.70
N VAL A 39 2.37 -5.27 -1.82
CA VAL A 39 1.18 -5.52 -1.00
C VAL A 39 -0.11 -5.41 -1.83
N VAL A 40 -1.18 -6.03 -1.34
CA VAL A 40 -2.57 -5.89 -1.84
C VAL A 40 -3.48 -5.58 -0.64
N ILE A 41 -4.52 -4.76 -0.79
CA ILE A 41 -5.56 -4.60 0.24
C ILE A 41 -6.42 -5.86 0.33
N GLU A 42 -6.92 -6.18 1.53
CA GLU A 42 -7.59 -7.46 1.87
C GLU A 42 -8.84 -7.83 1.04
N GLY A 43 -9.42 -6.89 0.28
CA GLY A 43 -10.49 -7.14 -0.71
C GLY A 43 -10.00 -7.83 -1.99
N ILE A 44 -9.09 -8.81 -1.87
CA ILE A 44 -8.31 -9.47 -2.94
C ILE A 44 -9.10 -9.94 -4.19
N GLY A 45 -10.41 -10.16 -4.07
CA GLY A 45 -11.31 -10.42 -5.20
C GLY A 45 -11.51 -9.25 -6.18
N GLY A 46 -11.15 -8.01 -5.78
CA GLY A 46 -11.31 -6.81 -6.61
C GLY A 46 -10.31 -5.65 -6.36
N THR A 47 -9.50 -5.70 -5.30
CA THR A 47 -8.41 -4.74 -5.03
C THR A 47 -7.21 -4.90 -5.99
N ILE A 48 -6.22 -4.01 -5.89
CA ILE A 48 -5.08 -3.86 -6.81
C ILE A 48 -3.77 -3.86 -6.01
N SER A 49 -2.75 -4.59 -6.49
CA SER A 49 -1.42 -4.64 -5.89
C SER A 49 -0.62 -3.33 -6.09
N LYS A 50 0.23 -3.00 -5.11
CA LYS A 50 1.06 -1.77 -5.05
C LYS A 50 2.45 -2.08 -4.47
N SER A 51 3.43 -1.22 -4.72
CA SER A 51 4.73 -1.28 -4.04
C SER A 51 4.57 -0.91 -2.55
N ALA A 52 5.43 -1.45 -1.70
CA ALA A 52 5.35 -1.28 -0.25
C ALA A 52 6.72 -1.13 0.43
N VAL A 53 6.75 -0.36 1.53
CA VAL A 53 7.91 -0.16 2.43
C VAL A 53 7.52 -0.38 3.90
N SER A 54 8.48 -0.77 4.74
CA SER A 54 8.25 -1.07 6.16
C SER A 54 8.28 0.20 7.02
N PHE A 55 7.12 0.66 7.48
CA PHE A 55 6.97 1.87 8.30
C PHE A 55 7.62 1.75 9.68
N ASP A 56 7.62 0.53 10.25
CA ASP A 56 8.10 0.22 11.61
C ASP A 56 9.51 -0.40 11.62
N ASN A 57 10.25 -0.28 10.51
CA ASN A 57 11.56 -0.89 10.25
C ASN A 57 11.64 -2.39 10.62
N GLN A 58 10.61 -3.16 10.23
CA GLN A 58 10.53 -4.61 10.40
C GLN A 58 10.72 -5.34 9.06
N GLN A 59 11.20 -6.58 9.08
CA GLN A 59 11.22 -7.43 7.89
C GLN A 59 9.83 -8.08 7.73
N ILE A 60 9.20 -7.88 6.58
CA ILE A 60 7.81 -8.30 6.30
C ILE A 60 7.83 -9.28 5.13
N SER A 61 7.88 -10.58 5.44
CA SER A 61 7.91 -11.66 4.45
C SER A 61 6.59 -11.82 3.68
N TYR A 62 6.62 -12.65 2.64
CA TYR A 62 5.44 -13.08 1.87
C TYR A 62 4.34 -13.68 2.75
N GLY A 63 3.08 -13.40 2.41
CA GLY A 63 1.91 -14.04 3.01
C GLY A 63 1.57 -13.62 4.44
N THR A 64 1.83 -12.36 4.82
CA THR A 64 1.48 -11.84 6.16
C THR A 64 0.55 -10.63 6.10
N THR A 65 -0.22 -10.44 7.17
CA THR A 65 -1.30 -9.45 7.25
C THR A 65 -0.77 -8.14 7.85
N VAL A 66 -0.95 -7.04 7.11
CA VAL A 66 -0.34 -5.74 7.38
C VAL A 66 -1.36 -4.62 7.41
N LEU A 67 -1.16 -3.60 8.26
CA LEU A 67 -1.94 -2.36 8.24
C LEU A 67 -1.16 -1.33 7.42
N VAL A 68 -1.80 -0.70 6.43
CA VAL A 68 -1.21 0.47 5.75
C VAL A 68 -1.31 1.66 6.70
N VAL A 69 -0.18 2.32 6.98
CA VAL A 69 -0.05 3.36 8.02
C VAL A 69 0.40 4.73 7.49
N ASP A 70 1.01 4.76 6.31
CA ASP A 70 1.31 5.99 5.54
C ASP A 70 1.28 5.63 4.04
N ILE A 71 1.18 6.60 3.14
CA ILE A 71 1.00 6.34 1.69
C ILE A 71 1.68 7.44 0.86
N ASN A 72 2.30 7.00 -0.24
CA ASN A 72 2.86 7.80 -1.32
C ASN A 72 2.44 7.16 -2.66
N ASN A 73 2.51 7.90 -3.78
CA ASN A 73 2.00 7.51 -5.10
C ASN A 73 2.47 6.11 -5.56
N GLY A 74 1.62 5.11 -5.40
CA GLY A 74 1.90 3.69 -5.70
C GLY A 74 2.92 3.00 -4.78
N VAL A 75 3.32 3.64 -3.68
CA VAL A 75 4.34 3.19 -2.71
C VAL A 75 3.78 3.39 -1.30
N LEU A 76 3.07 2.37 -0.82
CA LEU A 76 2.42 2.34 0.49
C LEU A 76 3.47 2.09 1.60
N SER A 77 3.24 2.63 2.79
CA SER A 77 4.04 2.34 4.00
C SER A 77 3.19 1.49 4.94
N VAL A 78 3.69 0.30 5.28
CA VAL A 78 2.90 -0.72 6.00
C VAL A 78 3.65 -1.29 7.21
N THR A 79 2.92 -1.95 8.11
CA THR A 79 3.45 -2.63 9.30
C THR A 79 2.65 -3.91 9.59
N PRO A 80 3.28 -5.03 10.02
CA PRO A 80 2.58 -6.29 10.26
C PRO A 80 1.68 -6.26 11.51
N HIS A 81 0.42 -5.89 11.30
CA HIS A 81 -0.62 -5.87 12.33
C HIS A 81 -0.97 -7.28 12.84
N GLU A 82 -0.99 -8.26 11.94
CA GLU A 82 -1.38 -9.67 12.18
C GLU A 82 -2.53 -9.88 13.21
N PRO A 83 -3.72 -9.26 13.00
CA PRO A 83 -4.86 -9.40 13.90
C PRO A 83 -5.47 -10.82 13.89
N ILE A 84 -6.20 -11.16 14.95
CA ILE A 84 -6.87 -12.45 15.16
C ILE A 84 -8.27 -12.24 15.74
N GLY A 1 -4.34 20.74 -23.47
CA GLY A 1 -5.18 20.69 -22.27
C GLY A 1 -5.53 19.27 -21.81
N SER A 2 -5.46 18.28 -22.71
CA SER A 2 -5.69 16.86 -22.39
C SER A 2 -4.75 16.33 -21.29
N HIS A 3 -3.50 16.79 -21.27
CA HIS A 3 -2.53 16.53 -20.21
C HIS A 3 -2.98 16.99 -18.81
N MET A 4 -3.77 18.06 -18.71
CA MET A 4 -4.35 18.52 -17.43
C MET A 4 -5.51 17.63 -16.98
N LEU A 5 -6.32 17.11 -17.91
CA LEU A 5 -7.38 16.14 -17.62
C LEU A 5 -6.80 14.79 -17.18
N GLU A 6 -5.73 14.33 -17.83
CA GLU A 6 -4.97 13.14 -17.42
C GLU A 6 -4.32 13.33 -16.03
N SER A 7 -3.72 14.50 -15.76
CA SER A 7 -3.20 14.84 -14.43
C SER A 7 -4.29 14.84 -13.37
N SER A 8 -5.48 15.36 -13.68
CA SER A 8 -6.64 15.36 -12.77
C SER A 8 -7.14 13.93 -12.49
N ALA A 9 -7.14 13.04 -13.48
CA ALA A 9 -7.48 11.63 -13.30
C ALA A 9 -6.43 10.88 -12.44
N GLU A 10 -5.14 11.15 -12.63
CA GLU A 10 -4.06 10.58 -11.80
C GLU A 10 -4.10 11.09 -10.35
N GLU A 11 -4.41 12.38 -10.13
CA GLU A 11 -4.65 12.92 -8.79
C GLU A 11 -5.91 12.32 -8.15
N SER A 12 -6.98 12.09 -8.92
CA SER A 12 -8.18 11.41 -8.44
C SER A 12 -7.89 9.97 -8.00
N LEU A 13 -7.03 9.25 -8.74
CA LEU A 13 -6.56 7.92 -8.36
C LEU A 13 -5.72 7.98 -7.07
N ALA A 14 -4.83 8.96 -6.94
CA ALA A 14 -4.07 9.17 -5.70
C ALA A 14 -4.98 9.43 -4.49
N TYR A 15 -6.09 10.14 -4.66
CA TYR A 15 -7.11 10.32 -3.60
C TYR A 15 -7.85 9.03 -3.25
N ARG A 16 -8.17 8.18 -4.25
CA ARG A 16 -8.72 6.82 -4.01
C ARG A 16 -7.73 5.91 -3.30
N GLU A 17 -6.45 5.99 -3.64
CA GLU A 17 -5.37 5.26 -2.98
C GLU A 17 -5.18 5.74 -1.52
N ASP A 18 -5.22 7.05 -1.26
CA ASP A 18 -5.16 7.61 0.09
C ASP A 18 -6.30 7.13 1.00
N ASP A 19 -7.48 6.82 0.46
CA ASP A 19 -8.57 6.19 1.22
C ASP A 19 -8.17 4.80 1.78
N LEU A 20 -7.27 4.07 1.11
CA LEU A 20 -6.73 2.78 1.57
C LEU A 20 -5.82 2.90 2.81
N ARG A 21 -5.40 4.11 3.20
CA ARG A 21 -4.64 4.37 4.45
C ARG A 21 -5.42 4.00 5.74
N GLY A 22 -6.73 3.77 5.62
CA GLY A 22 -7.58 3.24 6.68
C GLY A 22 -7.90 1.74 6.55
N ARG A 23 -7.13 0.98 5.76
CA ARG A 23 -7.37 -0.44 5.45
C ARG A 23 -6.15 -1.35 5.67
N LEU A 24 -6.47 -2.63 5.82
CA LEU A 24 -5.56 -3.75 6.04
C LEU A 24 -5.22 -4.42 4.69
N GLY A 25 -4.03 -5.02 4.60
CA GLY A 25 -3.47 -5.64 3.39
C GLY A 25 -2.67 -6.92 3.65
N LYS A 26 -2.04 -7.41 2.58
CA LYS A 26 -1.37 -8.71 2.45
C LYS A 26 -0.12 -8.57 1.59
N VAL A 27 1.05 -8.82 2.17
CA VAL A 27 2.35 -8.71 1.47
C VAL A 27 2.57 -9.89 0.51
N ILE A 28 3.05 -9.57 -0.70
CA ILE A 28 3.21 -10.51 -1.84
C ILE A 28 4.63 -10.54 -2.43
N THR A 29 5.45 -9.54 -2.09
CA THR A 29 6.90 -9.48 -2.36
C THR A 29 7.53 -8.89 -1.09
N ALA A 30 8.54 -9.56 -0.53
CA ALA A 30 9.10 -9.26 0.78
C ALA A 30 9.55 -7.80 0.93
N VAL A 31 9.24 -7.20 2.08
CA VAL A 31 9.47 -5.79 2.42
C VAL A 31 10.45 -5.74 3.60
N PRO A 32 11.78 -5.63 3.37
CA PRO A 32 12.75 -5.64 4.45
C PRO A 32 12.78 -4.33 5.25
N VAL A 33 13.55 -4.33 6.35
CA VAL A 33 13.58 -3.29 7.39
C VAL A 33 13.84 -1.86 6.89
N ASP A 34 14.55 -1.72 5.77
CA ASP A 34 14.93 -0.44 5.16
C ASP A 34 14.85 -0.51 3.62
N GLY A 35 13.93 -1.32 3.10
CA GLY A 35 13.79 -1.62 1.67
C GLY A 35 12.34 -1.68 1.18
N PHE A 36 12.15 -2.28 0.00
CA PHE A 36 10.88 -2.26 -0.75
C PHE A 36 10.44 -3.67 -1.18
N GLY A 37 9.13 -3.88 -1.19
CA GLY A 37 8.43 -5.06 -1.73
C GLY A 37 7.05 -4.66 -2.25
N GLU A 38 6.05 -5.52 -2.10
CA GLU A 38 4.69 -5.30 -2.62
C GLU A 38 3.58 -5.83 -1.69
N VAL A 39 2.40 -5.23 -1.81
CA VAL A 39 1.20 -5.49 -0.98
C VAL A 39 -0.09 -5.37 -1.81
N VAL A 40 -1.16 -5.99 -1.33
CA VAL A 40 -2.55 -5.86 -1.83
C VAL A 40 -3.46 -5.57 -0.64
N ILE A 41 -4.52 -4.76 -0.79
CA ILE A 41 -5.55 -4.61 0.26
C ILE A 41 -6.40 -5.90 0.36
N GLU A 42 -6.89 -6.20 1.55
CA GLU A 42 -7.55 -7.49 1.91
C GLU A 42 -8.78 -7.88 1.07
N GLY A 43 -9.38 -6.97 0.31
CA GLY A 43 -10.44 -7.24 -0.69
C GLY A 43 -9.94 -7.92 -1.96
N ILE A 44 -9.03 -8.90 -1.85
CA ILE A 44 -8.27 -9.56 -2.92
C ILE A 44 -9.07 -10.04 -4.15
N GLY A 45 -10.37 -10.26 -4.03
CA GLY A 45 -11.28 -10.54 -5.14
C GLY A 45 -11.48 -9.37 -6.13
N GLY A 46 -11.12 -8.14 -5.75
CA GLY A 46 -11.26 -6.93 -6.59
C GLY A 46 -10.26 -5.79 -6.36
N THR A 47 -9.45 -5.83 -5.29
CA THR A 47 -8.37 -4.86 -5.03
C THR A 47 -7.17 -5.03 -5.98
N ILE A 48 -6.20 -4.09 -5.94
CA ILE A 48 -5.07 -3.98 -6.87
C ILE A 48 -3.75 -3.87 -6.08
N SER A 49 -2.73 -4.61 -6.52
CA SER A 49 -1.38 -4.62 -5.91
C SER A 49 -0.63 -3.29 -6.06
N LYS A 50 0.22 -2.95 -5.09
CA LYS A 50 1.08 -1.75 -5.07
C LYS A 50 2.45 -2.05 -4.45
N SER A 51 3.44 -1.19 -4.69
CA SER A 51 4.73 -1.22 -4.00
C SER A 51 4.58 -0.85 -2.51
N ALA A 52 5.46 -1.37 -1.66
CA ALA A 52 5.36 -1.23 -0.20
C ALA A 52 6.73 -1.04 0.50
N VAL A 53 6.75 -0.31 1.61
CA VAL A 53 7.91 -0.11 2.52
C VAL A 53 7.53 -0.39 3.99
N SER A 54 8.50 -0.82 4.81
CA SER A 54 8.28 -1.16 6.23
C SER A 54 8.37 0.09 7.10
N PHE A 55 7.22 0.61 7.54
CA PHE A 55 7.15 1.82 8.38
C PHE A 55 7.74 1.61 9.78
N ASP A 56 7.63 0.38 10.31
CA ASP A 56 8.05 0.02 11.67
C ASP A 56 9.48 -0.58 11.73
N ASN A 57 10.24 -0.46 10.62
CA ASN A 57 11.60 -0.98 10.48
C ASN A 57 11.71 -2.50 10.77
N GLN A 58 10.75 -3.27 10.26
CA GLN A 58 10.63 -4.73 10.40
C GLN A 58 10.78 -5.44 9.06
N GLN A 59 11.21 -6.71 9.06
CA GLN A 59 11.27 -7.53 7.84
C GLN A 59 9.91 -8.23 7.66
N ILE A 60 9.22 -7.93 6.56
CA ILE A 60 7.84 -8.38 6.27
C ILE A 60 7.86 -9.33 5.06
N SER A 61 7.98 -10.63 5.34
CA SER A 61 7.94 -11.69 4.32
C SER A 61 6.59 -11.81 3.61
N TYR A 62 6.57 -12.56 2.50
CA TYR A 62 5.36 -12.98 1.78
C TYR A 62 4.32 -13.63 2.73
N GLY A 63 3.04 -13.36 2.49
CA GLY A 63 1.94 -14.08 3.15
C GLY A 63 1.63 -13.66 4.60
N THR A 64 1.76 -12.37 4.94
CA THR A 64 1.35 -11.85 6.27
C THR A 64 0.43 -10.63 6.17
N THR A 65 -0.32 -10.40 7.24
CA THR A 65 -1.37 -9.36 7.34
C THR A 65 -0.78 -8.07 7.91
N VAL A 66 -0.97 -6.98 7.17
CA VAL A 66 -0.32 -5.68 7.40
C VAL A 66 -1.33 -4.53 7.40
N LEU A 67 -1.11 -3.49 8.22
CA LEU A 67 -1.89 -2.25 8.19
C LEU A 67 -1.15 -1.20 7.35
N VAL A 68 -1.82 -0.56 6.38
CA VAL A 68 -1.23 0.47 5.50
C VAL A 68 -1.23 1.82 6.22
N VAL A 69 -0.29 2.00 7.16
CA VAL A 69 -0.21 3.15 8.08
C VAL A 69 -0.03 4.50 7.39
N ASP A 70 0.65 4.56 6.24
CA ASP A 70 0.85 5.77 5.42
C ASP A 70 0.94 5.40 3.93
N ILE A 71 0.82 6.37 3.02
CA ILE A 71 0.76 6.16 1.57
C ILE A 71 1.46 7.32 0.82
N ASN A 72 2.22 6.99 -0.23
CA ASN A 72 3.00 7.92 -1.04
C ASN A 72 2.96 7.54 -2.54
N ASN A 73 1.90 7.94 -3.25
CA ASN A 73 1.75 7.87 -4.71
C ASN A 73 2.23 6.56 -5.38
N GLY A 74 1.70 5.43 -4.91
CA GLY A 74 2.01 4.07 -5.39
C GLY A 74 2.98 3.29 -4.50
N VAL A 75 3.62 3.97 -3.53
CA VAL A 75 4.51 3.40 -2.51
C VAL A 75 3.80 3.48 -1.16
N LEU A 76 3.13 2.41 -0.79
CA LEU A 76 2.43 2.26 0.49
C LEU A 76 3.46 2.07 1.63
N SER A 77 3.15 2.56 2.82
CA SER A 77 3.92 2.32 4.05
C SER A 77 3.10 1.39 4.93
N VAL A 78 3.67 0.26 5.31
CA VAL A 78 2.94 -0.81 5.99
C VAL A 78 3.68 -1.33 7.21
N THR A 79 2.95 -2.00 8.10
CA THR A 79 3.47 -2.61 9.33
C THR A 79 2.67 -3.87 9.66
N PRO A 80 3.29 -4.98 10.11
CA PRO A 80 2.59 -6.24 10.33
C PRO A 80 1.69 -6.20 11.58
N HIS A 81 0.43 -5.82 11.36
CA HIS A 81 -0.64 -5.86 12.36
C HIS A 81 -0.88 -7.31 12.85
N GLU A 82 -0.77 -8.30 11.96
CA GLU A 82 -0.92 -9.74 12.19
C GLU A 82 -2.03 -10.13 13.22
N PRO A 83 -3.30 -9.67 13.03
CA PRO A 83 -4.40 -9.97 13.95
C PRO A 83 -4.82 -11.45 13.92
N ILE A 84 -5.45 -11.91 15.00
CA ILE A 84 -5.92 -13.30 15.20
C ILE A 84 -7.32 -13.29 15.84
N GLY A 1 -7.47 19.93 -24.23
CA GLY A 1 -7.56 20.01 -22.77
C GLY A 1 -7.53 18.65 -22.04
N SER A 2 -7.49 17.54 -22.78
CA SER A 2 -7.55 16.17 -22.24
C SER A 2 -6.49 15.85 -21.18
N HIS A 3 -5.31 16.46 -21.25
CA HIS A 3 -4.25 16.30 -20.24
C HIS A 3 -4.69 16.75 -18.84
N MET A 4 -5.53 17.78 -18.74
CA MET A 4 -6.11 18.23 -17.45
C MET A 4 -7.15 17.24 -16.92
N LEU A 5 -7.95 16.63 -17.79
CA LEU A 5 -8.91 15.57 -17.43
C LEU A 5 -8.18 14.30 -16.93
N GLU A 6 -7.09 13.91 -17.60
CA GLU A 6 -6.21 12.82 -17.16
C GLU A 6 -5.52 13.14 -15.82
N SER A 7 -5.04 14.37 -15.64
CA SER A 7 -4.47 14.84 -14.36
C SER A 7 -5.51 14.78 -13.23
N SER A 8 -6.75 15.18 -13.50
CA SER A 8 -7.87 15.10 -12.54
C SER A 8 -8.20 13.66 -12.16
N ALA A 9 -8.21 12.73 -13.13
CA ALA A 9 -8.39 11.30 -12.88
C ALA A 9 -7.23 10.69 -12.05
N GLU A 10 -5.99 11.07 -12.31
CA GLU A 10 -4.82 10.64 -11.52
C GLU A 10 -4.82 11.21 -10.10
N GLU A 11 -5.25 12.46 -9.90
CA GLU A 11 -5.44 13.05 -8.57
C GLU A 11 -6.60 12.39 -7.80
N SER A 12 -7.68 12.01 -8.50
CA SER A 12 -8.76 11.21 -7.91
C SER A 12 -8.27 9.82 -7.49
N LEU A 13 -7.43 9.17 -8.32
CA LEU A 13 -6.80 7.89 -7.97
C LEU A 13 -5.90 8.04 -6.73
N ALA A 14 -5.09 9.10 -6.64
CA ALA A 14 -4.27 9.39 -5.47
C ALA A 14 -5.11 9.57 -4.19
N TYR A 15 -6.29 10.21 -4.30
CA TYR A 15 -7.24 10.34 -3.19
C TYR A 15 -7.86 8.98 -2.78
N ARG A 16 -8.26 8.14 -3.74
CA ARG A 16 -8.72 6.76 -3.48
C ARG A 16 -7.62 5.90 -2.85
N GLU A 17 -6.37 6.07 -3.28
CA GLU A 17 -5.21 5.37 -2.71
C GLU A 17 -4.93 5.82 -1.27
N ASP A 18 -5.00 7.12 -0.97
CA ASP A 18 -4.86 7.63 0.41
C ASP A 18 -5.99 7.17 1.35
N ASP A 19 -7.19 6.87 0.85
CA ASP A 19 -8.25 6.22 1.63
C ASP A 19 -7.85 4.81 2.12
N LEU A 20 -7.00 4.10 1.37
CA LEU A 20 -6.46 2.79 1.77
C LEU A 20 -5.57 2.87 3.04
N ARG A 21 -5.15 4.07 3.46
CA ARG A 21 -4.47 4.32 4.76
C ARG A 21 -5.34 3.98 5.99
N GLY A 22 -6.64 3.73 5.79
CA GLY A 22 -7.55 3.22 6.82
C GLY A 22 -7.88 1.72 6.66
N ARG A 23 -7.07 0.96 5.91
CA ARG A 23 -7.35 -0.44 5.51
C ARG A 23 -6.18 -1.39 5.76
N LEU A 24 -6.53 -2.67 5.81
CA LEU A 24 -5.65 -3.82 6.04
C LEU A 24 -5.30 -4.48 4.70
N GLY A 25 -4.10 -5.06 4.61
CA GLY A 25 -3.51 -5.63 3.41
C GLY A 25 -2.72 -6.91 3.67
N LYS A 26 -2.07 -7.41 2.61
CA LYS A 26 -1.40 -8.70 2.51
C LYS A 26 -0.16 -8.58 1.63
N VAL A 27 1.02 -8.82 2.21
CA VAL A 27 2.33 -8.72 1.53
C VAL A 27 2.54 -9.89 0.56
N ILE A 28 3.01 -9.59 -0.65
CA ILE A 28 3.16 -10.53 -1.78
C ILE A 28 4.58 -10.54 -2.38
N THR A 29 5.43 -9.58 -1.98
CA THR A 29 6.87 -9.52 -2.23
C THR A 29 7.50 -8.93 -0.97
N ALA A 30 8.49 -9.60 -0.39
CA ALA A 30 9.04 -9.28 0.92
C ALA A 30 9.54 -7.83 1.03
N VAL A 31 9.30 -7.21 2.18
CA VAL A 31 9.56 -5.79 2.46
C VAL A 31 10.58 -5.72 3.60
N PRO A 32 11.89 -5.59 3.34
CA PRO A 32 12.91 -5.60 4.39
C PRO A 32 12.91 -4.31 5.21
N VAL A 33 13.68 -4.33 6.31
CA VAL A 33 13.68 -3.30 7.38
C VAL A 33 13.98 -1.87 6.90
N ASP A 34 14.61 -1.70 5.74
CA ASP A 34 14.98 -0.40 5.14
C ASP A 34 14.87 -0.45 3.60
N GLY A 35 13.92 -1.25 3.07
CA GLY A 35 13.77 -1.52 1.63
C GLY A 35 12.32 -1.63 1.16
N PHE A 36 12.13 -2.25 0.00
CA PHE A 36 10.85 -2.28 -0.75
C PHE A 36 10.43 -3.70 -1.14
N GLY A 37 9.12 -3.92 -1.15
CA GLY A 37 8.42 -5.11 -1.68
C GLY A 37 7.04 -4.71 -2.20
N GLU A 38 6.02 -5.57 -2.03
CA GLU A 38 4.67 -5.35 -2.57
C GLU A 38 3.56 -5.86 -1.63
N VAL A 39 2.36 -5.28 -1.78
CA VAL A 39 1.17 -5.53 -0.95
C VAL A 39 -0.12 -5.41 -1.79
N VAL A 40 -1.20 -6.03 -1.31
CA VAL A 40 -2.58 -5.88 -1.82
C VAL A 40 -3.49 -5.58 -0.62
N ILE A 41 -4.53 -4.77 -0.79
CA ILE A 41 -5.57 -4.60 0.26
C ILE A 41 -6.43 -5.87 0.33
N GLU A 42 -6.92 -6.20 1.54
CA GLU A 42 -7.58 -7.48 1.88
C GLU A 42 -8.83 -7.85 1.06
N GLY A 43 -9.43 -6.92 0.30
CA GLY A 43 -10.49 -7.17 -0.68
C GLY A 43 -9.98 -7.82 -1.98
N ILE A 44 -9.08 -8.80 -1.88
CA ILE A 44 -8.30 -9.43 -2.95
C ILE A 44 -9.07 -9.87 -4.21
N GLY A 45 -10.38 -10.11 -4.12
CA GLY A 45 -11.27 -10.36 -5.26
C GLY A 45 -11.48 -9.15 -6.21
N GLY A 46 -11.14 -7.93 -5.78
CA GLY A 46 -11.31 -6.70 -6.58
C GLY A 46 -10.33 -5.54 -6.30
N THR A 47 -9.51 -5.61 -5.25
CA THR A 47 -8.43 -4.64 -4.95
C THR A 47 -7.24 -4.74 -5.92
N ILE A 48 -6.23 -3.88 -5.74
CA ILE A 48 -5.11 -3.66 -6.67
C ILE A 48 -3.78 -3.75 -5.90
N SER A 49 -2.81 -4.48 -6.45
CA SER A 49 -1.45 -4.60 -5.88
C SER A 49 -0.65 -3.29 -6.03
N LYS A 50 0.18 -2.97 -5.04
CA LYS A 50 1.01 -1.76 -4.96
C LYS A 50 2.39 -2.09 -4.38
N SER A 51 3.39 -1.25 -4.64
CA SER A 51 4.70 -1.33 -3.95
C SER A 51 4.56 -0.91 -2.49
N ALA A 52 5.43 -1.43 -1.63
CA ALA A 52 5.34 -1.23 -0.18
C ALA A 52 6.71 -1.08 0.50
N VAL A 53 6.75 -0.33 1.61
CA VAL A 53 7.89 -0.15 2.53
C VAL A 53 7.46 -0.40 3.98
N SER A 54 8.39 -0.79 4.86
CA SER A 54 8.10 -0.95 6.29
C SER A 54 8.10 0.41 7.00
N PHE A 55 6.98 0.75 7.64
CA PHE A 55 6.86 1.91 8.53
C PHE A 55 7.46 1.68 9.93
N ASP A 56 7.78 0.42 10.27
CA ASP A 56 8.17 -0.02 11.62
C ASP A 56 9.54 -0.74 11.65
N ASN A 57 10.33 -0.57 10.57
CA ASN A 57 11.62 -1.22 10.34
C ASN A 57 11.62 -2.75 10.58
N GLN A 58 10.60 -3.43 10.06
CA GLN A 58 10.42 -4.89 10.11
C GLN A 58 10.76 -5.54 8.76
N GLN A 59 11.13 -6.83 8.79
CA GLN A 59 11.37 -7.64 7.59
C GLN A 59 10.10 -8.44 7.26
N ILE A 60 9.17 -7.78 6.56
CA ILE A 60 7.80 -8.26 6.31
C ILE A 60 7.82 -9.29 5.17
N SER A 61 7.85 -10.57 5.52
CA SER A 61 7.90 -11.68 4.55
C SER A 61 6.58 -11.86 3.79
N TYR A 62 6.61 -12.72 2.76
CA TYR A 62 5.46 -13.12 1.96
C TYR A 62 4.31 -13.70 2.80
N GLY A 63 3.07 -13.37 2.43
CA GLY A 63 1.86 -14.00 2.98
C GLY A 63 1.47 -13.56 4.40
N THR A 64 1.82 -12.35 4.83
CA THR A 64 1.45 -11.83 6.17
C THR A 64 0.52 -10.62 6.10
N THR A 65 -0.27 -10.43 7.15
CA THR A 65 -1.34 -9.43 7.22
C THR A 65 -0.83 -8.13 7.84
N VAL A 66 -1.00 -7.03 7.13
CA VAL A 66 -0.39 -5.71 7.42
C VAL A 66 -1.42 -4.60 7.44
N LEU A 67 -1.24 -3.60 8.30
CA LEU A 67 -2.02 -2.36 8.28
C LEU A 67 -1.24 -1.31 7.48
N VAL A 68 -1.87 -0.68 6.48
CA VAL A 68 -1.27 0.49 5.82
C VAL A 68 -1.40 1.68 6.76
N VAL A 69 -0.27 2.34 7.05
CA VAL A 69 -0.16 3.38 8.10
C VAL A 69 0.29 4.75 7.57
N ASP A 70 0.93 4.79 6.40
CA ASP A 70 1.24 6.01 5.64
C ASP A 70 1.26 5.65 4.14
N ILE A 71 1.17 6.62 3.23
CA ILE A 71 1.01 6.36 1.78
C ILE A 71 1.72 7.45 0.96
N ASN A 72 2.37 7.02 -0.12
CA ASN A 72 2.95 7.82 -1.19
C ASN A 72 2.53 7.21 -2.55
N ASN A 73 2.65 7.96 -3.65
CA ASN A 73 2.15 7.58 -4.99
C ASN A 73 2.61 6.16 -5.45
N GLY A 74 1.72 5.17 -5.31
CA GLY A 74 1.96 3.76 -5.60
C GLY A 74 2.97 3.05 -4.67
N VAL A 75 3.36 3.69 -3.56
CA VAL A 75 4.36 3.22 -2.58
C VAL A 75 3.79 3.40 -1.17
N LEU A 76 3.09 2.38 -0.70
CA LEU A 76 2.42 2.36 0.61
C LEU A 76 3.44 2.10 1.73
N SER A 77 3.21 2.63 2.92
CA SER A 77 4.00 2.35 4.13
C SER A 77 3.15 1.50 5.07
N VAL A 78 3.64 0.31 5.42
CA VAL A 78 2.85 -0.71 6.13
C VAL A 78 3.58 -1.27 7.35
N THR A 79 2.84 -1.92 8.24
CA THR A 79 3.36 -2.63 9.42
C THR A 79 2.55 -3.90 9.69
N PRO A 80 3.18 -5.04 10.09
CA PRO A 80 2.47 -6.30 10.31
C PRO A 80 1.57 -6.29 11.55
N HIS A 81 0.31 -5.92 11.33
CA HIS A 81 -0.75 -5.90 12.35
C HIS A 81 -1.09 -7.33 12.84
N GLU A 82 -1.11 -8.30 11.93
CA GLU A 82 -1.50 -9.72 12.14
C GLU A 82 -2.66 -9.94 13.15
N PRO A 83 -3.85 -9.32 12.93
CA PRO A 83 -5.00 -9.47 13.83
C PRO A 83 -5.60 -10.89 13.78
N ILE A 84 -6.34 -11.25 14.85
CA ILE A 84 -6.96 -12.57 15.06
C ILE A 84 -8.42 -12.39 15.53
N GLY A 1 -7.81 20.99 -22.97
CA GLY A 1 -8.53 20.69 -21.74
C GLY A 1 -8.52 19.21 -21.33
N SER A 2 -8.24 18.29 -22.26
CA SER A 2 -8.10 16.85 -22.00
C SER A 2 -7.03 16.55 -20.93
N HIS A 3 -5.90 17.27 -20.98
CA HIS A 3 -4.84 17.23 -19.97
C HIS A 3 -5.33 17.59 -18.55
N MET A 4 -6.25 18.55 -18.43
CA MET A 4 -6.85 18.94 -17.14
C MET A 4 -7.83 17.87 -16.63
N LEU A 5 -8.63 17.27 -17.52
CA LEU A 5 -9.53 16.16 -17.19
C LEU A 5 -8.77 14.88 -16.77
N GLU A 6 -7.62 14.61 -17.39
CA GLU A 6 -6.71 13.55 -16.96
C GLU A 6 -6.06 13.86 -15.60
N SER A 7 -5.63 15.11 -15.37
CA SER A 7 -5.07 15.54 -14.08
C SER A 7 -6.09 15.40 -12.94
N SER A 8 -7.35 15.79 -13.15
CA SER A 8 -8.40 15.63 -12.14
C SER A 8 -8.77 14.15 -11.89
N ALA A 9 -8.75 13.29 -12.92
CA ALA A 9 -8.91 11.85 -12.76
C ALA A 9 -7.75 11.20 -11.98
N GLU A 10 -6.51 11.61 -12.23
CA GLU A 10 -5.33 11.15 -11.48
C GLU A 10 -5.35 11.61 -10.01
N GLU A 11 -5.76 12.84 -9.73
CA GLU A 11 -5.96 13.33 -8.35
C GLU A 11 -7.12 12.62 -7.65
N SER A 12 -8.19 12.26 -8.38
CA SER A 12 -9.29 11.44 -7.84
C SER A 12 -8.82 10.02 -7.50
N LEU A 13 -7.96 9.42 -8.33
CA LEU A 13 -7.34 8.12 -8.04
C LEU A 13 -6.43 8.22 -6.81
N ALA A 14 -5.62 9.28 -6.69
CA ALA A 14 -4.79 9.52 -5.50
C ALA A 14 -5.64 9.64 -4.22
N TYR A 15 -6.83 10.25 -4.30
CA TYR A 15 -7.79 10.31 -3.19
C TYR A 15 -8.39 8.93 -2.86
N ARG A 16 -8.73 8.11 -3.87
CA ARG A 16 -9.15 6.71 -3.68
C ARG A 16 -8.06 5.85 -3.03
N GLU A 17 -6.80 6.05 -3.42
CA GLU A 17 -5.64 5.40 -2.81
C GLU A 17 -5.42 5.87 -1.36
N ASP A 18 -5.57 7.16 -1.06
CA ASP A 18 -5.48 7.70 0.31
C ASP A 18 -6.57 7.16 1.24
N ASP A 19 -7.76 6.80 0.74
CA ASP A 19 -8.77 6.10 1.53
C ASP A 19 -8.28 4.73 2.06
N LEU A 20 -7.38 4.06 1.32
CA LEU A 20 -6.78 2.78 1.72
C LEU A 20 -5.86 2.91 2.96
N ARG A 21 -5.46 4.13 3.35
CA ARG A 21 -4.69 4.41 4.60
C ARG A 21 -5.46 4.04 5.88
N GLY A 22 -6.77 3.78 5.78
CA GLY A 22 -7.63 3.31 6.87
C GLY A 22 -7.94 1.81 6.81
N ARG A 23 -7.14 1.00 6.09
CA ARG A 23 -7.41 -0.42 5.78
C ARG A 23 -6.20 -1.34 6.04
N LEU A 24 -6.51 -2.63 6.14
CA LEU A 24 -5.51 -3.71 6.17
C LEU A 24 -5.20 -4.17 4.73
N GLY A 25 -4.00 -4.72 4.55
CA GLY A 25 -3.50 -5.36 3.34
C GLY A 25 -2.71 -6.63 3.62
N LYS A 26 -2.11 -7.19 2.56
CA LYS A 26 -1.47 -8.50 2.49
C LYS A 26 -0.27 -8.43 1.56
N VAL A 27 0.92 -8.69 2.10
CA VAL A 27 2.20 -8.60 1.38
C VAL A 27 2.38 -9.78 0.41
N ILE A 28 2.69 -9.47 -0.86
CA ILE A 28 2.90 -10.46 -1.95
C ILE A 28 4.34 -10.45 -2.51
N THR A 29 5.17 -9.50 -2.09
CA THR A 29 6.63 -9.47 -2.34
C THR A 29 7.27 -8.90 -1.08
N ALA A 30 8.24 -9.60 -0.50
CA ALA A 30 8.80 -9.32 0.81
C ALA A 30 9.34 -7.88 0.94
N VAL A 31 9.11 -7.27 2.11
CA VAL A 31 9.45 -5.86 2.42
C VAL A 31 10.47 -5.87 3.55
N PRO A 32 11.79 -5.83 3.28
CA PRO A 32 12.81 -5.90 4.31
C PRO A 32 12.89 -4.63 5.17
N VAL A 33 13.66 -4.70 6.25
CA VAL A 33 13.73 -3.69 7.33
C VAL A 33 14.08 -2.26 6.88
N ASP A 34 14.68 -2.10 5.70
CA ASP A 34 15.09 -0.81 5.12
C ASP A 34 14.94 -0.80 3.59
N GLY A 35 13.97 -1.56 3.07
CA GLY A 35 13.79 -1.80 1.62
C GLY A 35 12.32 -1.83 1.16
N PHE A 36 12.09 -2.41 -0.03
CA PHE A 36 10.83 -2.36 -0.76
C PHE A 36 10.35 -3.75 -1.20
N GLY A 37 9.02 -3.92 -1.20
CA GLY A 37 8.30 -5.09 -1.75
C GLY A 37 6.93 -4.67 -2.28
N GLU A 38 5.90 -5.50 -2.12
CA GLU A 38 4.55 -5.28 -2.68
C GLU A 38 3.43 -5.73 -1.75
N VAL A 39 2.28 -5.08 -1.83
CA VAL A 39 1.08 -5.30 -1.02
C VAL A 39 -0.20 -5.16 -1.86
N VAL A 40 -1.28 -5.81 -1.42
CA VAL A 40 -2.67 -5.67 -1.90
C VAL A 40 -3.56 -5.42 -0.69
N ILE A 41 -4.62 -4.63 -0.82
CA ILE A 41 -5.62 -4.48 0.27
C ILE A 41 -6.40 -5.80 0.43
N GLU A 42 -6.89 -6.08 1.65
CA GLU A 42 -7.47 -7.37 2.07
C GLU A 42 -8.60 -7.96 1.21
N GLY A 43 -9.23 -7.18 0.32
CA GLY A 43 -10.16 -7.64 -0.71
C GLY A 43 -9.46 -8.35 -1.89
N ILE A 44 -8.46 -9.19 -1.61
CA ILE A 44 -7.51 -9.83 -2.54
C ILE A 44 -8.11 -10.45 -3.82
N GLY A 45 -9.39 -10.86 -3.78
CA GLY A 45 -10.13 -11.35 -4.96
C GLY A 45 -10.45 -10.28 -6.02
N GLY A 46 -10.31 -8.98 -5.70
CA GLY A 46 -10.60 -7.86 -6.62
C GLY A 46 -9.81 -6.56 -6.40
N THR A 47 -9.00 -6.44 -5.35
CA THR A 47 -8.06 -5.32 -5.12
C THR A 47 -6.88 -5.32 -6.12
N ILE A 48 -6.05 -4.27 -6.04
CA ILE A 48 -4.96 -3.97 -7.00
C ILE A 48 -3.67 -3.78 -6.21
N SER A 49 -2.60 -4.45 -6.64
CA SER A 49 -1.31 -4.43 -5.96
C SER A 49 -0.58 -3.08 -6.11
N LYS A 50 0.26 -2.76 -5.14
CA LYS A 50 1.08 -1.54 -5.04
C LYS A 50 2.45 -1.86 -4.43
N SER A 51 3.44 -1.01 -4.66
CA SER A 51 4.73 -1.08 -3.96
C SER A 51 4.57 -0.76 -2.48
N ALA A 52 5.44 -1.33 -1.63
CA ALA A 52 5.34 -1.20 -0.18
C ALA A 52 6.71 -1.04 0.52
N VAL A 53 6.73 -0.29 1.63
CA VAL A 53 7.88 -0.12 2.55
C VAL A 53 7.47 -0.39 4.00
N SER A 54 8.41 -0.87 4.84
CA SER A 54 8.16 -1.06 6.27
C SER A 54 8.26 0.28 7.01
N PHE A 55 7.17 0.68 7.68
CA PHE A 55 7.15 1.85 8.56
C PHE A 55 7.72 1.56 9.97
N ASP A 56 7.99 0.29 10.29
CA ASP A 56 8.35 -0.20 11.63
C ASP A 56 9.69 -0.97 11.64
N ASN A 57 10.48 -0.81 10.56
CA ASN A 57 11.76 -1.51 10.30
C ASN A 57 11.68 -3.04 10.54
N GLN A 58 10.63 -3.67 10.05
CA GLN A 58 10.42 -5.13 10.11
C GLN A 58 10.73 -5.77 8.75
N GLN A 59 11.09 -7.06 8.76
CA GLN A 59 11.23 -7.87 7.54
C GLN A 59 9.89 -8.56 7.26
N ILE A 60 9.02 -7.89 6.50
CA ILE A 60 7.66 -8.34 6.21
C ILE A 60 7.70 -9.33 5.05
N SER A 61 8.00 -10.59 5.36
CA SER A 61 8.00 -11.71 4.41
C SER A 61 6.61 -11.95 3.78
N TYR A 62 6.58 -12.71 2.69
CA TYR A 62 5.37 -13.07 1.93
C TYR A 62 4.24 -13.64 2.81
N GLY A 63 2.99 -13.26 2.52
CA GLY A 63 1.81 -13.89 3.11
C GLY A 63 1.47 -13.50 4.56
N THR A 64 1.62 -12.22 4.94
CA THR A 64 1.17 -11.71 6.25
C THR A 64 0.30 -10.46 6.13
N THR A 65 -0.54 -10.23 7.14
CA THR A 65 -1.53 -9.13 7.15
C THR A 65 -0.91 -7.89 7.81
N VAL A 66 -1.05 -6.76 7.12
CA VAL A 66 -0.37 -5.49 7.43
C VAL A 66 -1.36 -4.32 7.46
N LEU A 67 -1.15 -3.34 8.32
CA LEU A 67 -1.92 -2.10 8.37
C LEU A 67 -1.18 -1.03 7.55
N VAL A 68 -1.86 -0.41 6.58
CA VAL A 68 -1.27 0.60 5.66
C VAL A 68 -1.23 1.97 6.34
N VAL A 69 -0.26 2.15 7.24
CA VAL A 69 -0.16 3.31 8.15
C VAL A 69 0.03 4.66 7.44
N ASP A 70 0.70 4.69 6.28
CA ASP A 70 0.86 5.88 5.44
C ASP A 70 0.92 5.48 3.95
N ILE A 71 0.74 6.45 3.04
CA ILE A 71 0.66 6.24 1.58
C ILE A 71 1.32 7.40 0.84
N ASN A 72 2.08 7.09 -0.22
CA ASN A 72 2.83 8.04 -1.03
C ASN A 72 2.83 7.63 -2.52
N ASN A 73 1.81 8.08 -3.27
CA ASN A 73 1.69 7.98 -4.73
C ASN A 73 2.12 6.63 -5.35
N GLY A 74 1.54 5.53 -4.86
CA GLY A 74 1.82 4.16 -5.32
C GLY A 74 2.82 3.37 -4.45
N VAL A 75 3.47 4.04 -3.48
CA VAL A 75 4.36 3.45 -2.47
C VAL A 75 3.69 3.55 -1.11
N LEU A 76 3.06 2.45 -0.69
CA LEU A 76 2.39 2.33 0.60
C LEU A 76 3.43 2.11 1.72
N SER A 77 3.16 2.62 2.91
CA SER A 77 3.93 2.37 4.12
C SER A 77 3.09 1.48 5.03
N VAL A 78 3.64 0.33 5.42
CA VAL A 78 2.88 -0.72 6.11
C VAL A 78 3.63 -1.27 7.32
N THR A 79 2.91 -1.92 8.23
CA THR A 79 3.43 -2.57 9.43
C THR A 79 2.60 -3.82 9.74
N PRO A 80 3.19 -4.97 10.14
CA PRO A 80 2.46 -6.21 10.34
C PRO A 80 1.56 -6.18 11.58
N HIS A 81 0.30 -5.81 11.39
CA HIS A 81 -0.74 -5.84 12.41
C HIS A 81 -1.12 -7.29 12.78
N GLU A 82 -1.07 -8.22 11.81
CA GLU A 82 -1.43 -9.65 11.93
C GLU A 82 -2.66 -9.97 12.82
N PRO A 83 -3.83 -9.31 12.62
CA PRO A 83 -5.03 -9.54 13.42
C PRO A 83 -5.64 -10.93 13.18
N ILE A 84 -6.44 -11.40 14.15
CA ILE A 84 -7.13 -12.71 14.14
C ILE A 84 -8.56 -12.55 14.67
N GLY A 1 -6.79 22.30 -22.68
CA GLY A 1 -6.97 22.24 -21.22
C GLY A 1 -7.16 20.82 -20.67
N SER A 2 -7.23 19.80 -21.52
CA SER A 2 -7.43 18.39 -21.13
C SER A 2 -6.40 17.87 -20.12
N HIS A 3 -5.15 18.31 -20.20
CA HIS A 3 -4.09 17.94 -19.25
C HIS A 3 -4.37 18.43 -17.80
N MET A 4 -5.12 19.52 -17.62
CA MET A 4 -5.57 19.97 -16.29
C MET A 4 -6.66 19.03 -15.74
N LEU A 5 -7.59 18.57 -16.58
CA LEU A 5 -8.62 17.59 -16.21
C LEU A 5 -8.00 16.22 -15.87
N GLU A 6 -6.99 15.79 -16.64
CA GLU A 6 -6.20 14.59 -16.33
C GLU A 6 -5.41 14.72 -15.02
N SER A 7 -4.86 15.90 -14.72
CA SER A 7 -4.22 16.18 -13.42
C SER A 7 -5.23 16.09 -12.27
N SER A 8 -6.46 16.60 -12.43
CA SER A 8 -7.52 16.47 -11.43
C SER A 8 -7.96 15.02 -11.22
N ALA A 9 -8.02 14.21 -12.29
CA ALA A 9 -8.30 12.78 -12.20
C ALA A 9 -7.18 12.01 -11.48
N GLU A 10 -5.91 12.33 -11.75
CA GLU A 10 -4.76 11.73 -11.05
C GLU A 10 -4.72 12.12 -9.57
N GLU A 11 -5.01 13.38 -9.22
CA GLU A 11 -5.15 13.84 -7.83
C GLU A 11 -6.33 13.18 -7.10
N SER A 12 -7.45 12.93 -7.81
CA SER A 12 -8.57 12.15 -7.28
C SER A 12 -8.19 10.69 -7.02
N LEU A 13 -7.38 10.07 -7.89
CA LEU A 13 -6.87 8.71 -7.68
C LEU A 13 -5.85 8.65 -6.52
N ALA A 14 -5.00 9.66 -6.37
CA ALA A 14 -4.14 9.80 -5.19
C ALA A 14 -4.96 9.87 -3.89
N TYR A 15 -6.14 10.50 -3.91
CA TYR A 15 -7.03 10.58 -2.76
C TYR A 15 -7.72 9.23 -2.48
N ARG A 16 -8.15 8.52 -3.53
CA ARG A 16 -8.65 7.13 -3.43
C ARG A 16 -7.59 6.16 -2.87
N GLU A 17 -6.33 6.33 -3.26
CA GLU A 17 -5.21 5.59 -2.69
C GLU A 17 -4.94 5.98 -1.22
N ASP A 18 -4.98 7.26 -0.86
CA ASP A 18 -4.85 7.70 0.54
C ASP A 18 -5.98 7.20 1.46
N ASP A 19 -7.18 6.93 0.93
CA ASP A 19 -8.24 6.24 1.68
C ASP A 19 -7.84 4.83 2.14
N LEU A 20 -6.97 4.14 1.39
CA LEU A 20 -6.42 2.83 1.77
C LEU A 20 -5.56 2.90 3.05
N ARG A 21 -5.13 4.09 3.50
CA ARG A 21 -4.47 4.32 4.80
C ARG A 21 -5.34 3.96 6.02
N GLY A 22 -6.64 3.71 5.81
CA GLY A 22 -7.56 3.18 6.82
C GLY A 22 -7.89 1.70 6.65
N ARG A 23 -7.07 0.94 5.90
CA ARG A 23 -7.35 -0.44 5.49
C ARG A 23 -6.17 -1.40 5.74
N LEU A 24 -6.52 -2.69 5.78
CA LEU A 24 -5.63 -3.83 6.02
C LEU A 24 -5.29 -4.51 4.68
N GLY A 25 -4.11 -5.11 4.60
CA GLY A 25 -3.55 -5.73 3.39
C GLY A 25 -2.75 -7.01 3.63
N LYS A 26 -2.12 -7.50 2.56
CA LYS A 26 -1.43 -8.79 2.43
C LYS A 26 -0.19 -8.62 1.57
N VAL A 27 0.99 -8.86 2.16
CA VAL A 27 2.30 -8.75 1.46
C VAL A 27 2.53 -9.92 0.51
N ILE A 28 2.97 -9.60 -0.71
CA ILE A 28 3.14 -10.54 -1.85
C ILE A 28 4.57 -10.55 -2.45
N THR A 29 5.40 -9.57 -2.05
CA THR A 29 6.84 -9.51 -2.29
C THR A 29 7.45 -8.92 -1.01
N ALA A 30 8.43 -9.59 -0.41
CA ALA A 30 8.95 -9.27 0.91
C ALA A 30 9.45 -7.82 1.03
N VAL A 31 9.20 -7.21 2.20
CA VAL A 31 9.48 -5.78 2.48
C VAL A 31 10.48 -5.72 3.64
N PRO A 32 11.79 -5.65 3.38
CA PRO A 32 12.81 -5.67 4.44
C PRO A 32 12.82 -4.39 5.28
N VAL A 33 13.59 -4.41 6.37
CA VAL A 33 13.60 -3.38 7.43
C VAL A 33 13.92 -1.95 6.95
N ASP A 34 14.53 -1.80 5.78
CA ASP A 34 14.93 -0.50 5.20
C ASP A 34 14.81 -0.54 3.65
N GLY A 35 13.87 -1.34 3.13
CA GLY A 35 13.71 -1.61 1.69
C GLY A 35 12.26 -1.69 1.20
N PHE A 36 12.07 -2.28 0.02
CA PHE A 36 10.81 -2.28 -0.73
C PHE A 36 10.36 -3.69 -1.14
N GLY A 37 9.06 -3.90 -1.15
CA GLY A 37 8.36 -5.08 -1.69
C GLY A 37 6.97 -4.69 -2.22
N GLU A 38 5.97 -5.55 -2.06
CA GLU A 38 4.61 -5.34 -2.61
C GLU A 38 3.51 -5.87 -1.69
N VAL A 39 2.31 -5.29 -1.83
CA VAL A 39 1.12 -5.54 -1.01
C VAL A 39 -0.17 -5.43 -1.84
N VAL A 40 -1.25 -6.06 -1.35
CA VAL A 40 -2.64 -5.92 -1.85
C VAL A 40 -3.54 -5.61 -0.65
N ILE A 41 -4.58 -4.80 -0.80
CA ILE A 41 -5.61 -4.63 0.25
C ILE A 41 -6.48 -5.90 0.33
N GLU A 42 -6.97 -6.23 1.52
CA GLU A 42 -7.64 -7.51 1.87
C GLU A 42 -8.87 -7.89 1.02
N GLY A 43 -9.46 -6.96 0.27
CA GLY A 43 -10.51 -7.21 -0.74
C GLY A 43 -9.99 -7.84 -2.03
N ILE A 44 -9.04 -8.78 -1.95
CA ILE A 44 -8.25 -9.36 -3.05
C ILE A 44 -9.03 -9.81 -4.30
N GLY A 45 -10.31 -10.15 -4.16
CA GLY A 45 -11.23 -10.43 -5.27
C GLY A 45 -11.50 -9.23 -6.22
N GLY A 46 -11.19 -8.00 -5.81
CA GLY A 46 -11.40 -6.78 -6.61
C GLY A 46 -10.42 -5.61 -6.36
N THR A 47 -9.61 -5.64 -5.30
CA THR A 47 -8.52 -4.66 -5.04
C THR A 47 -7.33 -4.83 -5.99
N ILE A 48 -6.35 -3.93 -5.92
CA ILE A 48 -5.20 -3.80 -6.85
C ILE A 48 -3.88 -3.76 -6.05
N SER A 49 -2.88 -4.50 -6.52
CA SER A 49 -1.53 -4.56 -5.92
C SER A 49 -0.78 -3.23 -6.03
N LYS A 50 0.10 -2.95 -5.05
CA LYS A 50 0.93 -1.74 -4.96
C LYS A 50 2.32 -2.07 -4.39
N SER A 51 3.32 -1.23 -4.65
CA SER A 51 4.62 -1.32 -3.97
C SER A 51 4.49 -0.89 -2.52
N ALA A 52 5.37 -1.40 -1.66
CA ALA A 52 5.29 -1.19 -0.21
C ALA A 52 6.67 -1.03 0.47
N VAL A 53 6.71 -0.28 1.58
CA VAL A 53 7.87 -0.11 2.48
C VAL A 53 7.48 -0.36 3.94
N SER A 54 8.45 -0.77 4.77
CA SER A 54 8.22 -1.13 6.17
C SER A 54 8.29 0.10 7.09
N PHE A 55 7.13 0.58 7.53
CA PHE A 55 7.00 1.77 8.38
C PHE A 55 7.63 1.61 9.78
N ASP A 56 7.70 0.37 10.28
CA ASP A 56 8.13 0.03 11.64
C ASP A 56 9.52 -0.64 11.67
N ASN A 57 10.29 -0.52 10.58
CA ASN A 57 11.60 -1.16 10.37
C ASN A 57 11.61 -2.68 10.67
N GLN A 58 10.61 -3.40 10.16
CA GLN A 58 10.45 -4.85 10.29
C GLN A 58 10.67 -5.55 8.94
N GLN A 59 11.13 -6.81 8.95
CA GLN A 59 11.25 -7.62 7.74
C GLN A 59 9.91 -8.32 7.47
N ILE A 60 9.07 -7.71 6.61
CA ILE A 60 7.72 -8.18 6.30
C ILE A 60 7.81 -9.21 5.17
N SER A 61 8.14 -10.45 5.53
CA SER A 61 8.21 -11.58 4.59
C SER A 61 6.86 -11.88 3.91
N TYR A 62 6.91 -12.66 2.83
CA TYR A 62 5.74 -13.07 2.04
C TYR A 62 4.59 -13.67 2.87
N GLY A 63 3.35 -13.33 2.51
CA GLY A 63 2.14 -13.98 3.04
C GLY A 63 1.77 -13.60 4.48
N THR A 64 1.87 -12.33 4.87
CA THR A 64 1.43 -11.85 6.19
C THR A 64 0.47 -10.67 6.11
N THR A 65 -0.31 -10.47 7.18
CA THR A 65 -1.37 -9.45 7.28
C THR A 65 -0.80 -8.15 7.85
N VAL A 66 -1.03 -7.05 7.14
CA VAL A 66 -0.41 -5.74 7.39
C VAL A 66 -1.43 -4.61 7.43
N LEU A 67 -1.21 -3.60 8.27
CA LEU A 67 -2.00 -2.36 8.25
C LEU A 67 -1.22 -1.31 7.46
N VAL A 68 -1.85 -0.67 6.47
CA VAL A 68 -1.26 0.50 5.80
C VAL A 68 -1.36 1.69 6.77
N VAL A 69 -0.22 2.34 7.05
CA VAL A 69 -0.10 3.36 8.11
C VAL A 69 0.35 4.74 7.59
N ASP A 70 0.97 4.79 6.40
CA ASP A 70 1.26 6.02 5.65
C ASP A 70 1.25 5.67 4.16
N ILE A 71 1.16 6.65 3.25
CA ILE A 71 1.01 6.40 1.80
C ILE A 71 1.71 7.49 0.99
N ASN A 72 2.35 7.06 -0.10
CA ASN A 72 2.92 7.88 -1.17
C ASN A 72 2.52 7.26 -2.52
N ASN A 73 2.62 8.01 -3.63
CA ASN A 73 2.13 7.64 -4.97
C ASN A 73 2.57 6.24 -5.43
N GLY A 74 1.69 5.25 -5.30
CA GLY A 74 1.93 3.82 -5.61
C GLY A 74 2.94 3.11 -4.69
N VAL A 75 3.35 3.73 -3.58
CA VAL A 75 4.35 3.26 -2.62
C VAL A 75 3.79 3.45 -1.20
N LEU A 76 3.04 2.45 -0.75
CA LEU A 76 2.38 2.42 0.56
C LEU A 76 3.43 2.15 1.67
N SER A 77 3.20 2.68 2.87
CA SER A 77 3.99 2.38 4.07
C SER A 77 3.15 1.53 5.01
N VAL A 78 3.63 0.31 5.31
CA VAL A 78 2.85 -0.72 6.02
C VAL A 78 3.61 -1.29 7.21
N THR A 79 2.88 -1.94 8.12
CA THR A 79 3.43 -2.64 9.29
C THR A 79 2.62 -3.92 9.57
N PRO A 80 3.24 -5.04 10.00
CA PRO A 80 2.54 -6.30 10.24
C PRO A 80 1.66 -6.25 11.50
N HIS A 81 0.39 -5.89 11.30
CA HIS A 81 -0.67 -5.97 12.31
C HIS A 81 -0.87 -7.41 12.80
N GLU A 82 -0.75 -8.39 11.90
CA GLU A 82 -0.87 -9.85 12.14
C GLU A 82 -1.97 -10.26 13.15
N PRO A 83 -3.24 -9.83 12.98
CA PRO A 83 -4.34 -10.15 13.91
C PRO A 83 -4.71 -11.63 13.89
N ILE A 84 -5.33 -12.11 14.98
CA ILE A 84 -5.75 -13.50 15.20
C ILE A 84 -7.14 -13.52 15.86
N GLY A 1 -3.27 23.07 -21.65
CA GLY A 1 -3.62 22.96 -20.24
C GLY A 1 -3.79 21.52 -19.74
N SER A 2 -3.68 20.52 -20.62
CA SER A 2 -3.90 19.09 -20.32
C SER A 2 -3.04 18.53 -19.18
N HIS A 3 -1.84 19.08 -18.96
CA HIS A 3 -0.96 18.72 -17.85
C HIS A 3 -1.61 18.96 -16.46
N MET A 4 -2.45 20.01 -16.33
CA MET A 4 -3.21 20.29 -15.11
C MET A 4 -4.37 19.31 -14.92
N LEU A 5 -5.00 18.85 -16.01
CA LEU A 5 -6.05 17.83 -15.96
C LEU A 5 -5.48 16.45 -15.57
N GLU A 6 -4.31 16.08 -16.11
CA GLU A 6 -3.58 14.88 -15.69
C GLU A 6 -3.11 14.97 -14.23
N SER A 7 -2.61 16.13 -13.79
CA SER A 7 -2.27 16.37 -12.38
C SER A 7 -3.49 16.23 -11.46
N SER A 8 -4.66 16.75 -11.88
CA SER A 8 -5.92 16.61 -11.14
C SER A 8 -6.39 15.15 -11.06
N ALA A 9 -6.22 14.36 -12.12
CA ALA A 9 -6.51 12.92 -12.12
C ALA A 9 -5.56 12.13 -11.19
N GLU A 10 -4.25 12.45 -11.19
CA GLU A 10 -3.27 11.85 -10.27
C GLU A 10 -3.53 12.22 -8.79
N GLU A 11 -3.91 13.47 -8.51
CA GLU A 11 -4.34 13.90 -7.18
C GLU A 11 -5.66 13.24 -6.73
N SER A 12 -6.59 13.01 -7.65
CA SER A 12 -7.81 12.25 -7.38
C SER A 12 -7.50 10.78 -7.06
N LEU A 13 -6.54 10.16 -7.76
CA LEU A 13 -6.06 8.82 -7.45
C LEU A 13 -5.37 8.78 -6.08
N ALA A 14 -4.54 9.77 -5.75
CA ALA A 14 -3.94 9.89 -4.42
C ALA A 14 -4.99 9.99 -3.30
N TYR A 15 -6.11 10.68 -3.54
CA TYR A 15 -7.26 10.73 -2.62
C TYR A 15 -7.97 9.38 -2.48
N ARG A 16 -8.14 8.62 -3.57
CA ARG A 16 -8.65 7.23 -3.54
C ARG A 16 -7.70 6.28 -2.80
N GLU A 17 -6.40 6.43 -2.99
CA GLU A 17 -5.38 5.70 -2.22
C GLU A 17 -5.43 6.05 -0.73
N ASP A 18 -5.69 7.30 -0.35
CA ASP A 18 -5.78 7.72 1.06
C ASP A 18 -6.91 7.02 1.83
N ASP A 19 -7.98 6.57 1.15
CA ASP A 19 -9.00 5.70 1.77
C ASP A 19 -8.44 4.34 2.22
N LEU A 20 -7.43 3.82 1.51
CA LEU A 20 -6.75 2.55 1.81
C LEU A 20 -5.86 2.64 3.06
N ARG A 21 -5.48 3.85 3.50
CA ARG A 21 -4.78 4.12 4.77
C ARG A 21 -5.65 3.81 6.01
N GLY A 22 -6.94 3.50 5.81
CA GLY A 22 -7.85 3.00 6.84
C GLY A 22 -8.15 1.49 6.71
N ARG A 23 -7.31 0.73 5.97
CA ARG A 23 -7.54 -0.68 5.62
C ARG A 23 -6.31 -1.56 5.85
N LEU A 24 -6.56 -2.86 5.97
CA LEU A 24 -5.53 -3.91 6.00
C LEU A 24 -5.16 -4.34 4.57
N GLY A 25 -3.97 -4.92 4.44
CA GLY A 25 -3.42 -5.52 3.23
C GLY A 25 -2.64 -6.81 3.53
N LYS A 26 -2.01 -7.35 2.48
CA LYS A 26 -1.37 -8.66 2.41
C LYS A 26 -0.10 -8.58 1.56
N VAL A 27 1.06 -8.81 2.18
CA VAL A 27 2.37 -8.74 1.51
C VAL A 27 2.59 -9.93 0.56
N ILE A 28 3.05 -9.63 -0.65
CA ILE A 28 3.20 -10.59 -1.77
C ILE A 28 4.63 -10.63 -2.35
N THR A 29 5.45 -9.64 -1.98
CA THR A 29 6.91 -9.59 -2.23
C THR A 29 7.52 -8.98 -0.97
N ALA A 30 8.52 -9.65 -0.37
CA ALA A 30 9.04 -9.30 0.94
C ALA A 30 9.54 -7.86 1.03
N VAL A 31 9.29 -7.22 2.18
CA VAL A 31 9.55 -5.80 2.45
C VAL A 31 10.56 -5.73 3.60
N PRO A 32 11.87 -5.62 3.32
CA PRO A 32 12.89 -5.63 4.37
C PRO A 32 12.90 -4.33 5.18
N VAL A 33 13.67 -4.35 6.28
CA VAL A 33 13.69 -3.31 7.33
C VAL A 33 13.96 -1.88 6.85
N ASP A 34 14.65 -1.72 5.71
CA ASP A 34 15.00 -0.43 5.11
C ASP A 34 14.91 -0.50 3.56
N GLY A 35 13.99 -1.31 3.04
CA GLY A 35 13.84 -1.59 1.60
C GLY A 35 12.38 -1.70 1.13
N PHE A 36 12.18 -2.32 -0.04
CA PHE A 36 10.91 -2.34 -0.78
C PHE A 36 10.49 -3.76 -1.18
N GLY A 37 9.17 -3.98 -1.18
CA GLY A 37 8.48 -5.15 -1.71
C GLY A 37 7.10 -4.76 -2.24
N GLU A 38 6.09 -5.62 -2.09
CA GLU A 38 4.74 -5.41 -2.63
C GLU A 38 3.63 -5.92 -1.71
N VAL A 39 2.44 -5.34 -1.86
CA VAL A 39 1.24 -5.58 -1.03
C VAL A 39 -0.04 -5.47 -1.88
N VAL A 40 -1.13 -6.08 -1.41
CA VAL A 40 -2.51 -5.93 -1.93
C VAL A 40 -3.43 -5.59 -0.76
N ILE A 41 -4.46 -4.77 -0.95
CA ILE A 41 -5.49 -4.54 0.09
C ILE A 41 -6.38 -5.80 0.23
N GLU A 42 -6.88 -6.06 1.44
CA GLU A 42 -7.56 -7.31 1.83
C GLU A 42 -8.82 -7.69 1.01
N GLY A 43 -9.39 -6.78 0.23
CA GLY A 43 -10.46 -7.05 -0.76
C GLY A 43 -9.97 -7.79 -2.02
N ILE A 44 -9.09 -8.78 -1.86
CA ILE A 44 -8.33 -9.49 -2.91
C ILE A 44 -9.13 -10.00 -4.13
N GLY A 45 -10.45 -10.20 -4.00
CA GLY A 45 -11.36 -10.49 -5.12
C GLY A 45 -11.52 -9.34 -6.14
N GLY A 46 -11.14 -8.10 -5.80
CA GLY A 46 -11.25 -6.93 -6.68
C GLY A 46 -10.24 -5.78 -6.46
N THR A 47 -9.44 -5.81 -5.39
CA THR A 47 -8.33 -4.84 -5.15
C THR A 47 -7.15 -5.04 -6.10
N ILE A 48 -6.17 -4.12 -6.04
CA ILE A 48 -5.03 -4.03 -6.97
C ILE A 48 -3.71 -3.95 -6.17
N SER A 49 -2.68 -4.67 -6.62
CA SER A 49 -1.34 -4.71 -6.01
C SER A 49 -0.61 -3.37 -6.12
N LYS A 50 0.25 -3.08 -5.13
CA LYS A 50 1.05 -1.85 -5.01
C LYS A 50 2.45 -2.15 -4.44
N SER A 51 3.40 -1.24 -4.66
CA SER A 51 4.72 -1.28 -3.99
C SER A 51 4.57 -0.93 -2.51
N ALA A 52 5.47 -1.46 -1.67
CA ALA A 52 5.40 -1.29 -0.21
C ALA A 52 6.78 -1.12 0.46
N VAL A 53 6.82 -0.35 1.55
CA VAL A 53 7.96 -0.18 2.47
C VAL A 53 7.55 -0.39 3.94
N SER A 54 8.49 -0.77 4.81
CA SER A 54 8.22 -0.91 6.25
C SER A 54 8.19 0.45 6.94
N PHE A 55 7.04 0.80 7.54
CA PHE A 55 6.90 1.97 8.42
C PHE A 55 7.49 1.72 9.83
N ASP A 56 7.75 0.47 10.20
CA ASP A 56 8.10 0.04 11.56
C ASP A 56 9.48 -0.68 11.62
N ASN A 57 10.29 -0.55 10.56
CA ASN A 57 11.64 -1.11 10.43
C ASN A 57 11.68 -2.64 10.65
N GLN A 58 10.69 -3.35 10.08
CA GLN A 58 10.51 -4.81 10.16
C GLN A 58 10.80 -5.48 8.80
N GLN A 59 11.12 -6.78 8.83
CA GLN A 59 11.36 -7.60 7.63
C GLN A 59 10.08 -8.40 7.31
N ILE A 60 9.16 -7.77 6.58
CA ILE A 60 7.80 -8.27 6.33
C ILE A 60 7.84 -9.29 5.19
N SER A 61 7.85 -10.59 5.54
CA SER A 61 7.87 -11.69 4.57
C SER A 61 6.53 -11.85 3.81
N TYR A 62 6.54 -12.69 2.78
CA TYR A 62 5.35 -13.11 2.02
C TYR A 62 4.25 -13.68 2.92
N GLY A 63 2.98 -13.40 2.59
CA GLY A 63 1.81 -14.04 3.19
C GLY A 63 1.46 -13.60 4.61
N THR A 64 1.69 -12.33 4.98
CA THR A 64 1.26 -11.78 6.29
C THR A 64 0.36 -10.55 6.14
N THR A 65 -0.47 -10.31 7.15
CA THR A 65 -1.48 -9.25 7.15
C THR A 65 -0.90 -7.98 7.78
N VAL A 66 -1.02 -6.87 7.06
CA VAL A 66 -0.36 -5.60 7.36
C VAL A 66 -1.38 -4.46 7.36
N LEU A 67 -1.19 -3.46 8.23
CA LEU A 67 -1.96 -2.21 8.20
C LEU A 67 -1.19 -1.19 7.36
N VAL A 68 -1.86 -0.59 6.36
CA VAL A 68 -1.29 0.56 5.64
C VAL A 68 -1.41 1.79 6.54
N VAL A 69 -0.27 2.41 6.87
CA VAL A 69 -0.16 3.47 7.88
C VAL A 69 0.27 4.82 7.30
N ASP A 70 0.89 4.84 6.12
CA ASP A 70 1.18 6.04 5.32
C ASP A 70 1.23 5.64 3.83
N ILE A 71 1.16 6.58 2.89
CA ILE A 71 1.11 6.29 1.45
C ILE A 71 1.82 7.41 0.65
N ASN A 72 2.58 7.01 -0.38
CA ASN A 72 3.32 7.88 -1.28
C ASN A 72 3.05 7.50 -2.75
N ASN A 73 1.89 7.91 -3.27
CA ASN A 73 1.47 7.87 -4.69
C ASN A 73 1.55 6.49 -5.40
N GLY A 74 1.57 5.39 -4.66
CA GLY A 74 1.74 4.02 -5.17
C GLY A 74 2.76 3.20 -4.38
N VAL A 75 3.62 3.86 -3.59
CA VAL A 75 4.52 3.26 -2.60
C VAL A 75 3.88 3.39 -1.22
N LEU A 76 3.22 2.34 -0.76
CA LEU A 76 2.54 2.30 0.54
C LEU A 76 3.58 2.09 1.66
N SER A 77 3.31 2.65 2.83
CA SER A 77 4.09 2.41 4.05
C SER A 77 3.22 1.58 4.99
N VAL A 78 3.70 0.38 5.33
CA VAL A 78 2.89 -0.63 6.03
C VAL A 78 3.61 -1.20 7.26
N THR A 79 2.85 -1.83 8.15
CA THR A 79 3.36 -2.51 9.36
C THR A 79 2.55 -3.79 9.63
N PRO A 80 3.17 -4.91 10.08
CA PRO A 80 2.46 -6.16 10.31
C PRO A 80 1.54 -6.11 11.54
N HIS A 81 0.28 -5.74 11.31
CA HIS A 81 -0.78 -5.75 12.32
C HIS A 81 -1.12 -7.19 12.76
N GLU A 82 -1.05 -8.15 11.83
CA GLU A 82 -1.38 -9.58 12.02
C GLU A 82 -2.63 -9.85 12.91
N PRO A 83 -3.80 -9.26 12.61
CA PRO A 83 -5.03 -9.47 13.39
C PRO A 83 -5.57 -10.90 13.25
N ILE A 84 -6.35 -11.35 14.25
CA ILE A 84 -6.93 -12.69 14.37
C ILE A 84 -8.41 -12.60 14.77
#